data_1PKP
# 
_entry.id   1PKP 
# 
_audit_conform.dict_name       mmcif_pdbx.dic 
_audit_conform.dict_version    5.386 
_audit_conform.dict_location   http://mmcif.pdb.org/dictionaries/ascii/mmcif_pdbx.dic 
# 
loop_
_database_2.database_id 
_database_2.database_code 
_database_2.pdbx_database_accession 
_database_2.pdbx_DOI 
PDB   1PKP         pdb_00001pkp 10.2210/pdb1pkp/pdb 
WWPDB D_1000175713 ?            ?                   
# 
loop_
_pdbx_audit_revision_history.ordinal 
_pdbx_audit_revision_history.data_content_type 
_pdbx_audit_revision_history.major_revision 
_pdbx_audit_revision_history.minor_revision 
_pdbx_audit_revision_history.revision_date 
1 'Structure model' 1 0 1994-01-31 
2 'Structure model' 1 1 2008-03-03 
3 'Structure model' 1 2 2011-07-13 
4 'Structure model' 1 3 2017-11-29 
5 'Structure model' 1 4 2024-02-14 
# 
_pdbx_audit_revision_details.ordinal             1 
_pdbx_audit_revision_details.revision_ordinal    1 
_pdbx_audit_revision_details.data_content_type   'Structure model' 
_pdbx_audit_revision_details.provider            repository 
_pdbx_audit_revision_details.type                'Initial release' 
_pdbx_audit_revision_details.description         ? 
_pdbx_audit_revision_details.details             ? 
# 
loop_
_pdbx_audit_revision_group.ordinal 
_pdbx_audit_revision_group.revision_ordinal 
_pdbx_audit_revision_group.data_content_type 
_pdbx_audit_revision_group.group 
1 2 'Structure model' 'Version format compliance' 
2 3 'Structure model' 'Version format compliance' 
3 4 'Structure model' 'Derived calculations'      
4 4 'Structure model' Other                       
5 5 'Structure model' 'Data collection'           
6 5 'Structure model' 'Database references'       
# 
loop_
_pdbx_audit_revision_category.ordinal 
_pdbx_audit_revision_category.revision_ordinal 
_pdbx_audit_revision_category.data_content_type 
_pdbx_audit_revision_category.category 
1 4 'Structure model' pdbx_database_status 
2 4 'Structure model' struct_conf          
3 4 'Structure model' struct_conf_type     
4 5 'Structure model' chem_comp_atom       
5 5 'Structure model' chem_comp_bond       
6 5 'Structure model' database_2           
# 
loop_
_pdbx_audit_revision_item.ordinal 
_pdbx_audit_revision_item.revision_ordinal 
_pdbx_audit_revision_item.data_content_type 
_pdbx_audit_revision_item.item 
1 4 'Structure model' '_pdbx_database_status.process_site'  
2 5 'Structure model' '_database_2.pdbx_DOI'                
3 5 'Structure model' '_database_2.pdbx_database_accession' 
# 
_pdbx_database_status.status_code                     REL 
_pdbx_database_status.entry_id                        1PKP 
_pdbx_database_status.recvd_initial_deposition_date   1993-08-30 
_pdbx_database_status.deposit_site                    ? 
_pdbx_database_status.process_site                    BNL 
_pdbx_database_status.SG_entry                        . 
_pdbx_database_status.pdb_format_compatible           Y 
_pdbx_database_status.status_code_mr                  ? 
_pdbx_database_status.status_code_sf                  ? 
_pdbx_database_status.status_code_cs                  ? 
_pdbx_database_status.methods_development_category    ? 
_pdbx_database_status.status_code_nmr_data            ? 
# 
loop_
_audit_author.name 
_audit_author.pdbx_ordinal 
'Ramakrishnan, V.' 1 
'White, S.W.'      2 
# 
loop_
_citation.id 
_citation.title 
_citation.journal_abbrev 
_citation.journal_volume 
_citation.page_first 
_citation.page_last 
_citation.year 
_citation.journal_id_ASTM 
_citation.country 
_citation.journal_id_ISSN 
_citation.journal_id_CSD 
_citation.book_publisher 
_citation.pdbx_database_id_PubMed 
_citation.pdbx_database_id_DOI 
primary 'The structure of ribosomal protein S5 reveals sites of interaction with 16S rRNA.'                               Nature 
358 768   771 1992 NATUAS UK 0028-0836 0006 ? 1508272 10.1038/358768a0 
1       'Model for the Three-Dimensional Folding of 16S Ribosomal RNA'                                                    
J.Mol.Biol.    204 447   ?   1988 JMOBAK UK 0022-2836 0070 ? ?       ?                
2       'Proteins of the Bacillus Stearothermophilus Ribosome: A 5A Structure Analysis of Protein S5'                     
'FEBS Lett.'   163 73    ?   1983 FEBLAL NE 0014-5793 0165 ? ?       ?                
3       'Proteins of the Bacillus Stearothermophilus Ribosome. Crystallization of Proteins L30 and S5'                    
J.Biol.Chem.   258 13328 ?   1983 JBCHA3 US 0021-9258 0071 ? ?       ?                
4       'Effect of Different Mutations in Ribosomal Protein S5 of Escherichia Coli on Translational Fidelity'             
Mol.Gen.Genet. 140 91    ?   1975 MGGEAE GW 0026-8925 813  ? ?       ?                
5       'Genetic Position and Amino Acid Replacements of Several Mutations in Ribosomal Protein S5 from Escherichia Coli' 
Mol.Gen.Genet. 143 43    ?   1975 MGGEAE GW 0026-8925 813  ? ?       ?                
# 
loop_
_citation_author.citation_id 
_citation_author.name 
_citation_author.ordinal 
_citation_author.identifier_ORCID 
primary 'Ramakrishnan, V.' 1  ? 
primary 'White, S.W.'      2  ? 
1       'Stern, S.'        3  ? 
1       'Weiser, B.'       4  ? 
1       'Noller, H.F.'     5  ? 
2       'White, S.W.'      6  ? 
2       'Appelt, K.'       7  ? 
2       'Dijk, J.'         8  ? 
2       'Wilson, K.S.'     9  ? 
3       'Appelt, K.'       10 ? 
3       'White, S.W.'      11 ? 
3       'Wilson, K.S.'     12 ? 
4       'Piepersberg, W.'  13 ? 
4       'Bock, A.'         14 ? 
4       'Wittmann, H.-G.'  15 ? 
5       'Piepersberg, W.'  16 ? 
5       'Bock, A.'         17 ? 
5       'Yaguchi, M.'      18 ? 
5       'Wittmann, H.-G.'  19 ? 
# 
_entity.id                         1 
_entity.type                       polymer 
_entity.src_method                 man 
_entity.pdbx_description           'RIBOSOMAL PROTEIN S5' 
_entity.formula_weight             15914.577 
_entity.pdbx_number_of_molecules   1 
_entity.pdbx_ec                    ? 
_entity.pdbx_mutation              ? 
_entity.pdbx_fragment              ? 
_entity.details                    ? 
# 
_entity_poly.entity_id                      1 
_entity_poly.type                           'polypeptide(L)' 
_entity_poly.nstd_linkage                   no 
_entity_poly.nstd_monomer                   no 
_entity_poly.pdbx_seq_one_letter_code       
;MRRINPNKLELEERVVAVNRVAKVVKGGRRLRFSALVVVGDKNGHVGFGTGKAQEVPEAIRKAIEDAKKNLIEVPIVGTT
IPHEVIGHFGAGEIILKPASEGTGVIAGGPARAVLELAGISDILSKSIGSNTPINMVRATFDGLKQLKRA
;
_entity_poly.pdbx_seq_one_letter_code_can   
;MRRINPNKLELEERVVAVNRVAKVVKGGRRLRFSALVVVGDKNGHVGFGTGKAQEVPEAIRKAIEDAKKNLIEVPIVGTT
IPHEVIGHFGAGEIILKPASEGTGVIAGGPARAVLELAGISDILSKSIGSNTPINMVRATFDGLKQLKRA
;
_entity_poly.pdbx_strand_id                 A 
_entity_poly.pdbx_target_identifier         ? 
# 
loop_
_entity_poly_seq.entity_id 
_entity_poly_seq.num 
_entity_poly_seq.mon_id 
_entity_poly_seq.hetero 
1 1   MET n 
1 2   ARG n 
1 3   ARG n 
1 4   ILE n 
1 5   ASN n 
1 6   PRO n 
1 7   ASN n 
1 8   LYS n 
1 9   LEU n 
1 10  GLU n 
1 11  LEU n 
1 12  GLU n 
1 13  GLU n 
1 14  ARG n 
1 15  VAL n 
1 16  VAL n 
1 17  ALA n 
1 18  VAL n 
1 19  ASN n 
1 20  ARG n 
1 21  VAL n 
1 22  ALA n 
1 23  LYS n 
1 24  VAL n 
1 25  VAL n 
1 26  LYS n 
1 27  GLY n 
1 28  GLY n 
1 29  ARG n 
1 30  ARG n 
1 31  LEU n 
1 32  ARG n 
1 33  PHE n 
1 34  SER n 
1 35  ALA n 
1 36  LEU n 
1 37  VAL n 
1 38  VAL n 
1 39  VAL n 
1 40  GLY n 
1 41  ASP n 
1 42  LYS n 
1 43  ASN n 
1 44  GLY n 
1 45  HIS n 
1 46  VAL n 
1 47  GLY n 
1 48  PHE n 
1 49  GLY n 
1 50  THR n 
1 51  GLY n 
1 52  LYS n 
1 53  ALA n 
1 54  GLN n 
1 55  GLU n 
1 56  VAL n 
1 57  PRO n 
1 58  GLU n 
1 59  ALA n 
1 60  ILE n 
1 61  ARG n 
1 62  LYS n 
1 63  ALA n 
1 64  ILE n 
1 65  GLU n 
1 66  ASP n 
1 67  ALA n 
1 68  LYS n 
1 69  LYS n 
1 70  ASN n 
1 71  LEU n 
1 72  ILE n 
1 73  GLU n 
1 74  VAL n 
1 75  PRO n 
1 76  ILE n 
1 77  VAL n 
1 78  GLY n 
1 79  THR n 
1 80  THR n 
1 81  ILE n 
1 82  PRO n 
1 83  HIS n 
1 84  GLU n 
1 85  VAL n 
1 86  ILE n 
1 87  GLY n 
1 88  HIS n 
1 89  PHE n 
1 90  GLY n 
1 91  ALA n 
1 92  GLY n 
1 93  GLU n 
1 94  ILE n 
1 95  ILE n 
1 96  LEU n 
1 97  LYS n 
1 98  PRO n 
1 99  ALA n 
1 100 SER n 
1 101 GLU n 
1 102 GLY n 
1 103 THR n 
1 104 GLY n 
1 105 VAL n 
1 106 ILE n 
1 107 ALA n 
1 108 GLY n 
1 109 GLY n 
1 110 PRO n 
1 111 ALA n 
1 112 ARG n 
1 113 ALA n 
1 114 VAL n 
1 115 LEU n 
1 116 GLU n 
1 117 LEU n 
1 118 ALA n 
1 119 GLY n 
1 120 ILE n 
1 121 SER n 
1 122 ASP n 
1 123 ILE n 
1 124 LEU n 
1 125 SER n 
1 126 LYS n 
1 127 SER n 
1 128 ILE n 
1 129 GLY n 
1 130 SER n 
1 131 ASN n 
1 132 THR n 
1 133 PRO n 
1 134 ILE n 
1 135 ASN n 
1 136 MET n 
1 137 VAL n 
1 138 ARG n 
1 139 ALA n 
1 140 THR n 
1 141 PHE n 
1 142 ASP n 
1 143 GLY n 
1 144 LEU n 
1 145 LYS n 
1 146 GLN n 
1 147 LEU n 
1 148 LYS n 
1 149 ARG n 
1 150 ALA n 
# 
_entity_src_gen.entity_id                          1 
_entity_src_gen.pdbx_src_id                        1 
_entity_src_gen.pdbx_alt_source_flag               sample 
_entity_src_gen.pdbx_seq_type                      ? 
_entity_src_gen.pdbx_beg_seq_num                   ? 
_entity_src_gen.pdbx_end_seq_num                   ? 
_entity_src_gen.gene_src_common_name               ? 
_entity_src_gen.gene_src_genus                     Geobacillus 
_entity_src_gen.pdbx_gene_src_gene                 'BACILLUS STEAROTHERMOPHILUS' 
_entity_src_gen.gene_src_species                   ? 
_entity_src_gen.gene_src_strain                    ? 
_entity_src_gen.gene_src_tissue                    ? 
_entity_src_gen.gene_src_tissue_fraction           ? 
_entity_src_gen.gene_src_details                   ? 
_entity_src_gen.pdbx_gene_src_fragment             ? 
_entity_src_gen.pdbx_gene_src_scientific_name      'Geobacillus stearothermophilus' 
_entity_src_gen.pdbx_gene_src_ncbi_taxonomy_id     1422 
_entity_src_gen.pdbx_gene_src_variant              ? 
_entity_src_gen.pdbx_gene_src_cell_line            ? 
_entity_src_gen.pdbx_gene_src_atcc                 ? 
_entity_src_gen.pdbx_gene_src_organ                ? 
_entity_src_gen.pdbx_gene_src_organelle            ? 
_entity_src_gen.pdbx_gene_src_cell                 ? 
_entity_src_gen.pdbx_gene_src_cellular_location    ? 
_entity_src_gen.host_org_common_name               ? 
_entity_src_gen.pdbx_host_org_scientific_name      ? 
_entity_src_gen.pdbx_host_org_ncbi_taxonomy_id     ? 
_entity_src_gen.host_org_genus                     ? 
_entity_src_gen.pdbx_host_org_gene                 'BACILLUS STEAROTHERMOPHILUS' 
_entity_src_gen.pdbx_host_org_organ                ? 
_entity_src_gen.host_org_species                   ? 
_entity_src_gen.pdbx_host_org_tissue               ? 
_entity_src_gen.pdbx_host_org_tissue_fraction      ? 
_entity_src_gen.pdbx_host_org_strain               ? 
_entity_src_gen.pdbx_host_org_variant              ? 
_entity_src_gen.pdbx_host_org_cell_line            ? 
_entity_src_gen.pdbx_host_org_atcc                 ? 
_entity_src_gen.pdbx_host_org_culture_collection   ? 
_entity_src_gen.pdbx_host_org_cell                 ? 
_entity_src_gen.pdbx_host_org_organelle            ? 
_entity_src_gen.pdbx_host_org_cellular_location    ? 
_entity_src_gen.pdbx_host_org_vector_type          ? 
_entity_src_gen.pdbx_host_org_vector               ? 
_entity_src_gen.host_org_details                   ? 
_entity_src_gen.expression_system_id               ? 
_entity_src_gen.plasmid_name                       ? 
_entity_src_gen.plasmid_details                    ? 
_entity_src_gen.pdbx_description                   ? 
# 
loop_
_chem_comp.id 
_chem_comp.type 
_chem_comp.mon_nstd_flag 
_chem_comp.name 
_chem_comp.pdbx_synonyms 
_chem_comp.formula 
_chem_comp.formula_weight 
ALA 'L-peptide linking' y ALANINE         ? 'C3 H7 N O2'     89.093  
ARG 'L-peptide linking' y ARGININE        ? 'C6 H15 N4 O2 1' 175.209 
ASN 'L-peptide linking' y ASPARAGINE      ? 'C4 H8 N2 O3'    132.118 
ASP 'L-peptide linking' y 'ASPARTIC ACID' ? 'C4 H7 N O4'     133.103 
GLN 'L-peptide linking' y GLUTAMINE       ? 'C5 H10 N2 O3'   146.144 
GLU 'L-peptide linking' y 'GLUTAMIC ACID' ? 'C5 H9 N O4'     147.129 
GLY 'peptide linking'   y GLYCINE         ? 'C2 H5 N O2'     75.067  
HIS 'L-peptide linking' y HISTIDINE       ? 'C6 H10 N3 O2 1' 156.162 
ILE 'L-peptide linking' y ISOLEUCINE      ? 'C6 H13 N O2'    131.173 
LEU 'L-peptide linking' y LEUCINE         ? 'C6 H13 N O2'    131.173 
LYS 'L-peptide linking' y LYSINE          ? 'C6 H15 N2 O2 1' 147.195 
MET 'L-peptide linking' y METHIONINE      ? 'C5 H11 N O2 S'  149.211 
PHE 'L-peptide linking' y PHENYLALANINE   ? 'C9 H11 N O2'    165.189 
PRO 'L-peptide linking' y PROLINE         ? 'C5 H9 N O2'     115.130 
SER 'L-peptide linking' y SERINE          ? 'C3 H7 N O3'     105.093 
THR 'L-peptide linking' y THREONINE       ? 'C4 H9 N O3'     119.119 
VAL 'L-peptide linking' y VALINE          ? 'C5 H11 N O2'    117.146 
# 
loop_
_pdbx_poly_seq_scheme.asym_id 
_pdbx_poly_seq_scheme.entity_id 
_pdbx_poly_seq_scheme.seq_id 
_pdbx_poly_seq_scheme.mon_id 
_pdbx_poly_seq_scheme.ndb_seq_num 
_pdbx_poly_seq_scheme.pdb_seq_num 
_pdbx_poly_seq_scheme.auth_seq_num 
_pdbx_poly_seq_scheme.pdb_mon_id 
_pdbx_poly_seq_scheme.auth_mon_id 
_pdbx_poly_seq_scheme.pdb_strand_id 
_pdbx_poly_seq_scheme.pdb_ins_code 
_pdbx_poly_seq_scheme.hetero 
A 1 1   MET 1   1   ?   ?   ?   A . n 
A 1 2   ARG 2   2   ?   ?   ?   A . n 
A 1 3   ARG 3   3   ?   ?   ?   A . n 
A 1 4   ILE 4   4   4   ILE ILE A . n 
A 1 5   ASN 5   5   5   ASN ASN A . n 
A 1 6   PRO 6   6   6   PRO PRO A . n 
A 1 7   ASN 7   7   7   ASN ASN A . n 
A 1 8   LYS 8   8   8   LYS LYS A . n 
A 1 9   LEU 9   9   9   LEU LEU A . n 
A 1 10  GLU 10  10  10  GLU GLU A . n 
A 1 11  LEU 11  11  11  LEU LEU A . n 
A 1 12  GLU 12  12  12  GLU GLU A . n 
A 1 13  GLU 13  13  13  GLU GLU A . n 
A 1 14  ARG 14  14  14  ARG ARG A . n 
A 1 15  VAL 15  15  15  VAL VAL A . n 
A 1 16  VAL 16  16  16  VAL VAL A . n 
A 1 17  ALA 17  17  17  ALA ALA A . n 
A 1 18  VAL 18  18  18  VAL VAL A . n 
A 1 19  ASN 19  19  19  ASN ASN A . n 
A 1 20  ARG 20  20  20  ARG ARG A . n 
A 1 21  VAL 21  21  21  VAL VAL A . n 
A 1 22  ALA 22  22  22  ALA ALA A . n 
A 1 23  LYS 23  23  23  LYS LYS A . n 
A 1 24  VAL 24  24  24  VAL VAL A . n 
A 1 25  VAL 25  25  25  VAL VAL A . n 
A 1 26  LYS 26  26  26  LYS LYS A . n 
A 1 27  GLY 27  27  27  GLY GLY A . n 
A 1 28  GLY 28  28  28  GLY GLY A . n 
A 1 29  ARG 29  29  29  ARG ARG A . n 
A 1 30  ARG 30  30  30  ARG ARG A . n 
A 1 31  LEU 31  31  31  LEU LEU A . n 
A 1 32  ARG 32  32  32  ARG ARG A . n 
A 1 33  PHE 33  33  33  PHE PHE A . n 
A 1 34  SER 34  34  34  SER SER A . n 
A 1 35  ALA 35  35  35  ALA ALA A . n 
A 1 36  LEU 36  36  36  LEU LEU A . n 
A 1 37  VAL 37  37  37  VAL VAL A . n 
A 1 38  VAL 38  38  38  VAL VAL A . n 
A 1 39  VAL 39  39  39  VAL VAL A . n 
A 1 40  GLY 40  40  40  GLY GLY A . n 
A 1 41  ASP 41  41  41  ASP ASP A . n 
A 1 42  LYS 42  42  42  LYS LYS A . n 
A 1 43  ASN 43  43  43  ASN ASN A . n 
A 1 44  GLY 44  44  44  GLY GLY A . n 
A 1 45  HIS 45  45  45  HIS HIS A . n 
A 1 46  VAL 46  46  46  VAL VAL A . n 
A 1 47  GLY 47  47  47  GLY GLY A . n 
A 1 48  PHE 48  48  48  PHE PHE A . n 
A 1 49  GLY 49  49  49  GLY GLY A . n 
A 1 50  THR 50  50  50  THR THR A . n 
A 1 51  GLY 51  51  51  GLY GLY A . n 
A 1 52  LYS 52  52  52  LYS LYS A . n 
A 1 53  ALA 53  53  53  ALA ALA A . n 
A 1 54  GLN 54  54  54  GLN GLN A . n 
A 1 55  GLU 55  55  55  GLU GLU A . n 
A 1 56  VAL 56  56  56  VAL VAL A . n 
A 1 57  PRO 57  57  57  PRO PRO A . n 
A 1 58  GLU 58  58  58  GLU GLU A . n 
A 1 59  ALA 59  59  59  ALA ALA A . n 
A 1 60  ILE 60  60  60  ILE ILE A . n 
A 1 61  ARG 61  61  61  ARG ARG A . n 
A 1 62  LYS 62  62  62  LYS LYS A . n 
A 1 63  ALA 63  63  63  ALA ALA A . n 
A 1 64  ILE 64  64  64  ILE ILE A . n 
A 1 65  GLU 65  65  65  GLU GLU A . n 
A 1 66  ASP 66  66  66  ASP ASP A . n 
A 1 67  ALA 67  67  67  ALA ALA A . n 
A 1 68  LYS 68  68  68  LYS LYS A . n 
A 1 69  LYS 69  69  69  LYS LYS A . n 
A 1 70  ASN 70  70  70  ASN ASN A . n 
A 1 71  LEU 71  71  71  LEU LEU A . n 
A 1 72  ILE 72  72  72  ILE ILE A . n 
A 1 73  GLU 73  73  73  GLU GLU A . n 
A 1 74  VAL 74  74  74  VAL VAL A . n 
A 1 75  PRO 75  75  75  PRO PRO A . n 
A 1 76  ILE 76  76  76  ILE ILE A . n 
A 1 77  VAL 77  77  77  VAL VAL A . n 
A 1 78  GLY 78  78  78  GLY GLY A . n 
A 1 79  THR 79  79  79  THR THR A . n 
A 1 80  THR 80  80  80  THR THR A . n 
A 1 81  ILE 81  81  81  ILE ILE A . n 
A 1 82  PRO 82  82  82  PRO PRO A . n 
A 1 83  HIS 83  83  83  HIS HIS A . n 
A 1 84  GLU 84  84  84  GLU GLU A . n 
A 1 85  VAL 85  85  85  VAL VAL A . n 
A 1 86  ILE 86  86  86  ILE ILE A . n 
A 1 87  GLY 87  87  87  GLY GLY A . n 
A 1 88  HIS 88  88  88  HIS HIS A . n 
A 1 89  PHE 89  89  89  PHE PHE A . n 
A 1 90  GLY 90  90  90  GLY GLY A . n 
A 1 91  ALA 91  91  91  ALA ALA A . n 
A 1 92  GLY 92  92  92  GLY GLY A . n 
A 1 93  GLU 93  93  93  GLU GLU A . n 
A 1 94  ILE 94  94  94  ILE ILE A . n 
A 1 95  ILE 95  95  95  ILE ILE A . n 
A 1 96  LEU 96  96  96  LEU LEU A . n 
A 1 97  LYS 97  97  97  LYS LYS A . n 
A 1 98  PRO 98  98  98  PRO PRO A . n 
A 1 99  ALA 99  99  99  ALA ALA A . n 
A 1 100 SER 100 100 100 SER SER A . n 
A 1 101 GLU 101 101 101 GLU GLU A . n 
A 1 102 GLY 102 102 102 GLY GLY A . n 
A 1 103 THR 103 103 103 THR THR A . n 
A 1 104 GLY 104 104 104 GLY GLY A . n 
A 1 105 VAL 105 105 105 VAL VAL A . n 
A 1 106 ILE 106 106 106 ILE ILE A . n 
A 1 107 ALA 107 107 107 ALA ALA A . n 
A 1 108 GLY 108 108 108 GLY GLY A . n 
A 1 109 GLY 109 109 109 GLY GLY A . n 
A 1 110 PRO 110 110 110 PRO PRO A . n 
A 1 111 ALA 111 111 111 ALA ALA A . n 
A 1 112 ARG 112 112 112 ARG ARG A . n 
A 1 113 ALA 113 113 113 ALA ALA A . n 
A 1 114 VAL 114 114 114 VAL VAL A . n 
A 1 115 LEU 115 115 115 LEU LEU A . n 
A 1 116 GLU 116 116 116 GLU GLU A . n 
A 1 117 LEU 117 117 117 LEU LEU A . n 
A 1 118 ALA 118 118 118 ALA ALA A . n 
A 1 119 GLY 119 119 119 GLY GLY A . n 
A 1 120 ILE 120 120 120 ILE ILE A . n 
A 1 121 SER 121 121 121 SER SER A . n 
A 1 122 ASP 122 122 122 ASP ASP A . n 
A 1 123 ILE 123 123 123 ILE ILE A . n 
A 1 124 LEU 124 124 124 LEU LEU A . n 
A 1 125 SER 125 125 125 SER SER A . n 
A 1 126 LYS 126 126 126 LYS LYS A . n 
A 1 127 SER 127 127 127 SER SER A . n 
A 1 128 ILE 128 128 128 ILE ILE A . n 
A 1 129 GLY 129 129 129 GLY GLY A . n 
A 1 130 SER 130 130 130 SER SER A . n 
A 1 131 ASN 131 131 131 ASN ASN A . n 
A 1 132 THR 132 132 132 THR THR A . n 
A 1 133 PRO 133 133 133 PRO PRO A . n 
A 1 134 ILE 134 134 134 ILE ILE A . n 
A 1 135 ASN 135 135 135 ASN ASN A . n 
A 1 136 MET 136 136 136 MET MET A . n 
A 1 137 VAL 137 137 137 VAL VAL A . n 
A 1 138 ARG 138 138 138 ARG ARG A . n 
A 1 139 ALA 139 139 139 ALA ALA A . n 
A 1 140 THR 140 140 140 THR THR A . n 
A 1 141 PHE 141 141 141 PHE PHE A . n 
A 1 142 ASP 142 142 142 ASP ASP A . n 
A 1 143 GLY 143 143 143 GLY GLY A . n 
A 1 144 LEU 144 144 144 LEU LEU A . n 
A 1 145 LYS 145 145 145 LYS LYS A . n 
A 1 146 GLN 146 146 146 GLN GLN A . n 
A 1 147 LEU 147 147 147 LEU LEU A . n 
A 1 148 LYS 148 148 148 LYS LYS A . n 
A 1 149 ARG 149 149 ?   ?   ?   A . n 
A 1 150 ALA 150 150 ?   ?   ?   A . n 
# 
loop_
_software.name 
_software.classification 
_software.version 
_software.citation_id 
_software.pdbx_ordinal 
X-PLOR 'model building' . ? 1 
X-PLOR refinement       . ? 2 
X-PLOR phasing          . ? 3 
# 
_cell.entry_id           1PKP 
_cell.length_a           59.300 
_cell.length_b           59.300 
_cell.length_c           109.800 
_cell.angle_alpha        90.00 
_cell.angle_beta         90.00 
_cell.angle_gamma        120.00 
_cell.Z_PDB              6 
_cell.pdbx_unique_axis   ? 
# 
_symmetry.entry_id                         1PKP 
_symmetry.space_group_name_H-M             'P 32 2 1' 
_symmetry.pdbx_full_space_group_name_H-M   ? 
_symmetry.cell_setting                     ? 
_symmetry.Int_Tables_number                154 
# 
_exptl.entry_id          1PKP 
_exptl.method            'X-RAY DIFFRACTION' 
_exptl.crystals_number   ? 
# 
_exptl_crystal.id                    1 
_exptl_crystal.density_meas          ? 
_exptl_crystal.density_Matthews      3.50 
_exptl_crystal.density_percent_sol   64.86 
_exptl_crystal.description           ? 
# 
_diffrn.id                     1 
_diffrn.ambient_temp           ? 
_diffrn.ambient_temp_details   ? 
_diffrn.crystal_id             1 
# 
_diffrn_radiation.diffrn_id                        1 
_diffrn_radiation.wavelength_id                    1 
_diffrn_radiation.pdbx_monochromatic_or_laue_m_l   ? 
_diffrn_radiation.monochromator                    ? 
_diffrn_radiation.pdbx_diffrn_protocol             ? 
_diffrn_radiation.pdbx_scattering_type             x-ray 
# 
_diffrn_radiation_wavelength.id           1 
_diffrn_radiation_wavelength.wavelength   . 
_diffrn_radiation_wavelength.wt           1.0 
# 
_refine.entry_id                                 1PKP 
_refine.ls_number_reflns_obs                     ? 
_refine.ls_number_reflns_all                     ? 
_refine.pdbx_ls_sigma_I                          ? 
_refine.pdbx_ls_sigma_F                          0.0 
_refine.pdbx_data_cutoff_high_absF               ? 
_refine.pdbx_data_cutoff_low_absF                ? 
_refine.pdbx_data_cutoff_high_rms_absF           ? 
_refine.ls_d_res_low                             6.0 
_refine.ls_d_res_high                            2.8 
_refine.ls_percent_reflns_obs                    ? 
_refine.ls_R_factor_obs                          0.2200000 
_refine.ls_R_factor_all                          ? 
_refine.ls_R_factor_R_work                       0.2200000 
_refine.ls_R_factor_R_free                       ? 
_refine.ls_R_factor_R_free_error                 ? 
_refine.ls_R_factor_R_free_error_details         ? 
_refine.ls_percent_reflns_R_free                 ? 
_refine.ls_number_reflns_R_free                  ? 
_refine.ls_number_parameters                     ? 
_refine.ls_number_restraints                     ? 
_refine.occupancy_min                            ? 
_refine.occupancy_max                            ? 
_refine.B_iso_mean                               ? 
_refine.aniso_B[1][1]                            ? 
_refine.aniso_B[2][2]                            ? 
_refine.aniso_B[3][3]                            ? 
_refine.aniso_B[1][2]                            ? 
_refine.aniso_B[1][3]                            ? 
_refine.aniso_B[2][3]                            ? 
_refine.solvent_model_details                    ? 
_refine.solvent_model_param_ksol                 ? 
_refine.solvent_model_param_bsol                 ? 
_refine.pdbx_ls_cross_valid_method               ? 
_refine.details                                  ? 
_refine.pdbx_starting_model                      ? 
_refine.pdbx_method_to_determine_struct          ? 
_refine.pdbx_isotropic_thermal_model             ? 
_refine.pdbx_stereochemistry_target_values       ? 
_refine.pdbx_stereochem_target_val_spec_case     ? 
_refine.pdbx_R_Free_selection_details            ? 
_refine.pdbx_overall_ESU_R                       ? 
_refine.pdbx_overall_ESU_R_Free                  ? 
_refine.overall_SU_ML                            ? 
_refine.overall_SU_B                             ? 
_refine.pdbx_refine_id                           'X-RAY DIFFRACTION' 
_refine.pdbx_diffrn_id                           1 
_refine.pdbx_TLS_residual_ADP_flag               ? 
_refine.correlation_coeff_Fo_to_Fc               ? 
_refine.correlation_coeff_Fo_to_Fc_free          ? 
_refine.pdbx_solvent_vdw_probe_radii             ? 
_refine.pdbx_solvent_ion_probe_radii             ? 
_refine.pdbx_solvent_shrinkage_radii             ? 
_refine.pdbx_overall_phase_error                 ? 
_refine.overall_SU_R_Cruickshank_DPI             ? 
_refine.pdbx_overall_SU_R_free_Cruickshank_DPI   ? 
_refine.pdbx_overall_SU_R_Blow_DPI               ? 
_refine.pdbx_overall_SU_R_free_Blow_DPI          ? 
# 
_refine_hist.pdbx_refine_id                   'X-RAY DIFFRACTION' 
_refine_hist.cycle_id                         LAST 
_refine_hist.pdbx_number_atoms_protein        1071 
_refine_hist.pdbx_number_atoms_nucleic_acid   0 
_refine_hist.pdbx_number_atoms_ligand         0 
_refine_hist.number_atoms_solvent             0 
_refine_hist.number_atoms_total               1071 
_refine_hist.d_res_high                       2.8 
_refine_hist.d_res_low                        6.0 
# 
loop_
_refine_ls_restr.type 
_refine_ls_restr.dev_ideal 
_refine_ls_restr.dev_ideal_target 
_refine_ls_restr.weight 
_refine_ls_restr.number 
_refine_ls_restr.pdbx_refine_id 
_refine_ls_restr.pdbx_restraint_function 
x_bond_d                0.017 ? ? ? 'X-RAY DIFFRACTION' ? 
x_bond_d_na             ?     ? ? ? 'X-RAY DIFFRACTION' ? 
x_bond_d_prot           ?     ? ? ? 'X-RAY DIFFRACTION' ? 
x_angle_d               ?     ? ? ? 'X-RAY DIFFRACTION' ? 
x_angle_d_na            ?     ? ? ? 'X-RAY DIFFRACTION' ? 
x_angle_d_prot          ?     ? ? ? 'X-RAY DIFFRACTION' ? 
x_angle_deg             3.74  ? ? ? 'X-RAY DIFFRACTION' ? 
x_angle_deg_na          ?     ? ? ? 'X-RAY DIFFRACTION' ? 
x_angle_deg_prot        ?     ? ? ? 'X-RAY DIFFRACTION' ? 
x_dihedral_angle_d      ?     ? ? ? 'X-RAY DIFFRACTION' ? 
x_dihedral_angle_d_na   ?     ? ? ? 'X-RAY DIFFRACTION' ? 
x_dihedral_angle_d_prot ?     ? ? ? 'X-RAY DIFFRACTION' ? 
x_improper_angle_d      ?     ? ? ? 'X-RAY DIFFRACTION' ? 
x_improper_angle_d_na   ?     ? ? ? 'X-RAY DIFFRACTION' ? 
x_improper_angle_d_prot ?     ? ? ? 'X-RAY DIFFRACTION' ? 
x_mcbond_it             ?     ? ? ? 'X-RAY DIFFRACTION' ? 
x_mcangle_it            ?     ? ? ? 'X-RAY DIFFRACTION' ? 
x_scbond_it             ?     ? ? ? 'X-RAY DIFFRACTION' ? 
x_scangle_it            ?     ? ? ? 'X-RAY DIFFRACTION' ? 
# 
_struct.entry_id                  1PKP 
_struct.title                     'THE STRUCTURE OF RIBOSOMAL PROTEIN S5 REVEALS SITES OF INTERACTION WITH 16S RRNA' 
_struct.pdbx_model_details        ? 
_struct.pdbx_CASP_flag            ? 
_struct.pdbx_model_type_details   ? 
# 
_struct_keywords.entry_id        1PKP 
_struct_keywords.pdbx_keywords   'RIBOSOMAL PROTEIN' 
_struct_keywords.text            'RIBOSOMAL PROTEIN' 
# 
_struct_asym.id                            A 
_struct_asym.pdbx_blank_PDB_chainid_flag   N 
_struct_asym.pdbx_modified                 N 
_struct_asym.entity_id                     1 
_struct_asym.details                       ? 
# 
_struct_ref.id                         1 
_struct_ref.db_name                    UNP 
_struct_ref.db_code                    RS5_BACST 
_struct_ref.entity_id                  1 
_struct_ref.pdbx_db_accession          P02357 
_struct_ref.pdbx_align_begin           1 
_struct_ref.pdbx_seq_one_letter_code   
;MRRINPNKLELEERVVAVNRVAKVVKGGRRLRFSALVVVGDKNGHVGFGTGKAQEVPEAIRKAIEDAKKNLIEVPIVGTT
IPHEVIGHFGAGEIILKPASEGTGVIAGGPARAVLELAGISDILSKSIGSNTPINMVRATFDGLKQLKRAEDVAKLRGKT
VEELLG
;
_struct_ref.pdbx_db_isoform            ? 
# 
_struct_ref_seq.align_id                      1 
_struct_ref_seq.ref_id                        1 
_struct_ref_seq.pdbx_PDB_id_code              1PKP 
_struct_ref_seq.pdbx_strand_id                A 
_struct_ref_seq.seq_align_beg                 1 
_struct_ref_seq.pdbx_seq_align_beg_ins_code   ? 
_struct_ref_seq.seq_align_end                 150 
_struct_ref_seq.pdbx_seq_align_end_ins_code   ? 
_struct_ref_seq.pdbx_db_accession             P02357 
_struct_ref_seq.db_align_beg                  1 
_struct_ref_seq.pdbx_db_align_beg_ins_code    ? 
_struct_ref_seq.db_align_end                  150 
_struct_ref_seq.pdbx_db_align_end_ins_code    ? 
_struct_ref_seq.pdbx_auth_seq_align_beg       1 
_struct_ref_seq.pdbx_auth_seq_align_end       150 
# 
_pdbx_struct_assembly.id                   1 
_pdbx_struct_assembly.details              author_defined_assembly 
_pdbx_struct_assembly.method_details       ? 
_pdbx_struct_assembly.oligomeric_details   dimeric 
_pdbx_struct_assembly.oligomeric_count     2 
# 
_pdbx_struct_assembly_gen.assembly_id       1 
_pdbx_struct_assembly_gen.oper_expression   1,2 
_pdbx_struct_assembly_gen.asym_id_list      A 
# 
loop_
_pdbx_struct_oper_list.id 
_pdbx_struct_oper_list.type 
_pdbx_struct_oper_list.name 
_pdbx_struct_oper_list.symmetry_operation 
_pdbx_struct_oper_list.matrix[1][1] 
_pdbx_struct_oper_list.matrix[1][2] 
_pdbx_struct_oper_list.matrix[1][3] 
_pdbx_struct_oper_list.vector[1] 
_pdbx_struct_oper_list.matrix[2][1] 
_pdbx_struct_oper_list.matrix[2][2] 
_pdbx_struct_oper_list.matrix[2][3] 
_pdbx_struct_oper_list.vector[2] 
_pdbx_struct_oper_list.matrix[3][1] 
_pdbx_struct_oper_list.matrix[3][2] 
_pdbx_struct_oper_list.matrix[3][3] 
_pdbx_struct_oper_list.vector[3] 
1 'identity operation'         1_555 x,y,z         1.0000000000  0.0000000000 0.0000000000 0.0000000000  0.0000000000 1.0000000000  0.0000000000 0.0000000000   0.0000000000 0.0000000000 1.0000000000 0.0000000000 
2 'crystal symmetry operation' 5_555 x-y,-y,-z+1/3 -0.2517878967 0.1050895566 0.9620597903 -5.4119695384 0.1050895566 -0.9852397270 0.1351253694 -30.3546369422 0.9620597903 0.1351253694 0.2370276237 7.5247469255 
# 
_struct_biol.id   1 
# 
loop_
_struct_conf.conf_type_id 
_struct_conf.id 
_struct_conf.pdbx_PDB_helix_id 
_struct_conf.beg_label_comp_id 
_struct_conf.beg_label_asym_id 
_struct_conf.beg_label_seq_id 
_struct_conf.pdbx_beg_PDB_ins_code 
_struct_conf.end_label_comp_id 
_struct_conf.end_label_asym_id 
_struct_conf.end_label_seq_id 
_struct_conf.pdbx_end_PDB_ins_code 
_struct_conf.beg_auth_comp_id 
_struct_conf.beg_auth_asym_id 
_struct_conf.beg_auth_seq_id 
_struct_conf.end_auth_comp_id 
_struct_conf.end_auth_asym_id 
_struct_conf.end_auth_seq_id 
_struct_conf.pdbx_PDB_helix_class 
_struct_conf.details 
_struct_conf.pdbx_PDB_helix_length 
HELX_P HELX_P1 H1 GLU A 55  ? LYS A 69  ? GLU A 55  LYS A 69  1 ? 15 
HELX_P HELX_P2 H2 GLY A 109 ? ALA A 118 ? GLY A 109 ALA A 118 1 ? 10 
HELX_P HELX_P3 H3 THR A 132 ? GLN A 146 ? THR A 132 GLN A 146 1 ? 15 
# 
_struct_conf_type.id          HELX_P 
_struct_conf_type.criteria    ? 
_struct_conf_type.reference   ? 
# 
loop_
_struct_sheet.id 
_struct_sheet.type 
_struct_sheet.number_strands 
_struct_sheet.details 
SH1 ? 3 ? 
SH2 ? 3 ? 
# 
loop_
_struct_sheet_order.sheet_id 
_struct_sheet_order.range_id_1 
_struct_sheet_order.range_id_2 
_struct_sheet_order.offset 
_struct_sheet_order.sense 
SH1 1 2 ? anti-parallel 
SH1 2 3 ? anti-parallel 
SH2 1 2 ? anti-parallel 
SH2 2 3 ? anti-parallel 
# 
loop_
_struct_sheet_range.sheet_id 
_struct_sheet_range.id 
_struct_sheet_range.beg_label_comp_id 
_struct_sheet_range.beg_label_asym_id 
_struct_sheet_range.beg_label_seq_id 
_struct_sheet_range.pdbx_beg_PDB_ins_code 
_struct_sheet_range.end_label_comp_id 
_struct_sheet_range.end_label_asym_id 
_struct_sheet_range.end_label_seq_id 
_struct_sheet_range.pdbx_end_PDB_ins_code 
_struct_sheet_range.beg_auth_comp_id 
_struct_sheet_range.beg_auth_asym_id 
_struct_sheet_range.beg_auth_seq_id 
_struct_sheet_range.end_auth_comp_id 
_struct_sheet_range.end_auth_asym_id 
_struct_sheet_range.end_auth_seq_id 
SH1 1 GLU A 10  ? ARG A 20  ? GLU A 10  ARG A 20  
SH1 2 ARG A 32  ? GLY A 40  ? ARG A 32  GLY A 40  
SH1 3 HIS A 45  ? ALA A 53  ? HIS A 45  ALA A 53  
SH2 1 HIS A 83  ? PHE A 89  ? HIS A 83  PHE A 89  
SH2 2 GLY A 92  ? PRO A 98  ? GLY A 92  PRO A 98  
SH2 3 ILE A 123 ? SER A 127 ? ILE A 123 SER A 127 
# 
loop_
_pdbx_struct_sheet_hbond.sheet_id 
_pdbx_struct_sheet_hbond.range_id_1 
_pdbx_struct_sheet_hbond.range_id_2 
_pdbx_struct_sheet_hbond.range_1_label_atom_id 
_pdbx_struct_sheet_hbond.range_1_label_comp_id 
_pdbx_struct_sheet_hbond.range_1_label_asym_id 
_pdbx_struct_sheet_hbond.range_1_label_seq_id 
_pdbx_struct_sheet_hbond.range_1_PDB_ins_code 
_pdbx_struct_sheet_hbond.range_1_auth_atom_id 
_pdbx_struct_sheet_hbond.range_1_auth_comp_id 
_pdbx_struct_sheet_hbond.range_1_auth_asym_id 
_pdbx_struct_sheet_hbond.range_1_auth_seq_id 
_pdbx_struct_sheet_hbond.range_2_label_atom_id 
_pdbx_struct_sheet_hbond.range_2_label_comp_id 
_pdbx_struct_sheet_hbond.range_2_label_asym_id 
_pdbx_struct_sheet_hbond.range_2_label_seq_id 
_pdbx_struct_sheet_hbond.range_2_PDB_ins_code 
_pdbx_struct_sheet_hbond.range_2_auth_atom_id 
_pdbx_struct_sheet_hbond.range_2_auth_comp_id 
_pdbx_struct_sheet_hbond.range_2_auth_asym_id 
_pdbx_struct_sheet_hbond.range_2_auth_seq_id 
SH1 1 2 O GLU A 12 ? O GLU A 12 N GLY A 40  ? N GLY A 40  
SH1 2 3 O VAL A 39 ? O VAL A 39 N GLY A 47  ? N GLY A 47  
SH2 1 2 O VAL A 85 ? O VAL A 85 N LEU A 96  ? N LEU A 96  
SH2 2 3 O ILE A 95 ? O ILE A 95 N LYS A 126 ? N LYS A 126 
# 
loop_
_struct_site.id 
_struct_site.pdbx_evidence_code 
_struct_site.pdbx_auth_asym_id 
_struct_site.pdbx_auth_comp_id 
_struct_site.pdbx_auth_seq_id 
_struct_site.pdbx_auth_ins_code 
_struct_site.pdbx_num_residues 
_struct_site.details 
SPR Author ? ? ? ? 13 'PROPOSED SITES FOR INTERACTION WITH 16S R-RNA' 
STR Author ? ? ? ? 2  'PROPOSED SITES FOR INTERACTION WITH 16S R-RNA' 
# 
loop_
_struct_site_gen.id 
_struct_site_gen.site_id 
_struct_site_gen.pdbx_num_res 
_struct_site_gen.label_comp_id 
_struct_site_gen.label_asym_id 
_struct_site_gen.label_seq_id 
_struct_site_gen.pdbx_auth_ins_code 
_struct_site_gen.auth_comp_id 
_struct_site_gen.auth_asym_id 
_struct_site_gen.auth_seq_id 
_struct_site_gen.label_atom_id 
_struct_site_gen.label_alt_id 
_struct_site_gen.symmetry 
_struct_site_gen.details 
1  SPR 13 ARG A 20  ? ARG A 20  . ? 1_555 ? 
2  SPR 13 VAL A 21  ? VAL A 21  . ? 1_555 ? 
3  SPR 13 ALA A 22  ? ALA A 22  . ? 1_555 ? 
4  SPR 13 LYS A 23  ? LYS A 23  . ? 1_555 ? 
5  SPR 13 VAL A 24  ? VAL A 24  . ? 1_555 ? 
6  SPR 13 VAL A 25  ? VAL A 25  . ? 1_555 ? 
7  SPR 13 LYS A 26  ? LYS A 26  . ? 1_555 ? 
8  SPR 13 GLY A 27  ? GLY A 27  . ? 1_555 ? 
9  SPR 13 GLY A 28  ? GLY A 28  . ? 1_555 ? 
10 SPR 13 ARG A 29  ? ARG A 29  . ? 1_555 ? 
11 SPR 13 ARG A 30  ? ARG A 30  . ? 1_555 ? 
12 SPR 13 LEU A 31  ? LEU A 31  . ? 1_555 ? 
13 SPR 13 ARG A 32  ? ARG A 32  . ? 1_555 ? 
14 STR 2  GLY A 104 ? GLY A 104 . ? 1_555 ? 
15 STR 2  ARG A 112 ? ARG A 112 . ? 1_555 ? 
# 
loop_
_pdbx_validate_rmsd_angle.id 
_pdbx_validate_rmsd_angle.PDB_model_num 
_pdbx_validate_rmsd_angle.auth_atom_id_1 
_pdbx_validate_rmsd_angle.auth_asym_id_1 
_pdbx_validate_rmsd_angle.auth_comp_id_1 
_pdbx_validate_rmsd_angle.auth_seq_id_1 
_pdbx_validate_rmsd_angle.PDB_ins_code_1 
_pdbx_validate_rmsd_angle.label_alt_id_1 
_pdbx_validate_rmsd_angle.auth_atom_id_2 
_pdbx_validate_rmsd_angle.auth_asym_id_2 
_pdbx_validate_rmsd_angle.auth_comp_id_2 
_pdbx_validate_rmsd_angle.auth_seq_id_2 
_pdbx_validate_rmsd_angle.PDB_ins_code_2 
_pdbx_validate_rmsd_angle.label_alt_id_2 
_pdbx_validate_rmsd_angle.auth_atom_id_3 
_pdbx_validate_rmsd_angle.auth_asym_id_3 
_pdbx_validate_rmsd_angle.auth_comp_id_3 
_pdbx_validate_rmsd_angle.auth_seq_id_3 
_pdbx_validate_rmsd_angle.PDB_ins_code_3 
_pdbx_validate_rmsd_angle.label_alt_id_3 
_pdbx_validate_rmsd_angle.angle_value 
_pdbx_validate_rmsd_angle.angle_target_value 
_pdbx_validate_rmsd_angle.angle_deviation 
_pdbx_validate_rmsd_angle.angle_standard_deviation 
_pdbx_validate_rmsd_angle.linker_flag 
1  1 NE A ARG 20  ? ? CZ A ARG 20  ? ? NH1 A ARG 20  ? ? 124.34 120.30 4.04   0.50 N 
2  1 NE A ARG 20  ? ? CZ A ARG 20  ? ? NH2 A ARG 20  ? ? 116.70 120.30 -3.60  0.50 N 
3  1 N  A ARG 20  ? ? CA A ARG 20  ? ? C   A ARG 20  ? ? 132.77 111.00 21.77  2.70 N 
4  1 CA A ARG 20  ? ? C  A ARG 20  ? ? N   A VAL 21  ? ? 103.59 117.20 -13.61 2.20 Y 
5  1 CA A LYS 26  ? ? CB A LYS 26  ? ? CG  A LYS 26  ? ? 99.84  113.40 -13.56 2.20 N 
6  1 NE A ARG 29  ? ? CZ A ARG 29  ? ? NH1 A ARG 29  ? ? 123.57 120.30 3.27   0.50 N 
7  1 N  A ARG 30  ? ? CA A ARG 30  ? ? C   A ARG 30  ? ? 131.36 111.00 20.36  2.70 N 
8  1 CB A VAL 46  ? ? CA A VAL 46  ? ? C   A VAL 46  ? ? 99.54  111.40 -11.86 1.90 N 
9  1 NE A ARG 61  ? ? CZ A ARG 61  ? ? NH1 A ARG 61  ? ? 123.72 120.30 3.42   0.50 N 
10 1 NE A ARG 112 ? ? CZ A ARG 112 ? ? NH1 A ARG 112 ? ? 124.68 120.30 4.38   0.50 N 
11 1 NE A ARG 138 ? ? CZ A ARG 138 ? ? NH1 A ARG 138 ? ? 127.54 120.30 7.24   0.50 N 
12 1 NE A ARG 138 ? ? CZ A ARG 138 ? ? NH2 A ARG 138 ? ? 116.38 120.30 -3.92  0.50 N 
# 
loop_
_pdbx_validate_torsion.id 
_pdbx_validate_torsion.PDB_model_num 
_pdbx_validate_torsion.auth_comp_id 
_pdbx_validate_torsion.auth_asym_id 
_pdbx_validate_torsion.auth_seq_id 
_pdbx_validate_torsion.PDB_ins_code 
_pdbx_validate_torsion.label_alt_id 
_pdbx_validate_torsion.phi 
_pdbx_validate_torsion.psi 
1 1 ARG A 20 ? ? 99.01  118.22  
2 1 VAL A 21 ? ? 175.86 -103.16 
3 1 LYS A 23 ? ? 26.59  -70.80  
4 1 LYS A 26 ? ? 63.08  -3.40   
5 1 ARG A 30 ? ? 97.37  86.17   
6 1 LEU A 31 ? ? 117.92 -66.89  
7 1 LYS A 42 ? ? 55.01  16.95   
# 
loop_
_pdbx_unobs_or_zero_occ_residues.id 
_pdbx_unobs_or_zero_occ_residues.PDB_model_num 
_pdbx_unobs_or_zero_occ_residues.polymer_flag 
_pdbx_unobs_or_zero_occ_residues.occupancy_flag 
_pdbx_unobs_or_zero_occ_residues.auth_asym_id 
_pdbx_unobs_or_zero_occ_residues.auth_comp_id 
_pdbx_unobs_or_zero_occ_residues.auth_seq_id 
_pdbx_unobs_or_zero_occ_residues.PDB_ins_code 
_pdbx_unobs_or_zero_occ_residues.label_asym_id 
_pdbx_unobs_or_zero_occ_residues.label_comp_id 
_pdbx_unobs_or_zero_occ_residues.label_seq_id 
1 1 Y 1 A MET 1   ? A MET 1   
2 1 Y 1 A ARG 2   ? A ARG 2   
3 1 Y 1 A ARG 3   ? A ARG 3   
4 1 Y 1 A ARG 149 ? A ARG 149 
5 1 Y 1 A ALA 150 ? A ALA 150 
# 
loop_
_chem_comp_atom.comp_id 
_chem_comp_atom.atom_id 
_chem_comp_atom.type_symbol 
_chem_comp_atom.pdbx_aromatic_flag 
_chem_comp_atom.pdbx_stereo_config 
_chem_comp_atom.pdbx_ordinal 
ALA N    N N N 1   
ALA CA   C N S 2   
ALA C    C N N 3   
ALA O    O N N 4   
ALA CB   C N N 5   
ALA OXT  O N N 6   
ALA H    H N N 7   
ALA H2   H N N 8   
ALA HA   H N N 9   
ALA HB1  H N N 10  
ALA HB2  H N N 11  
ALA HB3  H N N 12  
ALA HXT  H N N 13  
ARG N    N N N 14  
ARG CA   C N S 15  
ARG C    C N N 16  
ARG O    O N N 17  
ARG CB   C N N 18  
ARG CG   C N N 19  
ARG CD   C N N 20  
ARG NE   N N N 21  
ARG CZ   C N N 22  
ARG NH1  N N N 23  
ARG NH2  N N N 24  
ARG OXT  O N N 25  
ARG H    H N N 26  
ARG H2   H N N 27  
ARG HA   H N N 28  
ARG HB2  H N N 29  
ARG HB3  H N N 30  
ARG HG2  H N N 31  
ARG HG3  H N N 32  
ARG HD2  H N N 33  
ARG HD3  H N N 34  
ARG HE   H N N 35  
ARG HH11 H N N 36  
ARG HH12 H N N 37  
ARG HH21 H N N 38  
ARG HH22 H N N 39  
ARG HXT  H N N 40  
ASN N    N N N 41  
ASN CA   C N S 42  
ASN C    C N N 43  
ASN O    O N N 44  
ASN CB   C N N 45  
ASN CG   C N N 46  
ASN OD1  O N N 47  
ASN ND2  N N N 48  
ASN OXT  O N N 49  
ASN H    H N N 50  
ASN H2   H N N 51  
ASN HA   H N N 52  
ASN HB2  H N N 53  
ASN HB3  H N N 54  
ASN HD21 H N N 55  
ASN HD22 H N N 56  
ASN HXT  H N N 57  
ASP N    N N N 58  
ASP CA   C N S 59  
ASP C    C N N 60  
ASP O    O N N 61  
ASP CB   C N N 62  
ASP CG   C N N 63  
ASP OD1  O N N 64  
ASP OD2  O N N 65  
ASP OXT  O N N 66  
ASP H    H N N 67  
ASP H2   H N N 68  
ASP HA   H N N 69  
ASP HB2  H N N 70  
ASP HB3  H N N 71  
ASP HD2  H N N 72  
ASP HXT  H N N 73  
GLN N    N N N 74  
GLN CA   C N S 75  
GLN C    C N N 76  
GLN O    O N N 77  
GLN CB   C N N 78  
GLN CG   C N N 79  
GLN CD   C N N 80  
GLN OE1  O N N 81  
GLN NE2  N N N 82  
GLN OXT  O N N 83  
GLN H    H N N 84  
GLN H2   H N N 85  
GLN HA   H N N 86  
GLN HB2  H N N 87  
GLN HB3  H N N 88  
GLN HG2  H N N 89  
GLN HG3  H N N 90  
GLN HE21 H N N 91  
GLN HE22 H N N 92  
GLN HXT  H N N 93  
GLU N    N N N 94  
GLU CA   C N S 95  
GLU C    C N N 96  
GLU O    O N N 97  
GLU CB   C N N 98  
GLU CG   C N N 99  
GLU CD   C N N 100 
GLU OE1  O N N 101 
GLU OE2  O N N 102 
GLU OXT  O N N 103 
GLU H    H N N 104 
GLU H2   H N N 105 
GLU HA   H N N 106 
GLU HB2  H N N 107 
GLU HB3  H N N 108 
GLU HG2  H N N 109 
GLU HG3  H N N 110 
GLU HE2  H N N 111 
GLU HXT  H N N 112 
GLY N    N N N 113 
GLY CA   C N N 114 
GLY C    C N N 115 
GLY O    O N N 116 
GLY OXT  O N N 117 
GLY H    H N N 118 
GLY H2   H N N 119 
GLY HA2  H N N 120 
GLY HA3  H N N 121 
GLY HXT  H N N 122 
HIS N    N N N 123 
HIS CA   C N S 124 
HIS C    C N N 125 
HIS O    O N N 126 
HIS CB   C N N 127 
HIS CG   C Y N 128 
HIS ND1  N Y N 129 
HIS CD2  C Y N 130 
HIS CE1  C Y N 131 
HIS NE2  N Y N 132 
HIS OXT  O N N 133 
HIS H    H N N 134 
HIS H2   H N N 135 
HIS HA   H N N 136 
HIS HB2  H N N 137 
HIS HB3  H N N 138 
HIS HD1  H N N 139 
HIS HD2  H N N 140 
HIS HE1  H N N 141 
HIS HE2  H N N 142 
HIS HXT  H N N 143 
ILE N    N N N 144 
ILE CA   C N S 145 
ILE C    C N N 146 
ILE O    O N N 147 
ILE CB   C N S 148 
ILE CG1  C N N 149 
ILE CG2  C N N 150 
ILE CD1  C N N 151 
ILE OXT  O N N 152 
ILE H    H N N 153 
ILE H2   H N N 154 
ILE HA   H N N 155 
ILE HB   H N N 156 
ILE HG12 H N N 157 
ILE HG13 H N N 158 
ILE HG21 H N N 159 
ILE HG22 H N N 160 
ILE HG23 H N N 161 
ILE HD11 H N N 162 
ILE HD12 H N N 163 
ILE HD13 H N N 164 
ILE HXT  H N N 165 
LEU N    N N N 166 
LEU CA   C N S 167 
LEU C    C N N 168 
LEU O    O N N 169 
LEU CB   C N N 170 
LEU CG   C N N 171 
LEU CD1  C N N 172 
LEU CD2  C N N 173 
LEU OXT  O N N 174 
LEU H    H N N 175 
LEU H2   H N N 176 
LEU HA   H N N 177 
LEU HB2  H N N 178 
LEU HB3  H N N 179 
LEU HG   H N N 180 
LEU HD11 H N N 181 
LEU HD12 H N N 182 
LEU HD13 H N N 183 
LEU HD21 H N N 184 
LEU HD22 H N N 185 
LEU HD23 H N N 186 
LEU HXT  H N N 187 
LYS N    N N N 188 
LYS CA   C N S 189 
LYS C    C N N 190 
LYS O    O N N 191 
LYS CB   C N N 192 
LYS CG   C N N 193 
LYS CD   C N N 194 
LYS CE   C N N 195 
LYS NZ   N N N 196 
LYS OXT  O N N 197 
LYS H    H N N 198 
LYS H2   H N N 199 
LYS HA   H N N 200 
LYS HB2  H N N 201 
LYS HB3  H N N 202 
LYS HG2  H N N 203 
LYS HG3  H N N 204 
LYS HD2  H N N 205 
LYS HD3  H N N 206 
LYS HE2  H N N 207 
LYS HE3  H N N 208 
LYS HZ1  H N N 209 
LYS HZ2  H N N 210 
LYS HZ3  H N N 211 
LYS HXT  H N N 212 
MET N    N N N 213 
MET CA   C N S 214 
MET C    C N N 215 
MET O    O N N 216 
MET CB   C N N 217 
MET CG   C N N 218 
MET SD   S N N 219 
MET CE   C N N 220 
MET OXT  O N N 221 
MET H    H N N 222 
MET H2   H N N 223 
MET HA   H N N 224 
MET HB2  H N N 225 
MET HB3  H N N 226 
MET HG2  H N N 227 
MET HG3  H N N 228 
MET HE1  H N N 229 
MET HE2  H N N 230 
MET HE3  H N N 231 
MET HXT  H N N 232 
PHE N    N N N 233 
PHE CA   C N S 234 
PHE C    C N N 235 
PHE O    O N N 236 
PHE CB   C N N 237 
PHE CG   C Y N 238 
PHE CD1  C Y N 239 
PHE CD2  C Y N 240 
PHE CE1  C Y N 241 
PHE CE2  C Y N 242 
PHE CZ   C Y N 243 
PHE OXT  O N N 244 
PHE H    H N N 245 
PHE H2   H N N 246 
PHE HA   H N N 247 
PHE HB2  H N N 248 
PHE HB3  H N N 249 
PHE HD1  H N N 250 
PHE HD2  H N N 251 
PHE HE1  H N N 252 
PHE HE2  H N N 253 
PHE HZ   H N N 254 
PHE HXT  H N N 255 
PRO N    N N N 256 
PRO CA   C N S 257 
PRO C    C N N 258 
PRO O    O N N 259 
PRO CB   C N N 260 
PRO CG   C N N 261 
PRO CD   C N N 262 
PRO OXT  O N N 263 
PRO H    H N N 264 
PRO HA   H N N 265 
PRO HB2  H N N 266 
PRO HB3  H N N 267 
PRO HG2  H N N 268 
PRO HG3  H N N 269 
PRO HD2  H N N 270 
PRO HD3  H N N 271 
PRO HXT  H N N 272 
SER N    N N N 273 
SER CA   C N S 274 
SER C    C N N 275 
SER O    O N N 276 
SER CB   C N N 277 
SER OG   O N N 278 
SER OXT  O N N 279 
SER H    H N N 280 
SER H2   H N N 281 
SER HA   H N N 282 
SER HB2  H N N 283 
SER HB3  H N N 284 
SER HG   H N N 285 
SER HXT  H N N 286 
THR N    N N N 287 
THR CA   C N S 288 
THR C    C N N 289 
THR O    O N N 290 
THR CB   C N R 291 
THR OG1  O N N 292 
THR CG2  C N N 293 
THR OXT  O N N 294 
THR H    H N N 295 
THR H2   H N N 296 
THR HA   H N N 297 
THR HB   H N N 298 
THR HG1  H N N 299 
THR HG21 H N N 300 
THR HG22 H N N 301 
THR HG23 H N N 302 
THR HXT  H N N 303 
VAL N    N N N 304 
VAL CA   C N S 305 
VAL C    C N N 306 
VAL O    O N N 307 
VAL CB   C N N 308 
VAL CG1  C N N 309 
VAL CG2  C N N 310 
VAL OXT  O N N 311 
VAL H    H N N 312 
VAL H2   H N N 313 
VAL HA   H N N 314 
VAL HB   H N N 315 
VAL HG11 H N N 316 
VAL HG12 H N N 317 
VAL HG13 H N N 318 
VAL HG21 H N N 319 
VAL HG22 H N N 320 
VAL HG23 H N N 321 
VAL HXT  H N N 322 
# 
loop_
_chem_comp_bond.comp_id 
_chem_comp_bond.atom_id_1 
_chem_comp_bond.atom_id_2 
_chem_comp_bond.value_order 
_chem_comp_bond.pdbx_aromatic_flag 
_chem_comp_bond.pdbx_stereo_config 
_chem_comp_bond.pdbx_ordinal 
ALA N   CA   sing N N 1   
ALA N   H    sing N N 2   
ALA N   H2   sing N N 3   
ALA CA  C    sing N N 4   
ALA CA  CB   sing N N 5   
ALA CA  HA   sing N N 6   
ALA C   O    doub N N 7   
ALA C   OXT  sing N N 8   
ALA CB  HB1  sing N N 9   
ALA CB  HB2  sing N N 10  
ALA CB  HB3  sing N N 11  
ALA OXT HXT  sing N N 12  
ARG N   CA   sing N N 13  
ARG N   H    sing N N 14  
ARG N   H2   sing N N 15  
ARG CA  C    sing N N 16  
ARG CA  CB   sing N N 17  
ARG CA  HA   sing N N 18  
ARG C   O    doub N N 19  
ARG C   OXT  sing N N 20  
ARG CB  CG   sing N N 21  
ARG CB  HB2  sing N N 22  
ARG CB  HB3  sing N N 23  
ARG CG  CD   sing N N 24  
ARG CG  HG2  sing N N 25  
ARG CG  HG3  sing N N 26  
ARG CD  NE   sing N N 27  
ARG CD  HD2  sing N N 28  
ARG CD  HD3  sing N N 29  
ARG NE  CZ   sing N N 30  
ARG NE  HE   sing N N 31  
ARG CZ  NH1  sing N N 32  
ARG CZ  NH2  doub N N 33  
ARG NH1 HH11 sing N N 34  
ARG NH1 HH12 sing N N 35  
ARG NH2 HH21 sing N N 36  
ARG NH2 HH22 sing N N 37  
ARG OXT HXT  sing N N 38  
ASN N   CA   sing N N 39  
ASN N   H    sing N N 40  
ASN N   H2   sing N N 41  
ASN CA  C    sing N N 42  
ASN CA  CB   sing N N 43  
ASN CA  HA   sing N N 44  
ASN C   O    doub N N 45  
ASN C   OXT  sing N N 46  
ASN CB  CG   sing N N 47  
ASN CB  HB2  sing N N 48  
ASN CB  HB3  sing N N 49  
ASN CG  OD1  doub N N 50  
ASN CG  ND2  sing N N 51  
ASN ND2 HD21 sing N N 52  
ASN ND2 HD22 sing N N 53  
ASN OXT HXT  sing N N 54  
ASP N   CA   sing N N 55  
ASP N   H    sing N N 56  
ASP N   H2   sing N N 57  
ASP CA  C    sing N N 58  
ASP CA  CB   sing N N 59  
ASP CA  HA   sing N N 60  
ASP C   O    doub N N 61  
ASP C   OXT  sing N N 62  
ASP CB  CG   sing N N 63  
ASP CB  HB2  sing N N 64  
ASP CB  HB3  sing N N 65  
ASP CG  OD1  doub N N 66  
ASP CG  OD2  sing N N 67  
ASP OD2 HD2  sing N N 68  
ASP OXT HXT  sing N N 69  
GLN N   CA   sing N N 70  
GLN N   H    sing N N 71  
GLN N   H2   sing N N 72  
GLN CA  C    sing N N 73  
GLN CA  CB   sing N N 74  
GLN CA  HA   sing N N 75  
GLN C   O    doub N N 76  
GLN C   OXT  sing N N 77  
GLN CB  CG   sing N N 78  
GLN CB  HB2  sing N N 79  
GLN CB  HB3  sing N N 80  
GLN CG  CD   sing N N 81  
GLN CG  HG2  sing N N 82  
GLN CG  HG3  sing N N 83  
GLN CD  OE1  doub N N 84  
GLN CD  NE2  sing N N 85  
GLN NE2 HE21 sing N N 86  
GLN NE2 HE22 sing N N 87  
GLN OXT HXT  sing N N 88  
GLU N   CA   sing N N 89  
GLU N   H    sing N N 90  
GLU N   H2   sing N N 91  
GLU CA  C    sing N N 92  
GLU CA  CB   sing N N 93  
GLU CA  HA   sing N N 94  
GLU C   O    doub N N 95  
GLU C   OXT  sing N N 96  
GLU CB  CG   sing N N 97  
GLU CB  HB2  sing N N 98  
GLU CB  HB3  sing N N 99  
GLU CG  CD   sing N N 100 
GLU CG  HG2  sing N N 101 
GLU CG  HG3  sing N N 102 
GLU CD  OE1  doub N N 103 
GLU CD  OE2  sing N N 104 
GLU OE2 HE2  sing N N 105 
GLU OXT HXT  sing N N 106 
GLY N   CA   sing N N 107 
GLY N   H    sing N N 108 
GLY N   H2   sing N N 109 
GLY CA  C    sing N N 110 
GLY CA  HA2  sing N N 111 
GLY CA  HA3  sing N N 112 
GLY C   O    doub N N 113 
GLY C   OXT  sing N N 114 
GLY OXT HXT  sing N N 115 
HIS N   CA   sing N N 116 
HIS N   H    sing N N 117 
HIS N   H2   sing N N 118 
HIS CA  C    sing N N 119 
HIS CA  CB   sing N N 120 
HIS CA  HA   sing N N 121 
HIS C   O    doub N N 122 
HIS C   OXT  sing N N 123 
HIS CB  CG   sing N N 124 
HIS CB  HB2  sing N N 125 
HIS CB  HB3  sing N N 126 
HIS CG  ND1  sing Y N 127 
HIS CG  CD2  doub Y N 128 
HIS ND1 CE1  doub Y N 129 
HIS ND1 HD1  sing N N 130 
HIS CD2 NE2  sing Y N 131 
HIS CD2 HD2  sing N N 132 
HIS CE1 NE2  sing Y N 133 
HIS CE1 HE1  sing N N 134 
HIS NE2 HE2  sing N N 135 
HIS OXT HXT  sing N N 136 
ILE N   CA   sing N N 137 
ILE N   H    sing N N 138 
ILE N   H2   sing N N 139 
ILE CA  C    sing N N 140 
ILE CA  CB   sing N N 141 
ILE CA  HA   sing N N 142 
ILE C   O    doub N N 143 
ILE C   OXT  sing N N 144 
ILE CB  CG1  sing N N 145 
ILE CB  CG2  sing N N 146 
ILE CB  HB   sing N N 147 
ILE CG1 CD1  sing N N 148 
ILE CG1 HG12 sing N N 149 
ILE CG1 HG13 sing N N 150 
ILE CG2 HG21 sing N N 151 
ILE CG2 HG22 sing N N 152 
ILE CG2 HG23 sing N N 153 
ILE CD1 HD11 sing N N 154 
ILE CD1 HD12 sing N N 155 
ILE CD1 HD13 sing N N 156 
ILE OXT HXT  sing N N 157 
LEU N   CA   sing N N 158 
LEU N   H    sing N N 159 
LEU N   H2   sing N N 160 
LEU CA  C    sing N N 161 
LEU CA  CB   sing N N 162 
LEU CA  HA   sing N N 163 
LEU C   O    doub N N 164 
LEU C   OXT  sing N N 165 
LEU CB  CG   sing N N 166 
LEU CB  HB2  sing N N 167 
LEU CB  HB3  sing N N 168 
LEU CG  CD1  sing N N 169 
LEU CG  CD2  sing N N 170 
LEU CG  HG   sing N N 171 
LEU CD1 HD11 sing N N 172 
LEU CD1 HD12 sing N N 173 
LEU CD1 HD13 sing N N 174 
LEU CD2 HD21 sing N N 175 
LEU CD2 HD22 sing N N 176 
LEU CD2 HD23 sing N N 177 
LEU OXT HXT  sing N N 178 
LYS N   CA   sing N N 179 
LYS N   H    sing N N 180 
LYS N   H2   sing N N 181 
LYS CA  C    sing N N 182 
LYS CA  CB   sing N N 183 
LYS CA  HA   sing N N 184 
LYS C   O    doub N N 185 
LYS C   OXT  sing N N 186 
LYS CB  CG   sing N N 187 
LYS CB  HB2  sing N N 188 
LYS CB  HB3  sing N N 189 
LYS CG  CD   sing N N 190 
LYS CG  HG2  sing N N 191 
LYS CG  HG3  sing N N 192 
LYS CD  CE   sing N N 193 
LYS CD  HD2  sing N N 194 
LYS CD  HD3  sing N N 195 
LYS CE  NZ   sing N N 196 
LYS CE  HE2  sing N N 197 
LYS CE  HE3  sing N N 198 
LYS NZ  HZ1  sing N N 199 
LYS NZ  HZ2  sing N N 200 
LYS NZ  HZ3  sing N N 201 
LYS OXT HXT  sing N N 202 
MET N   CA   sing N N 203 
MET N   H    sing N N 204 
MET N   H2   sing N N 205 
MET CA  C    sing N N 206 
MET CA  CB   sing N N 207 
MET CA  HA   sing N N 208 
MET C   O    doub N N 209 
MET C   OXT  sing N N 210 
MET CB  CG   sing N N 211 
MET CB  HB2  sing N N 212 
MET CB  HB3  sing N N 213 
MET CG  SD   sing N N 214 
MET CG  HG2  sing N N 215 
MET CG  HG3  sing N N 216 
MET SD  CE   sing N N 217 
MET CE  HE1  sing N N 218 
MET CE  HE2  sing N N 219 
MET CE  HE3  sing N N 220 
MET OXT HXT  sing N N 221 
PHE N   CA   sing N N 222 
PHE N   H    sing N N 223 
PHE N   H2   sing N N 224 
PHE CA  C    sing N N 225 
PHE CA  CB   sing N N 226 
PHE CA  HA   sing N N 227 
PHE C   O    doub N N 228 
PHE C   OXT  sing N N 229 
PHE CB  CG   sing N N 230 
PHE CB  HB2  sing N N 231 
PHE CB  HB3  sing N N 232 
PHE CG  CD1  doub Y N 233 
PHE CG  CD2  sing Y N 234 
PHE CD1 CE1  sing Y N 235 
PHE CD1 HD1  sing N N 236 
PHE CD2 CE2  doub Y N 237 
PHE CD2 HD2  sing N N 238 
PHE CE1 CZ   doub Y N 239 
PHE CE1 HE1  sing N N 240 
PHE CE2 CZ   sing Y N 241 
PHE CE2 HE2  sing N N 242 
PHE CZ  HZ   sing N N 243 
PHE OXT HXT  sing N N 244 
PRO N   CA   sing N N 245 
PRO N   CD   sing N N 246 
PRO N   H    sing N N 247 
PRO CA  C    sing N N 248 
PRO CA  CB   sing N N 249 
PRO CA  HA   sing N N 250 
PRO C   O    doub N N 251 
PRO C   OXT  sing N N 252 
PRO CB  CG   sing N N 253 
PRO CB  HB2  sing N N 254 
PRO CB  HB3  sing N N 255 
PRO CG  CD   sing N N 256 
PRO CG  HG2  sing N N 257 
PRO CG  HG3  sing N N 258 
PRO CD  HD2  sing N N 259 
PRO CD  HD3  sing N N 260 
PRO OXT HXT  sing N N 261 
SER N   CA   sing N N 262 
SER N   H    sing N N 263 
SER N   H2   sing N N 264 
SER CA  C    sing N N 265 
SER CA  CB   sing N N 266 
SER CA  HA   sing N N 267 
SER C   O    doub N N 268 
SER C   OXT  sing N N 269 
SER CB  OG   sing N N 270 
SER CB  HB2  sing N N 271 
SER CB  HB3  sing N N 272 
SER OG  HG   sing N N 273 
SER OXT HXT  sing N N 274 
THR N   CA   sing N N 275 
THR N   H    sing N N 276 
THR N   H2   sing N N 277 
THR CA  C    sing N N 278 
THR CA  CB   sing N N 279 
THR CA  HA   sing N N 280 
THR C   O    doub N N 281 
THR C   OXT  sing N N 282 
THR CB  OG1  sing N N 283 
THR CB  CG2  sing N N 284 
THR CB  HB   sing N N 285 
THR OG1 HG1  sing N N 286 
THR CG2 HG21 sing N N 287 
THR CG2 HG22 sing N N 288 
THR CG2 HG23 sing N N 289 
THR OXT HXT  sing N N 290 
VAL N   CA   sing N N 291 
VAL N   H    sing N N 292 
VAL N   H2   sing N N 293 
VAL CA  C    sing N N 294 
VAL CA  CB   sing N N 295 
VAL CA  HA   sing N N 296 
VAL C   O    doub N N 297 
VAL C   OXT  sing N N 298 
VAL CB  CG1  sing N N 299 
VAL CB  CG2  sing N N 300 
VAL CB  HB   sing N N 301 
VAL CG1 HG11 sing N N 302 
VAL CG1 HG12 sing N N 303 
VAL CG1 HG13 sing N N 304 
VAL CG2 HG21 sing N N 305 
VAL CG2 HG22 sing N N 306 
VAL CG2 HG23 sing N N 307 
VAL OXT HXT  sing N N 308 
# 
_atom_sites.entry_id                    1PKP 
_atom_sites.fract_transf_matrix[1][1]   0.00261703 
_atom_sites.fract_transf_matrix[1][2]   0.00245719 
_atom_sites.fract_transf_matrix[1][3]   0.01913802 
_atom_sites.fract_transf_matrix[2][1]   -0.01539417 
_atom_sites.fract_transf_matrix[2][2]   0.00201705 
_atom_sites.fract_transf_matrix[2][3]   0.01175201 
_atom_sites.fract_transf_matrix[3][1]   -0.00026974 
_atom_sites.fract_transf_matrix[3][2]   -0.00902416 
_atom_sites.fract_transf_matrix[3][3]   0.00119552 
_atom_sites.fract_transf_vector[1]      0.365730 
_atom_sites.fract_transf_vector[2]      -0.055258 
_atom_sites.fract_transf_vector[3]      0.024468 
# 
loop_
_atom_type.symbol 
C 
N 
O 
S 
# 
loop_
_atom_site.group_PDB 
_atom_site.id 
_atom_site.type_symbol 
_atom_site.label_atom_id 
_atom_site.label_alt_id 
_atom_site.label_comp_id 
_atom_site.label_asym_id 
_atom_site.label_entity_id 
_atom_site.label_seq_id 
_atom_site.pdbx_PDB_ins_code 
_atom_site.Cartn_x 
_atom_site.Cartn_y 
_atom_site.Cartn_z 
_atom_site.occupancy 
_atom_site.B_iso_or_equiv 
_atom_site.pdbx_formal_charge 
_atom_site.auth_seq_id 
_atom_site.auth_comp_id 
_atom_site.auth_asym_id 
_atom_site.auth_atom_id 
_atom_site.pdbx_PDB_model_num 
ATOM 1    N N   . ILE A 1 4   ? -9.722  5.230   -12.844 1.00 56.18 ? 4   ILE A N   1 
ATOM 2    C CA  . ILE A 1 4   ? -8.812  4.574   -13.768 1.00 55.29 ? 4   ILE A CA  1 
ATOM 3    C C   . ILE A 1 4   ? -9.484  3.225   -14.028 1.00 56.13 ? 4   ILE A C   1 
ATOM 4    O O   . ILE A 1 4   ? -10.093 2.747   -13.072 1.00 56.93 ? 4   ILE A O   1 
ATOM 5    C CB  . ILE A 1 4   ? -7.472  4.477   -13.040 1.00 52.63 ? 4   ILE A CB  1 
ATOM 6    C CG1 . ILE A 1 4   ? -6.914  5.900   -12.902 1.00 48.66 ? 4   ILE A CG1 1 
ATOM 7    C CG2 . ILE A 1 4   ? -6.551  3.487   -13.768 1.00 50.24 ? 4   ILE A CG2 1 
ATOM 8    C CD1 . ILE A 1 4   ? -5.785  6.085   -11.895 1.00 42.67 ? 4   ILE A CD1 1 
ATOM 9    N N   . ASN A 1 5   ? -9.464  2.594   -15.201 1.00 56.68 ? 5   ASN A N   1 
ATOM 10   C CA  . ASN A 1 5   ? -10.202 1.346   -15.366 1.00 58.20 ? 5   ASN A CA  1 
ATOM 11   C C   . ASN A 1 5   ? -9.301  0.142   -15.107 1.00 59.63 ? 5   ASN A C   1 
ATOM 12   O O   . ASN A 1 5   ? -8.444  -0.134  -15.956 1.00 61.11 ? 5   ASN A O   1 
ATOM 13   C CB  . ASN A 1 5   ? -10.782 1.238   -16.778 1.00 58.56 ? 5   ASN A CB  1 
ATOM 14   C CG  . ASN A 1 5   ? -11.326 -0.147  -17.106 1.00 59.51 ? 5   ASN A CG  1 
ATOM 15   O OD1 . ASN A 1 5   ? -11.695 -0.964  -16.252 1.00 59.55 ? 5   ASN A OD1 1 
ATOM 16   N ND2 . ASN A 1 5   ? -11.341 -0.468  -18.386 1.00 60.66 ? 5   ASN A ND2 1 
ATOM 17   N N   . PRO A 1 6   ? -9.489  -0.606  -14.003 1.00 58.81 ? 6   PRO A N   1 
ATOM 18   C CA  . PRO A 1 6   ? -8.646  -1.705  -13.571 1.00 57.34 ? 6   PRO A CA  1 
ATOM 19   C C   . PRO A 1 6   ? -8.448  -2.737  -14.656 1.00 58.02 ? 6   PRO A C   1 
ATOM 20   O O   . PRO A 1 6   ? -7.348  -3.246  -14.875 1.00 58.85 ? 6   PRO A O   1 
ATOM 21   C CB  . PRO A 1 6   ? -9.346  -2.283  -12.376 1.00 57.88 ? 6   PRO A CB  1 
ATOM 22   C CG  . PRO A 1 6   ? -10.125 -1.124  -11.841 1.00 55.70 ? 6   PRO A CG  1 
ATOM 23   C CD  . PRO A 1 6   ? -10.636 -0.484  -13.103 1.00 57.86 ? 6   PRO A CD  1 
ATOM 24   N N   . ASN A 1 7   ? -9.510  -2.973  -15.408 1.00 59.29 ? 7   ASN A N   1 
ATOM 25   C CA  . ASN A 1 7   ? -9.505  -4.014  -16.421 1.00 62.80 ? 7   ASN A CA  1 
ATOM 26   C C   . ASN A 1 7   ? -8.606  -3.801  -17.629 1.00 62.30 ? 7   ASN A C   1 
ATOM 27   O O   . ASN A 1 7   ? -8.408  -4.721  -18.432 1.00 63.42 ? 7   ASN A O   1 
ATOM 28   C CB  . ASN A 1 7   ? -10.957 -4.237  -16.848 1.00 66.68 ? 7   ASN A CB  1 
ATOM 29   C CG  . ASN A 1 7   ? -11.708 -4.926  -15.716 1.00 70.78 ? 7   ASN A CG  1 
ATOM 30   O OD1 . ASN A 1 7   ? -11.687 -4.474  -14.570 1.00 74.85 ? 7   ASN A OD1 1 
ATOM 31   N ND2 . ASN A 1 7   ? -12.361 -6.064  -15.917 1.00 74.06 ? 7   ASN A ND2 1 
ATOM 32   N N   . LYS A 1 8   ? -8.076  -2.577  -17.752 1.00 60.49 ? 8   LYS A N   1 
ATOM 33   C CA  . LYS A 1 8   ? -7.123  -2.203  -18.789 1.00 59.25 ? 8   LYS A CA  1 
ATOM 34   C C   . LYS A 1 8   ? -5.671  -2.342  -18.312 1.00 56.29 ? 8   LYS A C   1 
ATOM 35   O O   . LYS A 1 8   ? -4.710  -2.181  -19.085 1.00 53.51 ? 8   LYS A O   1 
ATOM 36   C CB  . LYS A 1 8   ? -7.367  -0.747  -19.216 1.00 63.58 ? 8   LYS A CB  1 
ATOM 37   C CG  . LYS A 1 8   ? -8.609  -0.540  -20.079 1.00 67.90 ? 8   LYS A CG  1 
ATOM 38   C CD  . LYS A 1 8   ? -8.651  0.912   -20.534 1.00 71.80 ? 8   LYS A CD  1 
ATOM 39   C CE  . LYS A 1 8   ? -9.680  1.186   -21.639 1.00 74.54 ? 8   LYS A CE  1 
ATOM 40   N NZ  . LYS A 1 8   ? -11.050 1.261   -21.152 1.00 77.40 ? 8   LYS A NZ  1 
ATOM 41   N N   . LEU A 1 9   ? -5.506  -2.657  -17.019 1.00 52.28 ? 9   LEU A N   1 
ATOM 42   C CA  . LEU A 1 9   ? -4.216  -2.691  -16.371 1.00 46.52 ? 9   LEU A CA  1 
ATOM 43   C C   . LEU A 1 9   ? -3.920  -4.121  -15.975 1.00 44.75 ? 9   LEU A C   1 
ATOM 44   O O   . LEU A 1 9   ? -4.828  -4.885  -15.644 1.00 43.92 ? 9   LEU A O   1 
ATOM 45   C CB  . LEU A 1 9   ? -4.277  -1.810  -15.138 1.00 44.54 ? 9   LEU A CB  1 
ATOM 46   C CG  . LEU A 1 9   ? -4.669  -0.339  -15.254 1.00 41.56 ? 9   LEU A CG  1 
ATOM 47   C CD1 . LEU A 1 9   ? -4.944  0.255   -13.896 1.00 39.25 ? 9   LEU A CD1 1 
ATOM 48   C CD2 . LEU A 1 9   ? -3.539  0.425   -15.896 1.00 42.58 ? 9   LEU A CD2 1 
ATOM 49   N N   . GLU A 1 10  ? -2.655  -4.528  -15.969 1.00 43.43 ? 10  GLU A N   1 
ATOM 50   C CA  . GLU A 1 10  ? -2.311  -5.854  -15.477 1.00 40.86 ? 10  GLU A CA  1 
ATOM 51   C C   . GLU A 1 10  ? -1.877  -5.517  -14.066 1.00 35.63 ? 10  GLU A C   1 
ATOM 52   O O   . GLU A 1 10  ? -0.879  -4.816  -13.874 1.00 32.25 ? 10  GLU A O   1 
ATOM 53   C CB  . GLU A 1 10  ? -1.140  -6.441  -16.256 1.00 50.42 ? 10  GLU A CB  1 
ATOM 54   C CG  . GLU A 1 10  ? -1.320  -7.895  -16.727 1.00 60.65 ? 10  GLU A CG  1 
ATOM 55   C CD  . GLU A 1 10  ? -2.366  -8.020  -17.830 1.00 65.93 ? 10  GLU A CD  1 
ATOM 56   O OE1 . GLU A 1 10  ? -2.061  -7.633  -18.963 1.00 67.95 ? 10  GLU A OE1 1 
ATOM 57   O OE2 . GLU A 1 10  ? -3.478  -8.484  -17.548 1.00 67.97 ? 10  GLU A OE2 1 
ATOM 58   N N   . LEU A 1 11  ? -2.631  -5.942  -13.070 1.00 30.59 ? 11  LEU A N   1 
ATOM 59   C CA  . LEU A 1 11  ? -2.327  -5.551  -11.705 1.00 29.14 ? 11  LEU A CA  1 
ATOM 60   C C   . LEU A 1 11  ? -1.769  -6.711  -10.865 1.00 29.75 ? 11  LEU A C   1 
ATOM 61   O O   . LEU A 1 11  ? -2.251  -7.843  -10.924 1.00 34.50 ? 11  LEU A O   1 
ATOM 62   C CB  . LEU A 1 11  ? -3.630  -4.939  -11.090 1.00 22.52 ? 11  LEU A CB  1 
ATOM 63   C CG  . LEU A 1 11  ? -4.283  -3.612  -11.632 1.00 20.38 ? 11  LEU A CG  1 
ATOM 64   C CD1 . LEU A 1 11  ? -5.466  -3.241  -10.808 1.00 21.98 ? 11  LEU A CD1 1 
ATOM 65   C CD2 . LEU A 1 11  ? -3.414  -2.398  -11.413 1.00 16.99 ? 11  LEU A CD2 1 
ATOM 66   N N   . GLU A 1 12  ? -0.673  -6.491  -10.137 1.00 29.11 ? 12  GLU A N   1 
ATOM 67   C CA  . GLU A 1 12  ? -0.066  -7.427  -9.192  1.00 25.15 ? 12  GLU A CA  1 
ATOM 68   C C   . GLU A 1 12  ? -0.804  -7.283  -7.867  1.00 24.52 ? 12  GLU A C   1 
ATOM 69   O O   . GLU A 1 12  ? -1.075  -6.145  -7.496  1.00 29.21 ? 12  GLU A O   1 
ATOM 70   C CB  . GLU A 1 12  ? 1.361   -7.057  -8.981  1.00 21.95 ? 12  GLU A CB  1 
ATOM 71   C CG  . GLU A 1 12  ? 1.984   -8.006  -8.024  1.00 22.89 ? 12  GLU A CG  1 
ATOM 72   C CD  . GLU A 1 12  ? 3.465   -7.816  -7.847  1.00 29.69 ? 12  GLU A CD  1 
ATOM 73   O OE1 . GLU A 1 12  ? 4.140   -7.148  -8.641  1.00 31.72 ? 12  GLU A OE1 1 
ATOM 74   O OE2 . GLU A 1 12  ? 3.947   -8.370  -6.864  1.00 34.65 ? 12  GLU A OE2 1 
ATOM 75   N N   . GLU A 1 13  ? -1.100  -8.331  -7.104  1.00 24.52 ? 13  GLU A N   1 
ATOM 76   C CA  . GLU A 1 13  ? -1.866  -8.241  -5.870  1.00 21.36 ? 13  GLU A CA  1 
ATOM 77   C C   . GLU A 1 13  ? -0.996  -8.756  -4.773  1.00 20.77 ? 13  GLU A C   1 
ATOM 78   O O   . GLU A 1 13  ? -0.530  -9.896  -4.873  1.00 21.99 ? 13  GLU A O   1 
ATOM 79   C CB  . GLU A 1 13  ? -3.100  -9.115  -5.882  1.00 19.95 ? 13  GLU A CB  1 
ATOM 80   C CG  . GLU A 1 13  ? -3.821  -8.866  -7.172  1.00 20.25 ? 13  GLU A CG  1 
ATOM 81   C CD  . GLU A 1 13  ? -4.819  -9.886  -7.642  1.00 23.55 ? 13  GLU A CD  1 
ATOM 82   O OE1 . GLU A 1 13  ? -4.861  -11.007 -7.147  1.00 24.51 ? 13  GLU A OE1 1 
ATOM 83   O OE2 . GLU A 1 13  ? -5.565  -9.527  -8.549  1.00 32.54 ? 13  GLU A OE2 1 
ATOM 84   N N   . ARG A 1 14  ? -0.750  -7.919  -3.764  1.00 21.78 ? 14  ARG A N   1 
ATOM 85   C CA  . ARG A 1 14  ? -0.036  -8.341  -2.563  1.00 20.93 ? 14  ARG A CA  1 
ATOM 86   C C   . ARG A 1 14  ? -0.948  -8.277  -1.348  1.00 20.25 ? 14  ARG A C   1 
ATOM 87   O O   . ARG A 1 14  ? -1.811  -7.401  -1.249  1.00 20.07 ? 14  ARG A O   1 
ATOM 88   C CB  . ARG A 1 14  ? 1.163   -7.460  -2.312  1.00 18.23 ? 14  ARG A CB  1 
ATOM 89   C CG  . ARG A 1 14  ? 2.044   -7.549  -3.518  1.00 21.63 ? 14  ARG A CG  1 
ATOM 90   C CD  . ARG A 1 14  ? 3.410   -7.153  -3.111  1.00 24.68 ? 14  ARG A CD  1 
ATOM 91   N NE  . ARG A 1 14  ? 4.270   -6.850  -4.232  1.00 27.08 ? 14  ARG A NE  1 
ATOM 92   C CZ  . ARG A 1 14  ? 5.443   -6.263  -4.007  1.00 30.44 ? 14  ARG A CZ  1 
ATOM 93   N NH1 . ARG A 1 14  ? 5.852   -5.951  -2.758  1.00 34.60 ? 14  ARG A NH1 1 
ATOM 94   N NH2 . ARG A 1 14  ? 6.180   -5.955  -5.053  1.00 28.18 ? 14  ARG A NH2 1 
ATOM 95   N N   . VAL A 1 15  ? -0.756  -9.206  -0.414  1.00 21.68 ? 15  VAL A N   1 
ATOM 96   C CA  . VAL A 1 15  ? -1.505  -9.286  0.838   1.00 19.02 ? 15  VAL A CA  1 
ATOM 97   C C   . VAL A 1 15  ? -0.541  -8.715  1.889   1.00 19.39 ? 15  VAL A C   1 
ATOM 98   O O   . VAL A 1 15  ? 0.529   -9.280  2.084   1.00 16.78 ? 15  VAL A O   1 
ATOM 99   C CB  . VAL A 1 15  ? -1.851  -10.766 1.095   1.00 16.64 ? 15  VAL A CB  1 
ATOM 100  C CG1 . VAL A 1 15  ? -2.613  -11.005 2.397   1.00 15.21 ? 15  VAL A CG1 1 
ATOM 101  C CG2 . VAL A 1 15  ? -2.686  -11.193 -0.074  1.00 12.87 ? 15  VAL A CG2 1 
ATOM 102  N N   . VAL A 1 16  ? -0.858  -7.589  2.551   1.00 19.92 ? 16  VAL A N   1 
ATOM 103  C CA  . VAL A 1 16  ? 0.024   -6.923  3.514   1.00 21.19 ? 16  VAL A CA  1 
ATOM 104  C C   . VAL A 1 16  ? -0.234  -7.322  4.965   1.00 22.36 ? 16  VAL A C   1 
ATOM 105  O O   . VAL A 1 16  ? 0.707   -7.339  5.762   1.00 20.98 ? 16  VAL A O   1 
ATOM 106  C CB  . VAL A 1 16  ? -0.119  -5.372  3.367   1.00 20.82 ? 16  VAL A CB  1 
ATOM 107  C CG1 . VAL A 1 16  ? 0.751   -4.662  4.383   1.00 21.53 ? 16  VAL A CG1 1 
ATOM 108  C CG2 . VAL A 1 16  ? 0.400   -4.910  2.007   1.00 22.81 ? 16  VAL A CG2 1 
ATOM 109  N N   . ALA A 1 17  ? -1.521  -7.562  5.293   1.00 20.74 ? 17  ALA A N   1 
ATOM 110  C CA  . ALA A 1 17  ? -1.960  -7.990  6.615   1.00 19.26 ? 17  ALA A CA  1 
ATOM 111  C C   . ALA A 1 17  ? -3.207  -8.846  6.566   1.00 17.85 ? 17  ALA A C   1 
ATOM 112  O O   . ALA A 1 17  ? -4.036  -8.684  5.666   1.00 20.08 ? 17  ALA A O   1 
ATOM 113  C CB  . ALA A 1 17  ? -2.291  -6.807  7.489   1.00 17.00 ? 17  ALA A CB  1 
ATOM 114  N N   . VAL A 1 18  ? -3.326  -9.770  7.512   1.00 20.54 ? 18  VAL A N   1 
ATOM 115  C CA  . VAL A 1 18  ? -4.519  -10.584 7.732   1.00 22.34 ? 18  VAL A CA  1 
ATOM 116  C C   . VAL A 1 18  ? -4.722  -10.646 9.245   1.00 24.29 ? 18  VAL A C   1 
ATOM 117  O O   . VAL A 1 18  ? -3.841  -11.098 10.001  1.00 22.08 ? 18  VAL A O   1 
ATOM 118  C CB  . VAL A 1 18  ? -4.394  -12.061 7.232   1.00 20.50 ? 18  VAL A CB  1 
ATOM 119  C CG1 . VAL A 1 18  ? -5.667  -12.832 7.490   1.00 15.75 ? 18  VAL A CG1 1 
ATOM 120  C CG2 . VAL A 1 18  ? -4.203  -12.088 5.731   1.00 22.88 ? 18  VAL A CG2 1 
ATOM 121  N N   . ASN A 1 19  ? -5.907  -10.248 9.671   1.00 25.68 ? 19  ASN A N   1 
ATOM 122  C CA  . ASN A 1 19  ? -6.283  -10.290 11.059  1.00 28.47 ? 19  ASN A CA  1 
ATOM 123  C C   . ASN A 1 19  ? -7.426  -11.246 11.365  1.00 29.20 ? 19  ASN A C   1 
ATOM 124  O O   . ASN A 1 19  ? -8.368  -11.395 10.591  1.00 26.45 ? 19  ASN A O   1 
ATOM 125  C CB  . ASN A 1 19  ? -6.725  -8.927  11.547  1.00 30.20 ? 19  ASN A CB  1 
ATOM 126  C CG  . ASN A 1 19  ? -5.591  -7.949  11.753  1.00 32.73 ? 19  ASN A CG  1 
ATOM 127  O OD1 . ASN A 1 19  ? -4.404  -8.270  11.825  1.00 35.41 ? 19  ASN A OD1 1 
ATOM 128  N ND2 . ASN A 1 19  ? -5.911  -6.674  11.857  1.00 37.15 ? 19  ASN A ND2 1 
ATOM 129  N N   . ARG A 1 20  ? -7.146  -11.913 12.488  1.00 35.11 ? 20  ARG A N   1 
ATOM 130  C CA  . ARG A 1 20  ? -7.936  -12.717 13.426  1.00 37.18 ? 20  ARG A CA  1 
ATOM 131  C C   . ARG A 1 20  ? -8.131  -14.224 13.592  1.00 40.50 ? 20  ARG A C   1 
ATOM 132  O O   . ARG A 1 20  ? -8.781  -15.010 12.905  1.00 41.71 ? 20  ARG A O   1 
ATOM 133  C CB  . ARG A 1 20  ? -9.333  -12.210 13.466  1.00 33.59 ? 20  ARG A CB  1 
ATOM 134  C CG  . ARG A 1 20  ? -9.617  -12.002 14.911  1.00 31.35 ? 20  ARG A CG  1 
ATOM 135  C CD  . ARG A 1 20  ? -11.051 -12.542 15.061  1.00 37.48 ? 20  ARG A CD  1 
ATOM 136  N NE  . ARG A 1 20  ? -11.896 -11.585 15.716  1.00 36.89 ? 20  ARG A NE  1 
ATOM 137  C CZ  . ARG A 1 20  ? -12.122 -10.392 15.174  1.00 38.40 ? 20  ARG A CZ  1 
ATOM 138  N NH1 . ARG A 1 20  ? -11.620 -9.988  13.995  1.00 39.28 ? 20  ARG A NH1 1 
ATOM 139  N NH2 . ARG A 1 20  ? -12.787 -9.521  15.911  1.00 43.66 ? 20  ARG A NH2 1 
ATOM 140  N N   . VAL A 1 21  ? -7.661  -14.467 14.814  1.00 44.62 ? 21  VAL A N   1 
ATOM 141  C CA  . VAL A 1 21  ? -7.758  -15.686 15.635  1.00 42.12 ? 21  VAL A CA  1 
ATOM 142  C C   . VAL A 1 21  ? -6.883  -15.139 16.784  1.00 44.26 ? 21  VAL A C   1 
ATOM 143  O O   . VAL A 1 21  ? -7.354  -14.221 17.487  1.00 39.17 ? 21  VAL A O   1 
ATOM 144  C CB  . VAL A 1 21  ? -7.197  -16.868 14.840  1.00 39.05 ? 21  VAL A CB  1 
ATOM 145  C CG1 . VAL A 1 21  ? -6.599  -18.004 15.659  1.00 35.81 ? 21  VAL A CG1 1 
ATOM 146  C CG2 . VAL A 1 21  ? -8.414  -17.432 14.169  1.00 33.88 ? 21  VAL A CG2 1 
ATOM 147  N N   . ALA A 1 22  ? -5.605  -15.510 16.954  1.00 43.49 ? 22  ALA A N   1 
ATOM 148  C CA  . ALA A 1 22  ? -4.700  -14.860 17.861  1.00 42.35 ? 22  ALA A CA  1 
ATOM 149  C C   . ALA A 1 22  ? -4.375  -13.561 17.074  1.00 45.60 ? 22  ALA A C   1 
ATOM 150  O O   . ALA A 1 22  ? -3.307  -13.364 16.498  1.00 50.81 ? 22  ALA A O   1 
ATOM 151  C CB  . ALA A 1 22  ? -3.499  -15.745 17.995  1.00 41.35 ? 22  ALA A CB  1 
ATOM 152  N N   . LYS A 1 23  ? -5.360  -12.657 17.026  1.00 44.15 ? 23  LYS A N   1 
ATOM 153  C CA  . LYS A 1 23  ? -5.416  -11.405 16.316  1.00 36.61 ? 23  LYS A CA  1 
ATOM 154  C C   . LYS A 1 23  ? -4.601  -11.156 15.032  1.00 35.95 ? 23  LYS A C   1 
ATOM 155  O O   . LYS A 1 23  ? -5.180  -11.162 13.947  1.00 34.72 ? 23  LYS A O   1 
ATOM 156  C CB  . LYS A 1 23  ? -5.125  -10.343 17.347  1.00 33.56 ? 23  LYS A CB  1 
ATOM 157  C CG  . LYS A 1 23  ? -6.066  -10.116 18.501  1.00 23.59 ? 23  LYS A CG  1 
ATOM 158  C CD  . LYS A 1 23  ? -7.545  -10.070 18.186  1.00 29.88 ? 23  LYS A CD  1 
ATOM 159  C CE  . LYS A 1 23  ? -8.250  -8.729  18.380  1.00 29.84 ? 23  LYS A CE  1 
ATOM 160  N NZ  . LYS A 1 23  ? -8.081  -7.878  17.205  1.00 32.47 ? 23  LYS A NZ  1 
ATOM 161  N N   . VAL A 1 24  ? -3.300  -11.013 15.003  1.00 30.82 ? 24  VAL A N   1 
ATOM 162  C CA  . VAL A 1 24  ? -2.606  -10.629 13.780  1.00 30.57 ? 24  VAL A CA  1 
ATOM 163  C C   . VAL A 1 24  ? -2.006  -11.864 13.143  1.00 28.67 ? 24  VAL A C   1 
ATOM 164  O O   . VAL A 1 24  ? -0.955  -12.322 13.574  1.00 28.95 ? 24  VAL A O   1 
ATOM 165  C CB  . VAL A 1 24  ? -1.572  -9.550  14.210  1.00 37.05 ? 24  VAL A CB  1 
ATOM 166  C CG1 . VAL A 1 24  ? -1.003  -9.923  15.657  1.00 40.74 ? 24  VAL A CG1 1 
ATOM 167  C CG2 . VAL A 1 24  ? -0.529  -9.342  13.052  1.00 37.82 ? 24  VAL A CG2 1 
ATOM 168  N N   . VAL A 1 25  ? -2.612  -12.478 12.131  1.00 28.54 ? 25  VAL A N   1 
ATOM 169  C CA  . VAL A 1 25  ? -2.067  -13.749 11.681  1.00 28.30 ? 25  VAL A CA  1 
ATOM 170  C C   . VAL A 1 25  ? -1.101  -13.571 10.534  1.00 31.48 ? 25  VAL A C   1 
ATOM 171  O O   . VAL A 1 25  ? -0.051  -14.169 10.406  1.00 27.67 ? 25  VAL A O   1 
ATOM 172  C CB  . VAL A 1 25  ? -3.199  -14.824 11.255  1.00 25.73 ? 25  VAL A CB  1 
ATOM 173  C CG1 . VAL A 1 25  ? -3.968  -15.173 12.507  1.00 24.68 ? 25  VAL A CG1 1 
ATOM 174  C CG2 . VAL A 1 25  ? -4.264  -14.375 10.336  1.00 24.59 ? 25  VAL A CG2 1 
ATOM 175  N N   . LYS A 1 26  ? -1.476  -12.601 9.747   1.00 39.63 ? 26  LYS A N   1 
ATOM 176  C CA  . LYS A 1 26  ? -1.005  -12.349 8.416   1.00 45.51 ? 26  LYS A CA  1 
ATOM 177  C C   . LYS A 1 26  ? -1.376  -13.522 7.495   1.00 55.36 ? 26  LYS A C   1 
ATOM 178  O O   . LYS A 1 26  ? -1.232  -13.332 6.296   1.00 58.95 ? 26  LYS A O   1 
ATOM 179  C CB  . LYS A 1 26  ? 0.444   -12.025 8.446   1.00 38.63 ? 26  LYS A CB  1 
ATOM 180  C CG  . LYS A 1 26  ? 0.370   -10.520 8.769   1.00 34.36 ? 26  LYS A CG  1 
ATOM 181  C CD  . LYS A 1 26  ? 1.805   -9.989  8.668   1.00 38.97 ? 26  LYS A CD  1 
ATOM 182  C CE  . LYS A 1 26  ? 2.058   -8.521  9.067   1.00 39.05 ? 26  LYS A CE  1 
ATOM 183  N NZ  . LYS A 1 26  ? 3.445   -8.120  8.857   1.00 33.67 ? 26  LYS A NZ  1 
ATOM 184  N N   . GLY A 1 27  ? -2.003  -14.652 7.974   1.00 59.33 ? 27  GLY A N   1 
ATOM 185  C CA  . GLY A 1 27  ? -2.739  -15.637 7.163   1.00 56.74 ? 27  GLY A CA  1 
ATOM 186  C C   . GLY A 1 27  ? -2.740  -17.006 7.846   1.00 57.64 ? 27  GLY A C   1 
ATOM 187  O O   . GLY A 1 27  ? -1.661  -17.613 8.018   1.00 46.92 ? 27  GLY A O   1 
ATOM 188  N N   . GLY A 1 28  ? -4.012  -17.406 8.222   1.00 61.89 ? 28  GLY A N   1 
ATOM 189  C CA  . GLY A 1 28  ? -4.350  -18.607 9.052   1.00 63.14 ? 28  GLY A CA  1 
ATOM 190  C C   . GLY A 1 28  ? -5.815  -19.130 9.161   1.00 63.36 ? 28  GLY A C   1 
ATOM 191  O O   . GLY A 1 28  ? -6.582  -19.129 8.179   1.00 61.32 ? 28  GLY A O   1 
ATOM 192  N N   . ARG A 1 29  ? -6.292  -19.576 10.353  1.00 66.22 ? 29  ARG A N   1 
ATOM 193  C CA  . ARG A 1 29  ? -7.624  -20.226 10.516  1.00 67.50 ? 29  ARG A CA  1 
ATOM 194  C C   . ARG A 1 29  ? -8.456  -20.079 11.823  1.00 66.72 ? 29  ARG A C   1 
ATOM 195  O O   . ARG A 1 29  ? -7.793  -20.022 12.852  1.00 66.84 ? 29  ARG A O   1 
ATOM 196  C CB  . ARG A 1 29  ? -7.454  -21.730 10.239  1.00 66.44 ? 29  ARG A CB  1 
ATOM 197  C CG  . ARG A 1 29  ? -6.551  -22.562 11.114  1.00 66.73 ? 29  ARG A CG  1 
ATOM 198  C CD  . ARG A 1 29  ? -5.095  -22.329 10.790  1.00 69.88 ? 29  ARG A CD  1 
ATOM 199  N NE  . ARG A 1 29  ? -4.197  -22.782 11.843  1.00 75.52 ? 29  ARG A NE  1 
ATOM 200  C CZ  . ARG A 1 29  ? -2.940  -22.302 11.951  1.00 79.55 ? 29  ARG A CZ  1 
ATOM 201  N NH1 . ARG A 1 29  ? -2.415  -21.383 11.111  1.00 79.22 ? 29  ARG A NH1 1 
ATOM 202  N NH2 . ARG A 1 29  ? -2.186  -22.746 12.955  1.00 78.93 ? 29  ARG A NH2 1 
ATOM 203  N N   . ARG A 1 30  ? -9.838  -20.016 11.804  1.00 66.48 ? 30  ARG A N   1 
ATOM 204  C CA  . ARG A 1 30  ? -10.892 -19.911 12.889  1.00 64.82 ? 30  ARG A CA  1 
ATOM 205  C C   . ARG A 1 30  ? -11.676 -18.661 13.471  1.00 61.61 ? 30  ARG A C   1 
ATOM 206  O O   . ARG A 1 30  ? -11.275 -18.092 14.499  1.00 57.24 ? 30  ARG A O   1 
ATOM 207  C CB  . ARG A 1 30  ? -10.403 -20.625 14.172  1.00 70.32 ? 30  ARG A CB  1 
ATOM 208  C CG  . ARG A 1 30  ? -10.342 -22.142 14.231  1.00 71.62 ? 30  ARG A CG  1 
ATOM 209  C CD  . ARG A 1 30  ? -9.517  -22.571 15.448  1.00 71.72 ? 30  ARG A CD  1 
ATOM 210  N NE  . ARG A 1 30  ? -8.059  -22.361 15.369  1.00 73.20 ? 30  ARG A NE  1 
ATOM 211  C CZ  . ARG A 1 30  ? -7.226  -23.020 14.523  1.00 72.70 ? 30  ARG A CZ  1 
ATOM 212  N NH1 . ARG A 1 30  ? -7.681  -23.928 13.641  1.00 70.11 ? 30  ARG A NH1 1 
ATOM 213  N NH2 . ARG A 1 30  ? -5.896  -22.832 14.616  1.00 66.91 ? 30  ARG A NH2 1 
ATOM 214  N N   . LEU A 1 31  ? -12.823 -18.248 12.844  1.00 57.13 ? 31  LEU A N   1 
ATOM 215  C CA  . LEU A 1 31  ? -13.931 -17.315 13.236  1.00 51.42 ? 31  LEU A CA  1 
ATOM 216  C C   . LEU A 1 31  ? -14.229 -16.047 12.448  1.00 48.35 ? 31  LEU A C   1 
ATOM 217  O O   . LEU A 1 31  ? -15.329 -16.043 11.902  1.00 49.55 ? 31  LEU A O   1 
ATOM 218  C CB  . LEU A 1 31  ? -13.871 -16.831 14.699  1.00 52.33 ? 31  LEU A CB  1 
ATOM 219  C CG  . LEU A 1 31  ? -15.102 -16.718 15.688  1.00 52.10 ? 31  LEU A CG  1 
ATOM 220  C CD1 . LEU A 1 31  ? -15.742 -15.367 15.486  1.00 57.64 ? 31  LEU A CD1 1 
ATOM 221  C CD2 . LEU A 1 31  ? -16.145 -17.827 15.505  1.00 53.13 ? 31  LEU A CD2 1 
ATOM 222  N N   . ARG A 1 32  ? -13.497 -14.945 12.302  1.00 44.70 ? 32  ARG A N   1 
ATOM 223  C CA  . ARG A 1 32  ? -13.903 -13.836 11.423  1.00 39.54 ? 32  ARG A CA  1 
ATOM 224  C C   . ARG A 1 32  ? -12.599 -13.201 10.929  1.00 35.40 ? 32  ARG A C   1 
ATOM 225  O O   . ARG A 1 32  ? -11.697 -13.029 11.756  1.00 35.97 ? 32  ARG A O   1 
ATOM 226  C CB  . ARG A 1 32  ? -14.721 -12.842 12.219  1.00 42.79 ? 32  ARG A CB  1 
ATOM 227  C CG  . ARG A 1 32  ? -15.374 -11.800 11.335  1.00 49.29 ? 32  ARG A CG  1 
ATOM 228  C CD  . ARG A 1 32  ? -16.885 -12.011 11.180  1.00 53.75 ? 32  ARG A CD  1 
ATOM 229  N NE  . ARG A 1 32  ? -17.376 -11.601 9.866   1.00 58.70 ? 32  ARG A NE  1 
ATOM 230  C CZ  . ARG A 1 32  ? -17.367 -10.337 9.402   1.00 62.13 ? 32  ARG A CZ  1 
ATOM 231  N NH1 . ARG A 1 32  ? -16.893 -9.297  10.113  1.00 63.29 ? 32  ARG A NH1 1 
ATOM 232  N NH2 . ARG A 1 32  ? -17.865 -10.111 8.177   1.00 63.35 ? 32  ARG A NH2 1 
ATOM 233  N N   . PHE A 1 33  ? -12.343 -12.794 9.689   1.00 29.36 ? 33  PHE A N   1 
ATOM 234  C CA  . PHE A 1 33  ? -10.994 -12.356 9.335   1.00 25.67 ? 33  PHE A CA  1 
ATOM 235  C C   . PHE A 1 33  ? -11.066 -11.067 8.563   1.00 23.82 ? 33  PHE A C   1 
ATOM 236  O O   . PHE A 1 33  ? -12.100 -10.842 7.931   1.00 22.85 ? 33  PHE A O   1 
ATOM 237  C CB  . PHE A 1 33  ? -10.277 -13.405 8.453   1.00 22.32 ? 33  PHE A CB  1 
ATOM 238  C CG  . PHE A 1 33  ? -10.095 -14.779 9.089   1.00 22.09 ? 33  PHE A CG  1 
ATOM 239  C CD1 . PHE A 1 33  ? -11.129 -15.702 9.073   1.00 21.57 ? 33  PHE A CD1 1 
ATOM 240  C CD2 . PHE A 1 33  ? -8.901  -15.104 9.710   1.00 22.12 ? 33  PHE A CD2 1 
ATOM 241  C CE1 . PHE A 1 33  ? -10.965 -16.927 9.679   1.00 20.38 ? 33  PHE A CE1 1 
ATOM 242  C CE2 . PHE A 1 33  ? -8.738  -16.336 10.315  1.00 19.93 ? 33  PHE A CE2 1 
ATOM 243  C CZ  . PHE A 1 33  ? -9.771  -17.237 10.297  1.00 22.27 ? 33  PHE A CZ  1 
ATOM 244  N N   . SER A 1 34  ? -10.048 -10.196 8.603   1.00 24.86 ? 34  SER A N   1 
ATOM 245  C CA  . SER A 1 34  ? -9.991  -9.041  7.698   1.00 26.06 ? 34  SER A CA  1 
ATOM 246  C C   . SER A 1 34  ? -8.657  -9.061  6.988   1.00 25.04 ? 34  SER A C   1 
ATOM 247  O O   . SER A 1 34  ? -7.660  -9.400  7.652   1.00 26.20 ? 34  SER A O   1 
ATOM 248  C CB  . SER A 1 34  ? -10.089 -7.694  8.396   1.00 23.52 ? 34  SER A CB  1 
ATOM 249  O OG  . SER A 1 34  ? -9.169  -7.666  9.471   1.00 37.14 ? 34  SER A OG  1 
ATOM 250  N N   . ALA A 1 35  ? -8.613  -8.780  5.674   1.00 25.02 ? 35  ALA A N   1 
ATOM 251  C CA  . ALA A 1 35  ? -7.340  -8.708  4.956   1.00 25.05 ? 35  ALA A CA  1 
ATOM 252  C C   . ALA A 1 35  ? -7.094  -7.286  4.441   1.00 24.62 ? 35  ALA A C   1 
ATOM 253  O O   . ALA A 1 35  ? -8.037  -6.516  4.231   1.00 22.07 ? 35  ALA A O   1 
ATOM 254  C CB  . ALA A 1 35  ? -7.338  -9.653  3.772   1.00 20.86 ? 35  ALA A CB  1 
ATOM 255  N N   . LEU A 1 36  ? -5.831  -6.893  4.285   1.00 22.93 ? 36  LEU A N   1 
ATOM 256  C CA  . LEU A 1 36  ? -5.437  -5.623  3.716   1.00 20.46 ? 36  LEU A CA  1 
ATOM 257  C C   . LEU A 1 36  ? -4.627  -6.075  2.501   1.00 21.05 ? 36  LEU A C   1 
ATOM 258  O O   . LEU A 1 36  ? -3.746  -6.925  2.629   1.00 21.77 ? 36  LEU A O   1 
ATOM 259  C CB  . LEU A 1 36  ? -4.572  -4.846  4.706   1.00 18.87 ? 36  LEU A CB  1 
ATOM 260  C CG  . LEU A 1 36  ? -3.859  -3.559  4.288   1.00 21.87 ? 36  LEU A CG  1 
ATOM 261  C CD1 . LEU A 1 36  ? -4.862  -2.484  3.824   1.00 13.68 ? 36  LEU A CD1 1 
ATOM 262  C CD2 . LEU A 1 36  ? -2.954  -3.161  5.456   1.00 14.89 ? 36  LEU A CD2 1 
ATOM 263  N N   . VAL A 1 37  ? -4.897  -5.521  1.326   1.00 21.02 ? 37  VAL A N   1 
ATOM 264  C CA  . VAL A 1 37  ? -4.343  -5.905  0.047   1.00 20.03 ? 37  VAL A CA  1 
ATOM 265  C C   . VAL A 1 37  ? -3.879  -4.641  -0.663  1.00 21.83 ? 37  VAL A C   1 
ATOM 266  O O   . VAL A 1 37  ? -4.574  -3.634  -0.577  1.00 24.98 ? 37  VAL A O   1 
ATOM 267  C CB  . VAL A 1 37  ? -5.478  -6.634  -0.719  1.00 17.15 ? 37  VAL A CB  1 
ATOM 268  C CG1 . VAL A 1 37  ? -5.230  -6.731  -2.185  1.00 19.24 ? 37  VAL A CG1 1 
ATOM 269  C CG2 . VAL A 1 37  ? -5.542  -8.072  -0.221  1.00 14.20 ? 37  VAL A CG2 1 
ATOM 270  N N   . VAL A 1 38  ? -2.759  -4.584  -1.369  1.00 22.31 ? 38  VAL A N   1 
ATOM 271  C CA  . VAL A 1 38  ? -2.377  -3.411  -2.154  1.00 19.90 ? 38  VAL A CA  1 
ATOM 272  C C   . VAL A 1 38  ? -2.259  -3.970  -3.573  1.00 20.66 ? 38  VAL A C   1 
ATOM 273  O O   . VAL A 1 38  ? -1.762  -5.087  -3.732  1.00 20.88 ? 38  VAL A O   1 
ATOM 274  C CB  . VAL A 1 38  ? -1.022  -2.851  -1.669  1.00 22.26 ? 38  VAL A CB  1 
ATOM 275  C CG1 . VAL A 1 38  ? -0.665  -1.624  -2.505  1.00 21.36 ? 38  VAL A CG1 1 
ATOM 276  C CG2 . VAL A 1 38  ? -1.101  -2.453  -0.183  1.00 18.77 ? 38  VAL A CG2 1 
ATOM 277  N N   . VAL A 1 39  ? -2.761  -3.342  -4.629  1.00 20.09 ? 39  VAL A N   1 
ATOM 278  C CA  . VAL A 1 39  ? -2.623  -3.878  -5.972  1.00 20.57 ? 39  VAL A CA  1 
ATOM 279  C C   . VAL A 1 39  ? -1.970  -2.752  -6.760  1.00 24.30 ? 39  VAL A C   1 
ATOM 280  O O   . VAL A 1 39  ? -2.112  -1.570  -6.383  1.00 27.41 ? 39  VAL A O   1 
ATOM 281  C CB  . VAL A 1 39  ? -3.978  -4.227  -6.646  1.00 22.98 ? 39  VAL A CB  1 
ATOM 282  C CG1 . VAL A 1 39  ? -4.704  -5.303  -5.849  1.00 22.33 ? 39  VAL A CG1 1 
ATOM 283  C CG2 . VAL A 1 39  ? -4.863  -2.971  -6.739  1.00 21.18 ? 39  VAL A CG2 1 
ATOM 284  N N   . GLY A 1 40  ? -1.246  -3.055  -7.834  1.00 23.33 ? 40  GLY A N   1 
ATOM 285  C CA  . GLY A 1 40  ? -0.670  -2.009  -8.667  1.00 19.33 ? 40  GLY A CA  1 
ATOM 286  C C   . GLY A 1 40  ? 0.006   -2.598  -9.875  1.00 18.37 ? 40  GLY A C   1 
ATOM 287  O O   . GLY A 1 40  ? 0.203   -3.810  -9.939  1.00 17.10 ? 40  GLY A O   1 
ATOM 288  N N   . ASP A 1 41  ? 0.390   -1.753  -10.811 1.00 19.01 ? 41  ASP A N   1 
ATOM 289  C CA  . ASP A 1 41  ? 0.947   -2.182  -12.093 1.00 22.67 ? 41  ASP A CA  1 
ATOM 290  C C   . ASP A 1 41  ? 2.391   -1.786  -12.318 1.00 24.84 ? 41  ASP A C   1 
ATOM 291  O O   . ASP A 1 41  ? 2.835   -1.728  -13.456 1.00 27.48 ? 41  ASP A O   1 
ATOM 292  C CB  . ASP A 1 41  ? 0.121   -1.602  -13.254 1.00 23.22 ? 41  ASP A CB  1 
ATOM 293  C CG  . ASP A 1 41  ? 0.140   -0.086  -13.423 1.00 26.74 ? 41  ASP A CG  1 
ATOM 294  O OD1 . ASP A 1 41  ? 0.635   0.631   -12.558 1.00 28.78 ? 41  ASP A OD1 1 
ATOM 295  O OD2 . ASP A 1 41  ? -0.343  0.402   -14.441 1.00 29.84 ? 41  ASP A OD2 1 
ATOM 296  N N   . LYS A 1 42  ? 3.154   -1.399  -11.297 1.00 26.86 ? 42  LYS A N   1 
ATOM 297  C CA  . LYS A 1 42  ? 4.528   -0.923  -11.431 1.00 26.46 ? 42  LYS A CA  1 
ATOM 298  C C   . LYS A 1 42  ? 4.666   0.247   -12.406 1.00 27.01 ? 42  LYS A C   1 
ATOM 299  O O   . LYS A 1 42  ? 5.766   0.642   -12.769 1.00 29.88 ? 42  LYS A O   1 
ATOM 300  C CB  . LYS A 1 42  ? 5.422   -2.094  -11.835 1.00 23.30 ? 42  LYS A CB  1 
ATOM 301  C CG  . LYS A 1 42  ? 5.344   -2.976  -10.598 1.00 26.46 ? 42  LYS A CG  1 
ATOM 302  C CD  . LYS A 1 42  ? 5.836   -4.396  -10.748 1.00 35.30 ? 42  LYS A CD  1 
ATOM 303  C CE  . LYS A 1 42  ? 5.079   -5.228  -11.811 1.00 44.58 ? 42  LYS A CE  1 
ATOM 304  N NZ  . LYS A 1 42  ? 3.663   -5.430  -11.527 1.00 44.70 ? 42  LYS A NZ  1 
ATOM 305  N N   . ASN A 1 43  ? 3.576   0.925   -12.751 1.00 24.09 ? 43  ASN A N   1 
ATOM 306  C CA  . ASN A 1 43  ? 3.625   2.003   -13.709 1.00 25.79 ? 43  ASN A CA  1 
ATOM 307  C C   . ASN A 1 43  ? 2.735   3.200   -13.327 1.00 25.16 ? 43  ASN A C   1 
ATOM 308  O O   . ASN A 1 43  ? 2.045   3.854   -14.112 1.00 26.38 ? 43  ASN A O   1 
ATOM 309  C CB  . ASN A 1 43  ? 3.262   1.381   -15.073 1.00 25.33 ? 43  ASN A CB  1 
ATOM 310  C CG  . ASN A 1 43  ? 3.471   2.313   -16.256 1.00 28.17 ? 43  ASN A CG  1 
ATOM 311  O OD1 . ASN A 1 43  ? 2.639   2.425   -17.153 1.00 31.56 ? 43  ASN A OD1 1 
ATOM 312  N ND2 . ASN A 1 43  ? 4.565   3.053   -16.333 1.00 25.71 ? 43  ASN A ND2 1 
ATOM 313  N N   . GLY A 1 44  ? 2.727   3.480   -12.037 1.00 23.99 ? 44  GLY A N   1 
ATOM 314  C CA  . GLY A 1 44  ? 2.082   4.629   -11.473 1.00 23.03 ? 44  GLY A CA  1 
ATOM 315  C C   . GLY A 1 44  ? 0.653   4.377   -11.103 1.00 26.36 ? 44  GLY A C   1 
ATOM 316  O O   . GLY A 1 44  ? -0.118  5.332   -11.023 1.00 27.91 ? 44  GLY A O   1 
ATOM 317  N N   . HIS A 1 45  ? 0.183   3.156   -10.895 1.00 27.65 ? 45  HIS A N   1 
ATOM 318  C CA  . HIS A 1 45  ? -1.224  2.963   -10.553 1.00 28.62 ? 45  HIS A CA  1 
ATOM 319  C C   . HIS A 1 45  ? -1.154  1.956   -9.433  1.00 28.88 ? 45  HIS A C   1 
ATOM 320  O O   . HIS A 1 45  ? -0.574  0.896   -9.678  1.00 29.13 ? 45  HIS A O   1 
ATOM 321  C CB  . HIS A 1 45  ? -2.030  2.388   -11.730 1.00 29.65 ? 45  HIS A CB  1 
ATOM 322  C CG  . HIS A 1 45  ? -2.084  3.307   -12.967 1.00 37.02 ? 45  HIS A CG  1 
ATOM 323  N ND1 . HIS A 1 45  ? -1.420  3.263   -14.143 1.00 39.59 ? 45  HIS A ND1 1 
ATOM 324  C CD2 . HIS A 1 45  ? -2.842  4.457   -13.025 1.00 37.50 ? 45  HIS A CD2 1 
ATOM 325  C CE1 . HIS A 1 45  ? -1.725  4.313   -14.874 1.00 36.68 ? 45  HIS A CE1 1 
ATOM 326  N NE2 . HIS A 1 45  ? -2.585  5.021   -14.185 1.00 38.54 ? 45  HIS A NE2 1 
ATOM 327  N N   . VAL A 1 46  ? -1.612  2.351   -8.227  1.00 29.95 ? 46  VAL A N   1 
ATOM 328  C CA  . VAL A 1 46  ? -1.705  1.561   -6.977  1.00 25.01 ? 46  VAL A CA  1 
ATOM 329  C C   . VAL A 1 46  ? -3.086  1.780   -6.377  1.00 24.59 ? 46  VAL A C   1 
ATOM 330  O O   . VAL A 1 46  ? -3.652  2.857   -6.586  1.00 23.72 ? 46  VAL A O   1 
ATOM 331  C CB  . VAL A 1 46  ? -0.843  1.987   -5.789  1.00 25.50 ? 46  VAL A CB  1 
ATOM 332  C CG1 . VAL A 1 46  ? 0.274   1.027   -5.716  1.00 25.26 ? 46  VAL A CG1 1 
ATOM 333  C CG2 . VAL A 1 46  ? -0.453  3.464   -5.856  1.00 19.30 ? 46  VAL A CG2 1 
ATOM 334  N N   . GLY A 1 47  ? -3.624  0.857   -5.611  1.00 19.06 ? 47  GLY A N   1 
ATOM 335  C CA  . GLY A 1 47  ? -4.826  1.084   -4.863  1.00 18.77 ? 47  GLY A CA  1 
ATOM 336  C C   . GLY A 1 47  ? -4.714  0.191   -3.644  1.00 20.64 ? 47  GLY A C   1 
ATOM 337  O O   . GLY A 1 47  ? -3.931  -0.766  -3.674  1.00 23.79 ? 47  GLY A O   1 
ATOM 338  N N   . PHE A 1 48  ? -5.363  0.421   -2.512  1.00 22.99 ? 48  PHE A N   1 
ATOM 339  C CA  . PHE A 1 48  ? -5.339  -0.568  -1.436  1.00 24.43 ? 48  PHE A CA  1 
ATOM 340  C C   . PHE A 1 48  ? -6.774  -0.876  -1.050  1.00 24.38 ? 48  PHE A C   1 
ATOM 341  O O   . PHE A 1 48  ? -7.685  -0.113  -1.375  1.00 23.66 ? 48  PHE A O   1 
ATOM 342  C CB  . PHE A 1 48  ? -4.582  -0.074  -0.207  1.00 23.29 ? 48  PHE A CB  1 
ATOM 343  C CG  . PHE A 1 48  ? -5.271  1.021   0.559   1.00 21.94 ? 48  PHE A CG  1 
ATOM 344  C CD1 . PHE A 1 48  ? -5.166  2.308   0.112   1.00 21.14 ? 48  PHE A CD1 1 
ATOM 345  C CD2 . PHE A 1 48  ? -6.006  0.703   1.676   1.00 23.31 ? 48  PHE A CD2 1 
ATOM 346  C CE1 . PHE A 1 48  ? -5.815  3.301   0.800   1.00 20.24 ? 48  PHE A CE1 1 
ATOM 347  C CE2 . PHE A 1 48  ? -6.658  1.703   2.359   1.00 22.42 ? 48  PHE A CE2 1 
ATOM 348  C CZ  . PHE A 1 48  ? -6.557  3.005   1.916   1.00 21.89 ? 48  PHE A CZ  1 
ATOM 349  N N   . GLY A 1 49  ? -7.014  -1.985  -0.380  1.00 26.02 ? 49  GLY A N   1 
ATOM 350  C CA  . GLY A 1 49  ? -8.357  -2.365  -0.004  1.00 25.83 ? 49  GLY A CA  1 
ATOM 351  C C   . GLY A 1 49  ? -8.339  -3.257  1.206   1.00 24.41 ? 49  GLY A C   1 
ATOM 352  O O   . GLY A 1 49  ? -7.349  -3.901  1.534   1.00 25.89 ? 49  GLY A O   1 
ATOM 353  N N   . THR A 1 50  ? -9.508  -3.357  1.773   1.00 24.53 ? 50  THR A N   1 
ATOM 354  C CA  . THR A 1 50  ? -9.754  -4.051  3.010   1.00 25.54 ? 50  THR A CA  1 
ATOM 355  C C   . THR A 1 50  ? -10.901 -5.029  2.745   1.00 24.46 ? 50  THR A C   1 
ATOM 356  O O   . THR A 1 50  ? -11.744 -4.724  1.896   1.00 23.58 ? 50  THR A O   1 
ATOM 357  C CB  . THR A 1 50  ? -10.041 -2.907  3.980   1.00 26.24 ? 50  THR A CB  1 
ATOM 358  O OG1 . THR A 1 50  ? -8.744  -2.551  4.441   1.00 30.67 ? 50  THR A OG1 1 
ATOM 359  C CG2 . THR A 1 50  ? -10.977 -3.208  5.124   1.00 34.34 ? 50  THR A CG2 1 
ATOM 360  N N   . GLY A 1 51  ? -10.963 -6.196  3.391   1.00 22.82 ? 51  GLY A N   1 
ATOM 361  C CA  . GLY A 1 51  ? -12.041 -7.147  3.175   1.00 24.04 ? 51  GLY A CA  1 
ATOM 362  C C   . GLY A 1 51  ? -12.336 -7.814  4.500   1.00 24.43 ? 51  GLY A C   1 
ATOM 363  O O   . GLY A 1 51  ? -11.410 -7.856  5.296   1.00 26.95 ? 51  GLY A O   1 
ATOM 364  N N   . LYS A 1 52  ? -13.532 -8.313  4.807   1.00 24.97 ? 52  LYS A N   1 
ATOM 365  C CA  . LYS A 1 52  ? -13.893 -8.971  6.065   1.00 25.81 ? 52  LYS A CA  1 
ATOM 366  C C   . LYS A 1 52  ? -14.769 -10.163 5.712   1.00 23.17 ? 52  LYS A C   1 
ATOM 367  O O   . LYS A 1 52  ? -15.651 -10.001 4.874   1.00 22.62 ? 52  LYS A O   1 
ATOM 368  C CB  . LYS A 1 52  ? -14.748 -8.102  6.988   1.00 29.47 ? 52  LYS A CB  1 
ATOM 369  C CG  . LYS A 1 52  ? -14.132 -6.751  7.232   1.00 38.46 ? 52  LYS A CG  1 
ATOM 370  C CD  . LYS A 1 52  ? -14.673 -6.141  8.502   1.00 43.43 ? 52  LYS A CD  1 
ATOM 371  C CE  . LYS A 1 52  ? -13.758 -4.944  8.795   1.00 45.64 ? 52  LYS A CE  1 
ATOM 372  N NZ  . LYS A 1 52  ? -14.032 -4.414  10.123  1.00 50.15 ? 52  LYS A NZ  1 
ATOM 373  N N   . ALA A 1 53  ? -14.596 -11.344 6.276   1.00 20.97 ? 53  ALA A N   1 
ATOM 374  C CA  . ALA A 1 53  ? -15.428 -12.507 5.985   1.00 21.52 ? 53  ALA A CA  1 
ATOM 375  C C   . ALA A 1 53  ? -15.094 -13.577 6.992   1.00 20.41 ? 53  ALA A C   1 
ATOM 376  O O   . ALA A 1 53  ? -14.216 -13.320 7.797   1.00 22.74 ? 53  ALA A O   1 
ATOM 377  C CB  . ALA A 1 53  ? -15.154 -13.029 4.585   1.00 16.58 ? 53  ALA A CB  1 
ATOM 378  N N   . GLN A 1 54  ? -15.764 -14.721 7.113   1.00 28.94 ? 54  GLN A N   1 
ATOM 379  C CA  . GLN A 1 54  ? -15.411 -15.804 8.079   1.00 34.99 ? 54  GLN A CA  1 
ATOM 380  C C   . GLN A 1 54  ? -14.297 -16.693 7.555   1.00 30.52 ? 54  GLN A C   1 
ATOM 381  O O   . GLN A 1 54  ? -13.731 -17.484 8.307   1.00 28.59 ? 54  GLN A O   1 
ATOM 382  C CB  . GLN A 1 54  ? -16.651 -16.753 8.439   1.00 45.95 ? 54  GLN A CB  1 
ATOM 383  C CG  . GLN A 1 54  ? -16.544 -18.316 8.837   1.00 57.98 ? 54  GLN A CG  1 
ATOM 384  C CD  . GLN A 1 54  ? -16.005 -18.841 10.205  1.00 62.88 ? 54  GLN A CD  1 
ATOM 385  O OE1 . GLN A 1 54  ? -15.073 -19.659 10.293  1.00 63.39 ? 54  GLN A OE1 1 
ATOM 386  N NE2 . GLN A 1 54  ? -16.563 -18.491 11.371  1.00 64.67 ? 54  GLN A NE2 1 
ATOM 387  N N   . GLU A 1 55  ? -14.001 -16.573 6.269   1.00 25.05 ? 55  GLU A N   1 
ATOM 388  C CA  . GLU A 1 55  ? -12.920 -17.317 5.716   1.00 25.34 ? 55  GLU A CA  1 
ATOM 389  C C   . GLU A 1 55  ? -11.744 -16.445 5.219   1.00 24.97 ? 55  GLU A C   1 
ATOM 390  O O   . GLU A 1 55  ? -12.056 -15.451 4.585   1.00 29.76 ? 55  GLU A O   1 
ATOM 391  C CB  . GLU A 1 55  ? -13.587 -18.146 4.643   1.00 26.39 ? 55  GLU A CB  1 
ATOM 392  C CG  . GLU A 1 55  ? -14.402 -19.255 5.326   1.00 26.83 ? 55  GLU A CG  1 
ATOM 393  C CD  . GLU A 1 55  ? -15.172 -20.248 4.453   1.00 28.99 ? 55  GLU A CD  1 
ATOM 394  O OE1 . GLU A 1 55  ? -14.785 -20.530 3.322   1.00 31.32 ? 55  GLU A OE1 1 
ATOM 395  O OE2 . GLU A 1 55  ? -16.192 -20.765 4.914   1.00 37.28 ? 55  GLU A OE2 1 
ATOM 396  N N   . VAL A 1 56  ? -10.411 -16.628 5.406   1.00 21.05 ? 56  VAL A N   1 
ATOM 397  C CA  . VAL A 1 56  ? -9.334  -15.840 4.781   1.00 15.20 ? 56  VAL A CA  1 
ATOM 398  C C   . VAL A 1 56  ? -9.490  -15.761 3.274   1.00 18.99 ? 56  VAL A C   1 
ATOM 399  O O   . VAL A 1 56  ? -9.343  -14.635 2.795   1.00 22.14 ? 56  VAL A O   1 
ATOM 400  C CB  . VAL A 1 56  ? -7.922  -16.427 5.023   1.00 14.01 ? 56  VAL A CB  1 
ATOM 401  C CG1 . VAL A 1 56  ? -6.769  -15.607 4.495   1.00 9.32  ? 56  VAL A CG1 1 
ATOM 402  C CG2 . VAL A 1 56  ? -7.709  -16.433 6.479   1.00 16.88 ? 56  VAL A CG2 1 
ATOM 403  N N   . PRO A 1 57  ? -9.763  -16.753 2.390   1.00 22.00 ? 57  PRO A N   1 
ATOM 404  C CA  . PRO A 1 57  ? -9.762  -16.509 0.959   1.00 22.66 ? 57  PRO A CA  1 
ATOM 405  C C   . PRO A 1 57  ? -10.816 -15.468 0.559   1.00 25.70 ? 57  PRO A C   1 
ATOM 406  O O   . PRO A 1 57  ? -10.476 -14.552 -0.199  1.00 28.02 ? 57  PRO A O   1 
ATOM 407  C CB  . PRO A 1 57  ? -9.938  -17.927 0.386   1.00 24.09 ? 57  PRO A CB  1 
ATOM 408  C CG  . PRO A 1 57  ? -9.221  -18.835 1.338   1.00 15.17 ? 57  PRO A CG  1 
ATOM 409  C CD  . PRO A 1 57  ? -9.776  -18.209 2.620   1.00 23.03 ? 57  PRO A CD  1 
ATOM 410  N N   . GLU A 1 58  ? -12.053 -15.501 1.091   1.00 25.73 ? 58  GLU A N   1 
ATOM 411  C CA  . GLU A 1 58  ? -13.089 -14.517 0.764   1.00 26.46 ? 58  GLU A CA  1 
ATOM 412  C C   . GLU A 1 58  ? -12.717 -13.116 1.170   1.00 24.79 ? 58  GLU A C   1 
ATOM 413  O O   . GLU A 1 58  ? -12.938 -12.194 0.401   1.00 25.17 ? 58  GLU A O   1 
ATOM 414  C CB  . GLU A 1 58  ? -14.373 -14.750 1.467   1.00 31.05 ? 58  GLU A CB  1 
ATOM 415  C CG  . GLU A 1 58  ? -15.401 -15.392 0.635   1.00 37.64 ? 58  GLU A CG  1 
ATOM 416  C CD  . GLU A 1 58  ? -16.162 -14.438 -0.247  1.00 40.62 ? 58  GLU A CD  1 
ATOM 417  O OE1 . GLU A 1 58  ? -16.840 -13.528 0.233   1.00 44.54 ? 58  GLU A OE1 1 
ATOM 418  O OE2 . GLU A 1 58  ? -16.120 -14.655 -1.438  1.00 44.77 ? 58  GLU A OE2 1 
ATOM 419  N N   . ALA A 1 59  ? -12.166 -12.928 2.364   1.00 22.79 ? 59  ALA A N   1 
ATOM 420  C CA  . ALA A 1 59  ? -11.730 -11.637 2.858   1.00 21.28 ? 59  ALA A CA  1 
ATOM 421  C C   . ALA A 1 59  ? -10.646 -11.141 1.940   1.00 23.31 ? 59  ALA A C   1 
ATOM 422  O O   . ALA A 1 59  ? -10.656 -9.948  1.641   1.00 29.21 ? 59  ALA A O   1 
ATOM 423  C CB  . ALA A 1 59  ? -11.140 -11.729 4.239   1.00 15.96 ? 59  ALA A CB  1 
ATOM 424  N N   . ILE A 1 60  ? -9.746  -11.981 1.417   1.00 23.41 ? 60  ILE A N   1 
ATOM 425  C CA  . ILE A 1 60  ? -8.751  -11.501 0.451   1.00 21.64 ? 60  ILE A CA  1 
ATOM 426  C C   . ILE A 1 60  ? -9.403  -11.148 -0.888  1.00 21.67 ? 60  ILE A C   1 
ATOM 427  O O   . ILE A 1 60  ? -9.049  -10.134 -1.485  1.00 20.37 ? 60  ILE A O   1 
ATOM 428  C CB  . ILE A 1 60  ? -7.627  -12.575 0.246   1.00 18.69 ? 60  ILE A CB  1 
ATOM 429  C CG1 . ILE A 1 60  ? -6.866  -12.784 1.530   1.00 13.25 ? 60  ILE A CG1 1 
ATOM 430  C CG2 . ILE A 1 60  ? -6.611  -12.114 -0.811  1.00 17.58 ? 60  ILE A CG2 1 
ATOM 431  C CD1 . ILE A 1 60  ? -5.816  -13.907 1.388   1.00 14.28 ? 60  ILE A CD1 1 
ATOM 432  N N   . ARG A 1 61  ? -10.360 -11.922 -1.396  1.00 21.83 ? 61  ARG A N   1 
ATOM 433  C CA  . ARG A 1 61  ? -11.043 -11.659 -2.652  1.00 24.87 ? 61  ARG A CA  1 
ATOM 434  C C   . ARG A 1 61  ? -11.769 -10.312 -2.665  1.00 27.77 ? 61  ARG A C   1 
ATOM 435  O O   . ARG A 1 61  ? -11.796 -9.584  -3.673  1.00 27.94 ? 61  ARG A O   1 
ATOM 436  C CB  . ARG A 1 61  ? -11.972 -12.820 -2.816  1.00 29.49 ? 61  ARG A CB  1 
ATOM 437  C CG  . ARG A 1 61  ? -13.038 -12.900 -3.918  1.00 38.66 ? 61  ARG A CG  1 
ATOM 438  C CD  . ARG A 1 61  ? -13.847 -14.199 -3.682  1.00 48.93 ? 61  ARG A CD  1 
ATOM 439  N NE  . ARG A 1 61  ? -12.962 -15.330 -3.348  1.00 56.74 ? 61  ARG A NE  1 
ATOM 440  C CZ  . ARG A 1 61  ? -13.301 -16.421 -2.646  1.00 58.47 ? 61  ARG A CZ  1 
ATOM 441  N NH1 . ARG A 1 61  ? -14.520 -16.637 -2.159  1.00 56.48 ? 61  ARG A NH1 1 
ATOM 442  N NH2 . ARG A 1 61  ? -12.346 -17.329 -2.415  1.00 60.59 ? 61  ARG A NH2 1 
ATOM 443  N N   . LYS A 1 62  ? -12.368 -9.998  -1.499  1.00 29.28 ? 62  LYS A N   1 
ATOM 444  C CA  . LYS A 1 62  ? -13.099 -8.761  -1.221  1.00 27.27 ? 62  LYS A CA  1 
ATOM 445  C C   . LYS A 1 62  ? -12.188 -7.591  -1.050  1.00 26.72 ? 62  LYS A C   1 
ATOM 446  O O   . LYS A 1 62  ? -12.545 -6.495  -1.483  1.00 30.69 ? 62  LYS A O   1 
ATOM 447  C CB  . LYS A 1 62  ? -13.933 -8.877  0.034   1.00 27.84 ? 62  LYS A CB  1 
ATOM 448  C CG  . LYS A 1 62  ? -15.216 -9.548  -0.405  1.00 30.46 ? 62  LYS A CG  1 
ATOM 449  C CD  . LYS A 1 62  ? -15.890 -10.401 0.649   1.00 34.42 ? 62  LYS A CD  1 
ATOM 450  C CE  . LYS A 1 62  ? -16.448 -9.655  1.835   1.00 40.20 ? 62  LYS A CE  1 
ATOM 451  N NZ  . LYS A 1 62  ? -17.270 -10.574 2.610   1.00 43.61 ? 62  LYS A NZ  1 
ATOM 452  N N   . ALA A 1 63  ? -11.030 -7.780  -0.410  1.00 25.85 ? 63  ALA A N   1 
ATOM 453  C CA  . ALA A 1 63  ? -10.028 -6.729  -0.317  1.00 22.99 ? 63  ALA A CA  1 
ATOM 454  C C   . ALA A 1 63  ? -9.472  -6.390  -1.691  1.00 22.76 ? 63  ALA A C   1 
ATOM 455  O O   . ALA A 1 63  ? -9.236  -5.224  -2.011  1.00 24.55 ? 63  ALA A O   1 
ATOM 456  C CB  . ALA A 1 63  ? -8.906  -7.180  0.576   1.00 22.30 ? 63  ALA A CB  1 
ATOM 457  N N   . ILE A 1 64  ? -9.313  -7.369  -2.577  1.00 23.46 ? 64  ILE A N   1 
ATOM 458  C CA  . ILE A 1 64  ? -8.856  -7.128  -3.925  1.00 22.83 ? 64  ILE A CA  1 
ATOM 459  C C   . ILE A 1 64  ? -9.895  -6.370  -4.716  1.00 26.47 ? 64  ILE A C   1 
ATOM 460  O O   . ILE A 1 64  ? -9.501  -5.462  -5.442  1.00 28.54 ? 64  ILE A O   1 
ATOM 461  C CB  . ILE A 1 64  ? -8.538  -8.455  -4.615  1.00 21.22 ? 64  ILE A CB  1 
ATOM 462  C CG1 . ILE A 1 64  ? -7.351  -9.071  -3.899  1.00 20.03 ? 64  ILE A CG1 1 
ATOM 463  C CG2 . ILE A 1 64  ? -8.220  -8.252  -6.102  1.00 16.03 ? 64  ILE A CG2 1 
ATOM 464  C CD1 . ILE A 1 64  ? -6.975  -10.496 -4.331  1.00 23.48 ? 64  ILE A CD1 1 
ATOM 465  N N   . GLU A 1 65  ? -11.192 -6.710  -4.651  1.00 30.91 ? 65  GLU A N   1 
ATOM 466  C CA  . GLU A 1 65  ? -12.219 -5.962  -5.367  1.00 32.02 ? 65  GLU A CA  1 
ATOM 467  C C   . GLU A 1 65  ? -12.265 -4.544  -4.915  1.00 29.38 ? 65  GLU A C   1 
ATOM 468  O O   . GLU A 1 65  ? -12.439 -3.677  -5.747  1.00 30.59 ? 65  GLU A O   1 
ATOM 469  C CB  . GLU A 1 65  ? -13.604 -6.456  -5.152  1.00 37.41 ? 65  GLU A CB  1 
ATOM 470  C CG  . GLU A 1 65  ? -13.956 -7.679  -5.966  1.00 50.00 ? 65  GLU A CG  1 
ATOM 471  C CD  . GLU A 1 65  ? -15.477 -7.856  -6.034  1.00 58.03 ? 65  GLU A CD  1 
ATOM 472  O OE1 . GLU A 1 65  ? -16.079 -8.240  -5.021  1.00 61.82 ? 65  GLU A OE1 1 
ATOM 473  O OE2 . GLU A 1 65  ? -16.062 -7.584  -7.094  1.00 63.14 ? 65  GLU A OE2 1 
ATOM 474  N N   . ASP A 1 66  ? -12.139 -4.302  -3.624  1.00 28.67 ? 66  ASP A N   1 
ATOM 475  C CA  . ASP A 1 66  ? -12.068 -2.962  -3.042  1.00 31.82 ? 66  ASP A CA  1 
ATOM 476  C C   . ASP A 1 66  ? -10.858 -2.143  -3.492  1.00 30.78 ? 66  ASP A C   1 
ATOM 477  O O   . ASP A 1 66  ? -10.992 -0.987  -3.890  1.00 34.81 ? 66  ASP A O   1 
ATOM 478  C CB  . ASP A 1 66  ? -12.066 -3.102  -1.514  1.00 35.05 ? 66  ASP A CB  1 
ATOM 479  C CG  . ASP A 1 66  ? -12.321 -1.798  -0.783  1.00 38.88 ? 66  ASP A CG  1 
ATOM 480  O OD1 . ASP A 1 66  ? -13.426 -1.277  -0.899  1.00 43.30 ? 66  ASP A OD1 1 
ATOM 481  O OD2 . ASP A 1 66  ? -11.430 -1.300  -0.096  1.00 41.56 ? 66  ASP A OD2 1 
ATOM 482  N N   . ALA A 1 67  ? -9.640  -2.663  -3.428  1.00 29.32 ? 67  ALA A N   1 
ATOM 483  C CA  . ALA A 1 67  ? -8.463  -2.004  -3.967  1.00 27.12 ? 67  ALA A CA  1 
ATOM 484  C C   . ALA A 1 67  ? -8.621  -1.607  -5.433  1.00 27.53 ? 67  ALA A C   1 
ATOM 485  O O   . ALA A 1 67  ? -8.257  -0.518  -5.873  1.00 26.52 ? 67  ALA A O   1 
ATOM 486  C CB  . ALA A 1 67  ? -7.289  -2.938  -3.865  1.00 26.56 ? 67  ALA A CB  1 
ATOM 487  N N   . LYS A 1 68  ? -9.200  -2.470  -6.251  1.00 29.22 ? 68  LYS A N   1 
ATOM 488  C CA  . LYS A 1 68  ? -9.386  -2.160  -7.650  1.00 30.75 ? 68  LYS A CA  1 
ATOM 489  C C   . LYS A 1 68  ? -10.326 -0.995  -7.823  1.00 34.45 ? 68  LYS A C   1 
ATOM 490  O O   . LYS A 1 68  ? -10.325 -0.399  -8.893  1.00 38.31 ? 68  LYS A O   1 
ATOM 491  C CB  . LYS A 1 68  ? -9.958  -3.330  -8.401  1.00 29.35 ? 68  LYS A CB  1 
ATOM 492  C CG  . LYS A 1 68  ? -8.905  -4.353  -8.731  1.00 34.19 ? 68  LYS A CG  1 
ATOM 493  C CD  . LYS A 1 68  ? -9.572  -5.538  -9.377  1.00 33.95 ? 68  LYS A CD  1 
ATOM 494  C CE  . LYS A 1 68  ? -8.511  -6.596  -9.630  1.00 38.82 ? 68  LYS A CE  1 
ATOM 495  N NZ  . LYS A 1 68  ? -9.174  -7.795  -10.136 1.00 45.34 ? 68  LYS A NZ  1 
ATOM 496  N N   . LYS A 1 69  ? -11.120 -0.622  -6.823  1.00 33.93 ? 69  LYS A N   1 
ATOM 497  C CA  . LYS A 1 69  ? -12.032 0.489   -6.942  1.00 34.76 ? 69  LYS A CA  1 
ATOM 498  C C   . LYS A 1 69  ? -11.367 1.723   -6.419  1.00 35.42 ? 69  LYS A C   1 
ATOM 499  O O   . LYS A 1 69  ? -11.935 2.800   -6.527  1.00 38.26 ? 69  LYS A O   1 
ATOM 500  C CB  . LYS A 1 69  ? -13.289 0.257   -6.128  1.00 35.73 ? 69  LYS A CB  1 
ATOM 501  C CG  . LYS A 1 69  ? -14.109 -0.725  -6.911  1.00 37.52 ? 69  LYS A CG  1 
ATOM 502  C CD  . LYS A 1 69  ? -15.233 -1.374  -6.118  1.00 40.83 ? 69  LYS A CD  1 
ATOM 503  C CE  . LYS A 1 69  ? -15.761 -2.481  -7.045  1.00 43.59 ? 69  LYS A CE  1 
ATOM 504  N NZ  . LYS A 1 69  ? -14.674 -3.343  -7.542  1.00 46.35 ? 69  LYS A NZ  1 
ATOM 505  N N   . ASN A 1 70  ? -10.158 1.634   -5.899  1.00 34.74 ? 70  ASN A N   1 
ATOM 506  C CA  . ASN A 1 70  ? -9.597  2.774   -5.209  1.00 35.95 ? 70  ASN A CA  1 
ATOM 507  C C   . ASN A 1 70  ? -8.233  3.103   -5.749  1.00 32.43 ? 70  ASN A C   1 
ATOM 508  O O   . ASN A 1 70  ? -7.340  3.502   -5.008  1.00 32.12 ? 70  ASN A O   1 
ATOM 509  C CB  . ASN A 1 70  ? -9.498  2.472   -3.705  1.00 41.14 ? 70  ASN A CB  1 
ATOM 510  C CG  . ASN A 1 70  ? -10.805 2.158   -2.976  1.00 47.42 ? 70  ASN A CG  1 
ATOM 511  O OD1 . ASN A 1 70  ? -11.909 2.407   -3.468  1.00 49.54 ? 70  ASN A OD1 1 
ATOM 512  N ND2 . ASN A 1 70  ? -10.734 1.597   -1.759  1.00 52.63 ? 70  ASN A ND2 1 
ATOM 513  N N   . LEU A 1 71  ? -8.108  2.954   -7.056  1.00 30.67 ? 71  LEU A N   1 
ATOM 514  C CA  . LEU A 1 71  ? -6.853  3.099   -7.789  1.00 32.03 ? 71  LEU A CA  1 
ATOM 515  C C   . LEU A 1 71  ? -6.438  4.546   -7.961  1.00 30.99 ? 71  LEU A C   1 
ATOM 516  O O   . LEU A 1 71  ? -7.314  5.312   -8.359  1.00 34.14 ? 71  LEU A O   1 
ATOM 517  C CB  . LEU A 1 71  ? -7.013  2.429   -9.174  1.00 29.21 ? 71  LEU A CB  1 
ATOM 518  C CG  . LEU A 1 71  ? -6.142  1.248   -9.627  1.00 29.16 ? 71  LEU A CG  1 
ATOM 519  C CD1 . LEU A 1 71  ? -5.847  0.288   -8.514  1.00 26.25 ? 71  LEU A CD1 1 
ATOM 520  C CD2 . LEU A 1 71  ? -6.894  0.507   -10.729 1.00 29.64 ? 71  LEU A CD2 1 
ATOM 521  N N   . ILE A 1 72  ? -5.183  4.951   -7.698  1.00 29.44 ? 72  ILE A N   1 
ATOM 522  C CA  . ILE A 1 72  ? -4.740  6.306   -7.911  1.00 27.58 ? 72  ILE A CA  1 
ATOM 523  C C   . ILE A 1 72  ? -3.643  6.229   -8.941  1.00 29.36 ? 72  ILE A C   1 
ATOM 524  O O   . ILE A 1 72  ? -3.177  5.145   -9.320  1.00 29.19 ? 72  ILE A O   1 
ATOM 525  C CB  . ILE A 1 72  ? -4.143  7.011   -6.668  1.00 26.54 ? 72  ILE A CB  1 
ATOM 526  C CG1 . ILE A 1 72  ? -2.932  6.341   -6.115  1.00 25.65 ? 72  ILE A CG1 1 
ATOM 527  C CG2 . ILE A 1 72  ? -5.227  7.052   -5.618  1.00 30.76 ? 72  ILE A CG2 1 
ATOM 528  C CD1 . ILE A 1 72  ? -2.382  7.148   -4.929  1.00 22.32 ? 72  ILE A CD1 1 
ATOM 529  N N   . GLU A 1 73  ? -3.229  7.395   -9.421  1.00 30.08 ? 73  GLU A N   1 
ATOM 530  C CA  . GLU A 1 73  ? -2.191  7.459   -10.412 1.00 32.80 ? 73  GLU A CA  1 
ATOM 531  C C   . GLU A 1 73  ? -1.123  8.324   -9.806  1.00 30.03 ? 73  GLU A C   1 
ATOM 532  O O   . GLU A 1 73  ? -1.460  9.363   -9.269  1.00 32.37 ? 73  GLU A O   1 
ATOM 533  C CB  . GLU A 1 73  ? -2.709  8.083   -11.650 1.00 36.49 ? 73  GLU A CB  1 
ATOM 534  C CG  . GLU A 1 73  ? -1.718  7.821   -12.752 1.00 45.12 ? 73  GLU A CG  1 
ATOM 535  C CD  . GLU A 1 73  ? -2.131  8.497   -14.036 1.00 52.57 ? 73  GLU A CD  1 
ATOM 536  O OE1 . GLU A 1 73  ? -3.189  8.157   -14.597 1.00 54.36 ? 73  GLU A OE1 1 
ATOM 537  O OE2 . GLU A 1 73  ? -1.365  9.373   -14.455 1.00 57.52 ? 73  GLU A OE2 1 
ATOM 538  N N   . VAL A 1 74  ? 0.138   7.974   -9.887  1.00 29.03 ? 74  VAL A N   1 
ATOM 539  C CA  . VAL A 1 74  ? 1.179   8.641   -9.140  1.00 29.44 ? 74  VAL A CA  1 
ATOM 540  C C   . VAL A 1 74  ? 2.164   9.100   -10.174 1.00 30.86 ? 74  VAL A C   1 
ATOM 541  O O   . VAL A 1 74  ? 2.527   8.283   -11.011 1.00 29.75 ? 74  VAL A O   1 
ATOM 542  C CB  . VAL A 1 74  ? 1.877   7.642   -8.160  1.00 30.24 ? 74  VAL A CB  1 
ATOM 543  C CG1 . VAL A 1 74  ? 3.078   8.269   -7.450  1.00 24.84 ? 74  VAL A CG1 1 
ATOM 544  C CG2 . VAL A 1 74  ? 0.825   7.175   -7.161  1.00 28.20 ? 74  VAL A CG2 1 
ATOM 545  N N   . PRO A 1 75  ? 2.623   10.355  -10.168 1.00 33.69 ? 75  PRO A N   1 
ATOM 546  C CA  . PRO A 1 75  ? 3.787   10.799  -10.936 1.00 30.05 ? 75  PRO A CA  1 
ATOM 547  C C   . PRO A 1 75  ? 5.125   10.271  -10.441 1.00 27.99 ? 75  PRO A C   1 
ATOM 548  O O   . PRO A 1 75  ? 5.480   10.400  -9.271  1.00 28.08 ? 75  PRO A O   1 
ATOM 549  C CB  . PRO A 1 75  ? 3.650   12.304  -10.889 1.00 31.22 ? 75  PRO A CB  1 
ATOM 550  C CG  . PRO A 1 75  ? 3.002   12.569  -9.541  1.00 30.04 ? 75  PRO A CG  1 
ATOM 551  C CD  . PRO A 1 75  ? 1.932   11.487  -9.527  1.00 32.32 ? 75  PRO A CD  1 
ATOM 552  N N   . ILE A 1 76  ? 5.904   9.696   -11.343 1.00 28.26 ? 76  ILE A N   1 
ATOM 553  C CA  . ILE A 1 76  ? 7.219   9.140   -11.039 1.00 30.01 ? 76  ILE A CA  1 
ATOM 554  C C   . ILE A 1 76  ? 8.194   9.758   -12.006 1.00 27.59 ? 76  ILE A C   1 
ATOM 555  O O   . ILE A 1 76  ? 7.872   9.818   -13.184 1.00 25.79 ? 76  ILE A O   1 
ATOM 556  C CB  . ILE A 1 76  ? 7.189   7.594   -11.208 1.00 32.12 ? 76  ILE A CB  1 
ATOM 557  C CG1 . ILE A 1 76  ? 6.397   7.070   -10.003 1.00 33.31 ? 76  ILE A CG1 1 
ATOM 558  C CG2 . ILE A 1 76  ? 8.591   6.947   -11.279 1.00 28.91 ? 76  ILE A CG2 1 
ATOM 559  C CD1 . ILE A 1 76  ? 5.443   5.941   -10.346 1.00 34.01 ? 76  ILE A CD1 1 
ATOM 560  N N   . VAL A 1 77  ? 9.350   10.242  -11.578 1.00 27.67 ? 77  VAL A N   1 
ATOM 561  C CA  . VAL A 1 77  ? 10.329  10.797  -12.486 1.00 25.31 ? 77  VAL A CA  1 
ATOM 562  C C   . VAL A 1 77  ? 11.522  9.861   -12.453 1.00 28.50 ? 77  VAL A C   1 
ATOM 563  O O   . VAL A 1 77  ? 12.238  9.783   -11.445 1.00 30.25 ? 77  VAL A O   1 
ATOM 564  C CB  . VAL A 1 77  ? 10.739  12.164  -12.041 1.00 22.12 ? 77  VAL A CB  1 
ATOM 565  C CG1 . VAL A 1 77  ? 11.717  12.787  -13.032 1.00 20.00 ? 77  VAL A CG1 1 
ATOM 566  C CG2 . VAL A 1 77  ? 9.479   12.992  -11.979 1.00 22.52 ? 77  VAL A CG2 1 
ATOM 567  N N   . GLY A 1 78  ? 11.726  9.086   -13.532 1.00 27.94 ? 78  GLY A N   1 
ATOM 568  C CA  . GLY A 1 78  ? 12.815  8.122   -13.545 1.00 26.38 ? 78  GLY A CA  1 
ATOM 569  C C   . GLY A 1 78  ? 12.481  6.894   -12.705 1.00 24.21 ? 78  GLY A C   1 
ATOM 570  O O   . GLY A 1 78  ? 11.748  6.015   -13.169 1.00 23.94 ? 78  GLY A O   1 
ATOM 571  N N   . THR A 1 79  ? 13.025  6.837   -11.498 1.00 21.92 ? 79  THR A N   1 
ATOM 572  C CA  . THR A 1 79  ? 12.740  5.779   -10.551 1.00 20.51 ? 79  THR A CA  1 
ATOM 573  C C   . THR A 1 79  ? 12.236  6.339   -9.218  1.00 19.58 ? 79  THR A C   1 
ATOM 574  O O   . THR A 1 79  ? 12.061  5.556   -8.282  1.00 22.15 ? 79  THR A O   1 
ATOM 575  C CB  . THR A 1 79  ? 14.027  4.939   -10.336 1.00 20.88 ? 79  THR A CB  1 
ATOM 576  O OG1 . THR A 1 79  ? 15.066  5.846   -9.926  1.00 23.17 ? 79  THR A OG1 1 
ATOM 577  C CG2 . THR A 1 79  ? 14.461  4.193   -11.593 1.00 21.56 ? 79  THR A CG2 1 
ATOM 578  N N   . THR A 1 80  ? 11.926  7.625   -9.060  1.00 22.61 ? 80  THR A N   1 
ATOM 579  C CA  . THR A 1 80  ? 11.638  8.239   -7.761  1.00 24.60 ? 80  THR A CA  1 
ATOM 580  C C   . THR A 1 80  ? 10.437  9.148   -7.959  1.00 26.47 ? 80  THR A C   1 
ATOM 581  O O   . THR A 1 80  ? 9.816   9.166   -9.028  1.00 27.46 ? 80  THR A O   1 
ATOM 582  C CB  . THR A 1 80  ? 12.946  9.027   -7.253  1.00 23.02 ? 80  THR A CB  1 
ATOM 583  O OG1 . THR A 1 80  ? 12.787  9.259   -5.870  1.00 23.69 ? 80  THR A OG1 1 
ATOM 584  C CG2 . THR A 1 80  ? 13.158  10.392  -7.857  1.00 22.27 ? 80  THR A CG2 1 
ATOM 585  N N   . ILE A 1 81  ? 10.122  9.901   -6.911  1.00 29.30 ? 81  ILE A N   1 
ATOM 586  C CA  . ILE A 1 81  ? 8.975   10.807  -6.871  1.00 28.69 ? 81  ILE A CA  1 
ATOM 587  C C   . ILE A 1 81  ? 9.374   12.288  -7.135  1.00 29.36 ? 81  ILE A C   1 
ATOM 588  O O   . ILE A 1 81  ? 10.484  12.714  -6.781  1.00 28.91 ? 81  ILE A O   1 
ATOM 589  C CB  . ILE A 1 81  ? 8.245   10.695  -5.472  1.00 26.49 ? 81  ILE A CB  1 
ATOM 590  C CG1 . ILE A 1 81  ? 9.216   10.911  -4.304  1.00 23.58 ? 81  ILE A CG1 1 
ATOM 591  C CG2 . ILE A 1 81  ? 7.518   9.345   -5.415  1.00 23.07 ? 81  ILE A CG2 1 
ATOM 592  C CD1 . ILE A 1 81  ? 8.459   11.252  -2.982  1.00 21.00 ? 81  ILE A CD1 1 
ATOM 593  N N   . PRO A 1 82  ? 8.536   13.151  -7.720  1.00 25.73 ? 82  PRO A N   1 
ATOM 594  C CA  . PRO A 1 82  ? 8.917   14.482  -8.061  1.00 27.08 ? 82  PRO A CA  1 
ATOM 595  C C   . PRO A 1 82  ? 9.241   15.343  -6.859  1.00 30.50 ? 82  PRO A C   1 
ATOM 596  O O   . PRO A 1 82  ? 9.897   16.351  -7.078  1.00 33.85 ? 82  PRO A O   1 
ATOM 597  C CB  . PRO A 1 82  ? 7.759   14.985  -8.866  1.00 25.55 ? 82  PRO A CB  1 
ATOM 598  C CG  . PRO A 1 82  ? 6.583   14.223  -8.307  1.00 27.65 ? 82  PRO A CG  1 
ATOM 599  C CD  . PRO A 1 82  ? 7.195   12.859  -8.181  1.00 25.23 ? 82  PRO A CD  1 
ATOM 600  N N   . HIS A 1 83  ? 8.869   15.087  -5.593  1.00 31.28 ? 83  HIS A N   1 
ATOM 601  C CA  . HIS A 1 83  ? 9.147   16.022  -4.496  1.00 28.58 ? 83  HIS A CA  1 
ATOM 602  C C   . HIS A 1 83  ? 8.718   15.442  -3.163  1.00 29.71 ? 83  HIS A C   1 
ATOM 603  O O   . HIS A 1 83  ? 7.947   14.469  -3.185  1.00 29.19 ? 83  HIS A O   1 
ATOM 604  C CB  . HIS A 1 83  ? 8.409   17.381  -4.718  1.00 25.91 ? 83  HIS A CB  1 
ATOM 605  C CG  . HIS A 1 83  ? 6.889   17.390  -4.811  1.00 25.45 ? 83  HIS A CG  1 
ATOM 606  N ND1 . HIS A 1 83  ? 6.135   17.375  -5.913  1.00 25.82 ? 83  HIS A ND1 1 
ATOM 607  C CD2 . HIS A 1 83  ? 6.047   17.433  -3.713  1.00 22.95 ? 83  HIS A CD2 1 
ATOM 608  C CE1 . HIS A 1 83  ? 4.876   17.404  -5.518  1.00 25.91 ? 83  HIS A CE1 1 
ATOM 609  N NE2 . HIS A 1 83  ? 4.833   17.438  -4.200  1.00 25.71 ? 83  HIS A NE2 1 
ATOM 610  N N   . GLU A 1 84  ? 9.153   16.080  -2.056  1.00 29.28 ? 84  GLU A N   1 
ATOM 611  C CA  . GLU A 1 84  ? 8.820   15.656  -0.701  1.00 31.12 ? 84  GLU A CA  1 
ATOM 612  C C   . GLU A 1 84  ? 7.354   15.849  -0.389  1.00 29.15 ? 84  GLU A C   1 
ATOM 613  O O   . GLU A 1 84  ? 6.713   16.774  -0.896  1.00 29.32 ? 84  GLU A O   1 
ATOM 614  C CB  . GLU A 1 84  ? 9.535   16.428  0.351   1.00 34.39 ? 84  GLU A CB  1 
ATOM 615  C CG  . GLU A 1 84  ? 11.014  16.630  0.115   1.00 47.36 ? 84  GLU A CG  1 
ATOM 616  C CD  . GLU A 1 84  ? 11.850  16.764  1.394   1.00 54.75 ? 84  GLU A CD  1 
ATOM 617  O OE1 . GLU A 1 84  ? 11.291  16.692  2.501   1.00 59.42 ? 84  GLU A OE1 1 
ATOM 618  O OE2 . GLU A 1 84  ? 13.081  16.894  1.281   1.00 57.07 ? 84  GLU A OE2 1 
ATOM 619  N N   . VAL A 1 85  ? 6.828   14.992  0.473   1.00 31.13 ? 85  VAL A N   1 
ATOM 620  C CA  . VAL A 1 85  ? 5.407   14.953  0.806   1.00 31.05 ? 85  VAL A CA  1 
ATOM 621  C C   . VAL A 1 85  ? 5.252   14.317  2.202   1.00 30.28 ? 85  VAL A C   1 
ATOM 622  O O   . VAL A 1 85  ? 6.128   13.538  2.604   1.00 30.13 ? 85  VAL A O   1 
ATOM 623  C CB  . VAL A 1 85  ? 4.791   14.160  -0.386  1.00 30.71 ? 85  VAL A CB  1 
ATOM 624  C CG1 . VAL A 1 85  ? 4.693   12.694  -0.088  1.00 27.63 ? 85  VAL A CG1 1 
ATOM 625  C CG2 . VAL A 1 85  ? 3.486   14.773  -0.741  1.00 30.92 ? 85  VAL A CG2 1 
ATOM 626  N N   . ILE A 1 86  ? 4.247   14.662  3.023   1.00 31.48 ? 86  ILE A N   1 
ATOM 627  C CA  . ILE A 1 86  ? 4.016   13.985  4.302   1.00 28.38 ? 86  ILE A CA  1 
ATOM 628  C C   . ILE A 1 86  ? 2.582   13.482  4.253   1.00 28.63 ? 86  ILE A C   1 
ATOM 629  O O   . ILE A 1 86  ? 1.632   14.251  4.008   1.00 25.85 ? 86  ILE A O   1 
ATOM 630  C CB  . ILE A 1 86  ? 4.213   14.944  5.507   1.00 30.88 ? 86  ILE A CB  1 
ATOM 631  C CG1 . ILE A 1 86  ? 5.654   15.435  5.465   1.00 36.35 ? 86  ILE A CG1 1 
ATOM 632  C CG2 . ILE A 1 86  ? 4.062   14.238  6.860   1.00 27.94 ? 86  ILE A CG2 1 
ATOM 633  C CD1 . ILE A 1 86  ? 6.052   16.559  6.425   1.00 33.42 ? 86  ILE A CD1 1 
ATOM 634  N N   . GLY A 1 87  ? 2.444   12.159  4.399   1.00 27.32 ? 87  GLY A N   1 
ATOM 635  C CA  . GLY A 1 87  ? 1.158   11.499  4.404   1.00 26.22 ? 87  GLY A CA  1 
ATOM 636  C C   . GLY A 1 87  ? 0.695   11.456  5.844   1.00 27.98 ? 87  GLY A C   1 
ATOM 637  O O   . GLY A 1 87  ? 1.472   11.317  6.797   1.00 27.60 ? 87  GLY A O   1 
ATOM 638  N N   . HIS A 1 88  ? -0.581  11.630  6.081   1.00 30.33 ? 88  HIS A N   1 
ATOM 639  C CA  . HIS A 1 88  ? -1.057  11.597  7.443   1.00 34.18 ? 88  HIS A CA  1 
ATOM 640  C C   . HIS A 1 88  ? -2.369  10.861  7.280   1.00 30.11 ? 88  HIS A C   1 
ATOM 641  O O   . HIS A 1 88  ? -3.114  11.292  6.413   1.00 28.05 ? 88  HIS A O   1 
ATOM 642  C CB  . HIS A 1 88  ? -1.389  13.001  8.056   1.00 44.71 ? 88  HIS A CB  1 
ATOM 643  C CG  . HIS A 1 88  ? -0.409  14.186  7.890   1.00 56.79 ? 88  HIS A CG  1 
ATOM 644  N ND1 . HIS A 1 88  ? 0.470   14.677  8.766   1.00 59.41 ? 88  HIS A ND1 1 
ATOM 645  C CD2 . HIS A 1 88  ? -0.327  15.015  6.767   1.00 61.44 ? 88  HIS A CD2 1 
ATOM 646  C CE1 . HIS A 1 88  ? 1.061   15.738  8.241   1.00 60.76 ? 88  HIS A CE1 1 
ATOM 647  N NE2 . HIS A 1 88  ? 0.576   15.935  7.033   1.00 61.32 ? 88  HIS A NE2 1 
ATOM 648  N N   . PHE A 1 89  ? -2.666  9.743   7.932   1.00 26.49 ? 89  PHE A N   1 
ATOM 649  C CA  . PHE A 1 89  ? -4.008  9.232   7.964   1.00 23.75 ? 89  PHE A CA  1 
ATOM 650  C C   . PHE A 1 89  ? -4.087  8.488   9.281   1.00 27.17 ? 89  PHE A C   1 
ATOM 651  O O   . PHE A 1 89  ? -3.409  7.487   9.572   1.00 31.42 ? 89  PHE A O   1 
ATOM 652  C CB  . PHE A 1 89  ? -4.294  8.275   6.864   1.00 20.98 ? 89  PHE A CB  1 
ATOM 653  C CG  . PHE A 1 89  ? -5.779  7.991   6.756   1.00 21.06 ? 89  PHE A CG  1 
ATOM 654  C CD1 . PHE A 1 89  ? -6.424  7.200   7.670   1.00 21.59 ? 89  PHE A CD1 1 
ATOM 655  C CD2 . PHE A 1 89  ? -6.483  8.510   5.707   1.00 23.25 ? 89  PHE A CD2 1 
ATOM 656  C CE1 . PHE A 1 89  ? -7.762  6.933   7.526   1.00 22.04 ? 89  PHE A CE1 1 
ATOM 657  C CE2 . PHE A 1 89  ? -7.827  8.234   5.563   1.00 23.21 ? 89  PHE A CE2 1 
ATOM 658  C CZ  . PHE A 1 89  ? -8.474  7.446   6.469   1.00 21.00 ? 89  PHE A CZ  1 
ATOM 659  N N   . GLY A 1 90  ? -4.946  9.045   10.130  1.00 26.65 ? 90  GLY A N   1 
ATOM 660  C CA  . GLY A 1 90  ? -5.195  8.473   11.441  1.00 26.53 ? 90  GLY A CA  1 
ATOM 661  C C   . GLY A 1 90  ? -3.949  8.564   12.300  1.00 26.90 ? 90  GLY A C   1 
ATOM 662  O O   . GLY A 1 90  ? -3.375  9.646   12.461  1.00 29.15 ? 90  GLY A O   1 
ATOM 663  N N   . ALA A 1 91  ? -3.493  7.436   12.822  1.00 26.36 ? 91  ALA A N   1 
ATOM 664  C CA  . ALA A 1 91  ? -2.312  7.453   13.663  1.00 23.74 ? 91  ALA A CA  1 
ATOM 665  C C   . ALA A 1 91  ? -1.061  7.319   12.815  1.00 23.69 ? 91  ALA A C   1 
ATOM 666  O O   . ALA A 1 91  ? 0.046   7.233   13.355  1.00 24.20 ? 91  ALA A O   1 
ATOM 667  C CB  . ALA A 1 91  ? -2.375  6.296   14.637  1.00 19.48 ? 91  ALA A CB  1 
ATOM 668  N N   . GLY A 1 92  ? -1.187  7.194   11.495  1.00 23.35 ? 92  GLY A N   1 
ATOM 669  C CA  . GLY A 1 92  ? -0.012  7.012   10.674  1.00 23.89 ? 92  GLY A CA  1 
ATOM 670  C C   . GLY A 1 92  ? 0.403   8.314   10.024  1.00 24.78 ? 92  GLY A C   1 
ATOM 671  O O   . GLY A 1 92  ? -0.409  9.108   9.539   1.00 24.67 ? 92  GLY A O   1 
ATOM 672  N N   . GLU A 1 93  ? 1.704   8.526   9.951   1.00 25.89 ? 93  GLU A N   1 
ATOM 673  C CA  . GLU A 1 93  ? 2.239   9.720   9.325   1.00 26.49 ? 93  GLU A CA  1 
ATOM 674  C C   . GLU A 1 93  ? 3.617   9.358   8.819   1.00 25.22 ? 93  GLU A C   1 
ATOM 675  O O   . GLU A 1 93  ? 4.397   8.787   9.591   1.00 24.20 ? 93  GLU A O   1 
ATOM 676  C CB  . GLU A 1 93  ? 2.302   10.754  10.347  1.00 28.91 ? 93  GLU A CB  1 
ATOM 677  C CG  . GLU A 1 93  ? 2.838   12.042  9.879   1.00 34.26 ? 93  GLU A CG  1 
ATOM 678  C CD  . GLU A 1 93  ? 2.676   13.045  10.989  1.00 38.81 ? 93  GLU A CD  1 
ATOM 679  O OE1 . GLU A 1 93  ? 2.855   12.698  12.165  1.00 42.47 ? 93  GLU A OE1 1 
ATOM 680  O OE2 . GLU A 1 93  ? 2.367   14.189  10.665  1.00 41.97 ? 93  GLU A OE2 1 
ATOM 681  N N   . ILE A 1 94  ? 3.898   9.627   7.545   1.00 22.82 ? 94  ILE A N   1 
ATOM 682  C CA  . ILE A 1 94  ? 5.131   9.192   6.938   1.00 21.16 ? 94  ILE A CA  1 
ATOM 683  C C   . ILE A 1 94  ? 5.630   10.289  6.000   1.00 26.03 ? 94  ILE A C   1 
ATOM 684  O O   . ILE A 1 94  ? 4.837   10.916  5.263   1.00 26.47 ? 94  ILE A O   1 
ATOM 685  C CB  . ILE A 1 94  ? 4.855   7.860   6.197   1.00 20.43 ? 94  ILE A CB  1 
ATOM 686  C CG1 . ILE A 1 94  ? 6.214   7.275   5.885   1.00 20.37 ? 94  ILE A CG1 1 
ATOM 687  C CG2 . ILE A 1 94  ? 4.095   8.019   4.874   1.00 15.93 ? 94  ILE A CG2 1 
ATOM 688  C CD1 . ILE A 1 94  ? 6.147   5.855   5.320   1.00 22.40 ? 94  ILE A CD1 1 
ATOM 689  N N   . ILE A 1 95  ? 6.932   10.579  6.078   1.00 26.47 ? 95  ILE A N   1 
ATOM 690  C CA  . ILE A 1 95  ? 7.562   11.535  5.184   1.00 29.16 ? 95  ILE A CA  1 
ATOM 691  C C   . ILE A 1 95  ? 8.182   10.712  4.058   1.00 28.05 ? 95  ILE A C   1 
ATOM 692  O O   . ILE A 1 95  ? 8.789   9.658   4.294   1.00 24.41 ? 95  ILE A O   1 
ATOM 693  C CB  . ILE A 1 95  ? 8.645   12.321  5.939   1.00 32.13 ? 95  ILE A CB  1 
ATOM 694  C CG1 . ILE A 1 95  ? 8.054   13.027  7.128   1.00 31.91 ? 95  ILE A CG1 1 
ATOM 695  C CG2 . ILE A 1 95  ? 9.260   13.371  5.015   1.00 33.50 ? 95  ILE A CG2 1 
ATOM 696  C CD1 . ILE A 1 95  ? 9.088   12.909  8.244   1.00 35.67 ? 95  ILE A CD1 1 
ATOM 697  N N   . LEU A 1 96  ? 7.983   11.184  2.831   1.00 29.25 ? 96  LEU A N   1 
ATOM 698  C CA  . LEU A 1 96  ? 8.515   10.570  1.621   1.00 28.80 ? 96  LEU A CA  1 
ATOM 699  C C   . LEU A 1 96  ? 9.416   11.572  0.901   1.00 30.97 ? 96  LEU A C   1 
ATOM 700  O O   . LEU A 1 96  ? 9.005   12.728  0.685   1.00 29.20 ? 96  LEU A O   1 
ATOM 701  C CB  . LEU A 1 96  ? 7.355   10.190  0.734   1.00 25.49 ? 96  LEU A CB  1 
ATOM 702  C CG  . LEU A 1 96  ? 6.243   9.315   1.307   1.00 27.19 ? 96  LEU A CG  1 
ATOM 703  C CD1 . LEU A 1 96  ? 5.076   9.271   0.330   1.00 18.60 ? 96  LEU A CD1 1 
ATOM 704  C CD2 . LEU A 1 96  ? 6.817   7.924   1.606   1.00 23.33 ? 96  LEU A CD2 1 
ATOM 705  N N   . LYS A 1 97  ? 10.632  11.205  0.488   1.00 32.84 ? 97  LYS A N   1 
ATOM 706  C CA  . LYS A 1 97  ? 11.532  12.131  -0.212  1.00 34.47 ? 97  LYS A CA  1 
ATOM 707  C C   . LYS A 1 97  ? 12.164  11.498  -1.468  1.00 32.91 ? 97  LYS A C   1 
ATOM 708  O O   . LYS A 1 97  ? 12.437  10.285  -1.415  1.00 31.09 ? 97  LYS A O   1 
ATOM 709  C CB  . LYS A 1 97  ? 12.669  12.558  0.684   1.00 37.51 ? 97  LYS A CB  1 
ATOM 710  C CG  . LYS A 1 97  ? 12.299  13.332  1.890   1.00 41.72 ? 97  LYS A CG  1 
ATOM 711  C CD  . LYS A 1 97  ? 13.570  13.110  2.639   1.00 49.94 ? 97  LYS A CD  1 
ATOM 712  C CE  . LYS A 1 97  ? 13.629  13.993  3.861   1.00 59.01 ? 97  LYS A CE  1 
ATOM 713  N NZ  . LYS A 1 97  ? 13.923  15.364  3.464   1.00 65.14 ? 97  LYS A NZ  1 
ATOM 714  N N   . PRO A 1 98  ? 12.413  12.230  -2.591  1.00 30.44 ? 98  PRO A N   1 
ATOM 715  C CA  . PRO A 1 98  ? 13.158  11.755  -3.749  1.00 30.09 ? 98  PRO A CA  1 
ATOM 716  C C   . PRO A 1 98  ? 14.515  11.222  -3.344  1.00 31.19 ? 98  PRO A C   1 
ATOM 717  O O   . PRO A 1 98  ? 15.126  11.726  -2.404  1.00 34.77 ? 98  PRO A O   1 
ATOM 718  C CB  . PRO A 1 98  ? 13.256  12.954  -4.674  1.00 27.45 ? 98  PRO A CB  1 
ATOM 719  C CG  . PRO A 1 98  ? 12.003  13.723  -4.374  1.00 26.01 ? 98  PRO A CG  1 
ATOM 720  C CD  . PRO A 1 98  ? 11.938  13.590  -2.855  1.00 28.11 ? 98  PRO A CD  1 
ATOM 721  N N   . ALA A 1 99  ? 15.021  10.180  -3.981  1.00 32.89 ? 99  ALA A N   1 
ATOM 722  C CA  . ALA A 1 99  ? 16.348  9.681   -3.694  1.00 32.24 ? 99  ALA A CA  1 
ATOM 723  C C   . ALA A 1 99  ? 16.935  9.397   -5.070  1.00 33.83 ? 99  ALA A C   1 
ATOM 724  O O   . ALA A 1 99  ? 16.221  9.208   -6.064  1.00 35.16 ? 99  ALA A O   1 
ATOM 725  C CB  . ALA A 1 99  ? 16.298  8.412   -2.894  1.00 24.09 ? 99  ALA A CB  1 
ATOM 726  N N   . SER A 1 100 ? 18.259  9.428   -5.158  1.00 36.37 ? 100 SER A N   1 
ATOM 727  C CA  . SER A 1 100 ? 18.936  9.295   -6.420  1.00 35.80 ? 100 SER A CA  1 
ATOM 728  C C   . SER A 1 100 ? 18.956  7.848   -6.778  1.00 32.53 ? 100 SER A C   1 
ATOM 729  O O   . SER A 1 100 ? 18.911  6.996   -5.903  1.00 33.77 ? 100 SER A O   1 
ATOM 730  C CB  . SER A 1 100 ? 20.348  9.819   -6.308  1.00 35.93 ? 100 SER A CB  1 
ATOM 731  O OG  . SER A 1 100 ? 21.042  9.220   -5.222  1.00 41.93 ? 100 SER A OG  1 
ATOM 732  N N   . GLU A 1 101 ? 19.056  7.605   -8.071  1.00 34.20 ? 101 GLU A N   1 
ATOM 733  C CA  . GLU A 1 101 ? 19.104  6.294   -8.648  1.00 35.91 ? 101 GLU A CA  1 
ATOM 734  C C   . GLU A 1 101 ? 20.189  5.545   -7.892  1.00 34.16 ? 101 GLU A C   1 
ATOM 735  O O   . GLU A 1 101 ? 21.281  6.056   -7.680  1.00 35.92 ? 101 GLU A O   1 
ATOM 736  C CB  . GLU A 1 101 ? 19.405  6.492   -10.105 1.00 39.88 ? 101 GLU A CB  1 
ATOM 737  C CG  . GLU A 1 101 ? 19.072  5.301   -10.980 1.00 54.48 ? 101 GLU A CG  1 
ATOM 738  C CD  . GLU A 1 101 ? 19.862  4.006   -10.736 1.00 59.15 ? 101 GLU A CD  1 
ATOM 739  O OE1 . GLU A 1 101 ? 21.049  3.966   -11.100 1.00 61.44 ? 101 GLU A OE1 1 
ATOM 740  O OE2 . GLU A 1 101 ? 19.273  3.054   -10.189 1.00 63.92 ? 101 GLU A OE2 1 
ATOM 741  N N   . GLY A 1 102 ? 19.842  4.400   -7.352  1.00 33.68 ? 102 GLY A N   1 
ATOM 742  C CA  . GLY A 1 102 ? 20.801  3.670   -6.564  1.00 34.47 ? 102 GLY A CA  1 
ATOM 743  C C   . GLY A 1 102 ? 20.410  3.594   -5.100  1.00 36.17 ? 102 GLY A C   1 
ATOM 744  O O   . GLY A 1 102 ? 20.863  2.659   -4.443  1.00 37.11 ? 102 GLY A O   1 
ATOM 745  N N   . THR A 1 103 ? 19.576  4.464   -4.521  1.00 33.69 ? 103 THR A N   1 
ATOM 746  C CA  . THR A 1 103 ? 19.216  4.322   -3.118  1.00 33.13 ? 103 THR A CA  1 
ATOM 747  C C   . THR A 1 103 ? 18.427  3.091   -2.674  1.00 32.45 ? 103 THR A C   1 
ATOM 748  O O   . THR A 1 103 ? 18.749  2.452   -1.672  1.00 32.02 ? 103 THR A O   1 
ATOM 749  C CB  . THR A 1 103 ? 18.443  5.558   -2.719  1.00 36.50 ? 103 THR A CB  1 
ATOM 750  O OG1 . THR A 1 103 ? 19.274  6.630   -3.152  1.00 37.18 ? 103 THR A OG1 1 
ATOM 751  C CG2 . THR A 1 103 ? 18.053  5.612   -1.227  1.00 36.05 ? 103 THR A CG2 1 
ATOM 752  N N   . GLY A 1 104 ? 17.319  2.789   -3.335  1.00 31.69 ? 104 GLY A N   1 
ATOM 753  C CA  . GLY A 1 104 ? 16.478  1.697   -2.888  1.00 28.49 ? 104 GLY A CA  1 
ATOM 754  C C   . GLY A 1 104 ? 15.232  2.316   -2.260  1.00 30.46 ? 104 GLY A C   1 
ATOM 755  O O   . GLY A 1 104 ? 15.123  3.545   -2.166  1.00 28.74 ? 104 GLY A O   1 
ATOM 756  N N   . VAL A 1 105 ? 14.245  1.476   -1.929  1.00 30.06 ? 105 VAL A N   1 
ATOM 757  C CA  . VAL A 1 105 ? 13.007  1.904   -1.304  1.00 30.87 ? 105 VAL A CA  1 
ATOM 758  C C   . VAL A 1 105 ? 13.382  1.733   0.162   1.00 33.28 ? 105 VAL A C   1 
ATOM 759  O O   . VAL A 1 105 ? 13.421  0.611   0.703   1.00 34.37 ? 105 VAL A O   1 
ATOM 760  C CB  . VAL A 1 105 ? 11.833  0.967   -1.714  1.00 28.79 ? 105 VAL A CB  1 
ATOM 761  C CG1 . VAL A 1 105 ? 10.528  1.334   -1.039  1.00 23.33 ? 105 VAL A CG1 1 
ATOM 762  C CG2 . VAL A 1 105 ? 11.587  1.135   -3.190  1.00 27.20 ? 105 VAL A CG2 1 
ATOM 763  N N   . ILE A 1 106 ? 13.768  2.822   0.825   1.00 31.74 ? 106 ILE A N   1 
ATOM 764  C CA  . ILE A 1 106 ? 14.147  2.699   2.218   1.00 29.30 ? 106 ILE A CA  1 
ATOM 765  C C   . ILE A 1 106 ? 12.830  2.913   2.929   1.00 28.79 ? 106 ILE A C   1 
ATOM 766  O O   . ILE A 1 106 ? 12.416  4.060   3.079   1.00 29.46 ? 106 ILE A O   1 
ATOM 767  C CB  . ILE A 1 106 ? 15.192  3.786   2.514   1.00 29.63 ? 106 ILE A CB  1 
ATOM 768  C CG1 . ILE A 1 106 ? 16.426  3.611   1.635   1.00 27.84 ? 106 ILE A CG1 1 
ATOM 769  C CG2 . ILE A 1 106 ? 15.540  3.740   3.989   1.00 30.47 ? 106 ILE A CG2 1 
ATOM 770  C CD1 . ILE A 1 106 ? 17.028  2.187   1.557   1.00 30.38 ? 106 ILE A CD1 1 
ATOM 771  N N   . ALA A 1 107 ? 12.114  1.845   3.258   1.00 25.54 ? 107 ALA A N   1 
ATOM 772  C CA  . ALA A 1 107 ? 10.834  1.976   3.920   1.00 26.10 ? 107 ALA A CA  1 
ATOM 773  C C   . ALA A 1 107 ? 10.454  0.675   4.652   1.00 28.57 ? 107 ALA A C   1 
ATOM 774  O O   . ALA A 1 107 ? 11.012  -0.395  4.374   1.00 31.39 ? 107 ALA A O   1 
ATOM 775  C CB  . ALA A 1 107 ? 9.744   2.307   2.894   1.00 22.38 ? 107 ALA A CB  1 
ATOM 776  N N   . GLY A 1 108 ? 9.550   0.700   5.641   1.00 25.85 ? 108 GLY A N   1 
ATOM 777  C CA  . GLY A 1 108 ? 9.137   -0.512  6.297   1.00 19.71 ? 108 GLY A CA  1 
ATOM 778  C C   . GLY A 1 108 ? 8.272   -1.293  5.357   1.00 21.84 ? 108 GLY A C   1 
ATOM 779  O O   . GLY A 1 108 ? 7.559   -0.704  4.554   1.00 26.29 ? 108 GLY A O   1 
ATOM 780  N N   . GLY A 1 109 ? 8.227   -2.610  5.481   1.00 22.16 ? 109 GLY A N   1 
ATOM 781  C CA  . GLY A 1 109 ? 7.489   -3.513  4.601   1.00 20.61 ? 109 GLY A CA  1 
ATOM 782  C C   . GLY A 1 109 ? 6.095   -3.166  4.111   1.00 23.23 ? 109 GLY A C   1 
ATOM 783  O O   . GLY A 1 109 ? 5.833   -3.338  2.923   1.00 25.87 ? 109 GLY A O   1 
ATOM 784  N N   . PRO A 1 110 ? 5.142   -2.689  4.899   1.00 23.71 ? 110 PRO A N   1 
ATOM 785  C CA  . PRO A 1 110 ? 3.823   -2.326  4.413   1.00 23.30 ? 110 PRO A CA  1 
ATOM 786  C C   . PRO A 1 110 ? 3.876   -1.131  3.466   1.00 24.33 ? 110 PRO A C   1 
ATOM 787  O O   . PRO A 1 110 ? 3.140   -1.036  2.475   1.00 24.33 ? 110 PRO A O   1 
ATOM 788  C CB  . PRO A 1 110 ? 3.042   -2.076  5.688   1.00 26.40 ? 110 PRO A CB  1 
ATOM 789  C CG  . PRO A 1 110 ? 3.774   -2.839  6.764   1.00 25.53 ? 110 PRO A CG  1 
ATOM 790  C CD  . PRO A 1 110 ? 5.213   -2.547  6.353   1.00 26.47 ? 110 PRO A CD  1 
ATOM 791  N N   . ALA A 1 111 ? 4.778   -0.203  3.795   1.00 22.39 ? 111 ALA A N   1 
ATOM 792  C CA  . ALA A 1 111 ? 4.996   0.967   2.994   1.00 21.53 ? 111 ALA A CA  1 
ATOM 793  C C   . ALA A 1 111 ? 5.738   0.577   1.707   1.00 23.36 ? 111 ALA A C   1 
ATOM 794  O O   . ALA A 1 111 ? 5.397   1.043   0.605   1.00 21.38 ? 111 ALA A O   1 
ATOM 795  C CB  . ALA A 1 111 ? 5.811   1.933   3.800   1.00 20.66 ? 111 ALA A CB  1 
ATOM 796  N N   . ARG A 1 112 ? 6.747   -0.307  1.818   1.00 25.03 ? 112 ARG A N   1 
ATOM 797  C CA  . ARG A 1 112 ? 7.532   -0.814  0.689   1.00 26.57 ? 112 ARG A CA  1 
ATOM 798  C C   . ARG A 1 112 ? 6.611   -1.478  -0.334  1.00 26.36 ? 112 ARG A C   1 
ATOM 799  O O   . ARG A 1 112 ? 6.816   -1.289  -1.540  1.00 28.02 ? 112 ARG A O   1 
ATOM 800  C CB  . ARG A 1 112 ? 8.579   -1.828  1.180   1.00 29.80 ? 112 ARG A CB  1 
ATOM 801  C CG  . ARG A 1 112 ? 9.605   -2.250  0.148   1.00 33.51 ? 112 ARG A CG  1 
ATOM 802  C CD  . ARG A 1 112 ? 10.735  -3.175  0.571   1.00 38.42 ? 112 ARG A CD  1 
ATOM 803  N NE  . ARG A 1 112 ? 11.680  -3.070  -0.538  1.00 51.81 ? 112 ARG A NE  1 
ATOM 804  C CZ  . ARG A 1 112 ? 12.425  -4.054  -1.105  1.00 56.85 ? 112 ARG A CZ  1 
ATOM 805  N NH1 . ARG A 1 112 ? 12.418  -5.335  -0.716  1.00 59.32 ? 112 ARG A NH1 1 
ATOM 806  N NH2 . ARG A 1 112 ? 13.166  -3.759  -2.185  1.00 59.77 ? 112 ARG A NH2 1 
ATOM 807  N N   . ALA A 1 113 ? 5.558   -2.185  0.125   1.00 24.22 ? 113 ALA A N   1 
ATOM 808  C CA  . ALA A 1 113 ? 4.546   -2.828  -0.729  1.00 22.17 ? 113 ALA A CA  1 
ATOM 809  C C   . ALA A 1 113 ? 3.820   -1.824  -1.638  1.00 20.84 ? 113 ALA A C   1 
ATOM 810  O O   . ALA A 1 113 ? 3.705   -1.981  -2.856  1.00 20.20 ? 113 ALA A O   1 
ATOM 811  C CB  . ALA A 1 113 ? 3.534   -3.531  0.183   1.00 15.92 ? 113 ALA A CB  1 
ATOM 812  N N   . VAL A 1 114 ? 3.385   -0.725  -1.025  1.00 20.09 ? 114 VAL A N   1 
ATOM 813  C CA  . VAL A 1 114 ? 2.687   0.323   -1.715  1.00 21.11 ? 114 VAL A CA  1 
ATOM 814  C C   . VAL A 1 114 ? 3.682   0.958   -2.693  1.00 22.96 ? 114 VAL A C   1 
ATOM 815  O O   . VAL A 1 114 ? 3.405   1.027   -3.894  1.00 27.44 ? 114 VAL A O   1 
ATOM 816  C CB  . VAL A 1 114 ? 2.183   1.362   -0.718  1.00 17.54 ? 114 VAL A CB  1 
ATOM 817  C CG1 . VAL A 1 114 ? 1.318   2.323   -1.474  1.00 20.02 ? 114 VAL A CG1 1 
ATOM 818  C CG2 . VAL A 1 114 ? 1.357   0.765   0.378   1.00 15.95 ? 114 VAL A CG2 1 
ATOM 819  N N   . LEU A 1 115 ? 4.879   1.387   -2.277  1.00 23.72 ? 115 LEU A N   1 
ATOM 820  C CA  . LEU A 1 115 ? 5.842   2.052   -3.156  1.00 21.82 ? 115 LEU A CA  1 
ATOM 821  C C   . LEU A 1 115 ? 6.278   1.209   -4.361  1.00 21.70 ? 115 LEU A C   1 
ATOM 822  O O   . LEU A 1 115 ? 6.238   1.662   -5.515  1.00 22.45 ? 115 LEU A O   1 
ATOM 823  C CB  . LEU A 1 115 ? 7.018   2.460   -2.286  1.00 19.35 ? 115 LEU A CB  1 
ATOM 824  C CG  . LEU A 1 115 ? 7.081   3.842   -1.598  1.00 22.86 ? 115 LEU A CG  1 
ATOM 825  C CD1 . LEU A 1 115 ? 5.800   4.616   -1.616  1.00 15.71 ? 115 LEU A CD1 1 
ATOM 826  C CD2 . LEU A 1 115 ? 7.532   3.582   -0.189  1.00 19.49 ? 115 LEU A CD2 1 
ATOM 827  N N   . GLU A 1 116 ? 6.605   -0.048  -4.141  1.00 21.86 ? 116 GLU A N   1 
ATOM 828  C CA  . GLU A 1 116 ? 6.963   -0.948  -5.207  1.00 21.54 ? 116 GLU A CA  1 
ATOM 829  C C   . GLU A 1 116 ? 5.805   -1.140  -6.158  1.00 24.99 ? 116 GLU A C   1 
ATOM 830  O O   . GLU A 1 116 ? 6.026   -1.026  -7.371  1.00 26.74 ? 116 GLU A O   1 
ATOM 831  C CB  . GLU A 1 116 ? 7.324   -2.307  -4.699  1.00 20.35 ? 116 GLU A CB  1 
ATOM 832  C CG  . GLU A 1 116 ? 8.577   -2.309  -3.870  1.00 20.10 ? 116 GLU A CG  1 
ATOM 833  C CD  . GLU A 1 116 ? 9.041   -3.681  -3.429  1.00 22.83 ? 116 GLU A CD  1 
ATOM 834  O OE1 . GLU A 1 116 ? 8.244   -4.612  -3.322  1.00 23.56 ? 116 GLU A OE1 1 
ATOM 835  O OE2 . GLU A 1 116 ? 10.231  -3.803  -3.167  1.00 24.29 ? 116 GLU A OE2 1 
ATOM 836  N N   . LEU A 1 117 ? 4.563   -1.379  -5.713  1.00 24.35 ? 117 LEU A N   1 
ATOM 837  C CA  . LEU A 1 117 ? 3.507   -1.596  -6.688  1.00 21.99 ? 117 LEU A CA  1 
ATOM 838  C C   . LEU A 1 117 ? 3.177   -0.356  -7.452  1.00 20.57 ? 117 LEU A C   1 
ATOM 839  O O   . LEU A 1 117 ? 2.703   -0.440  -8.568  1.00 26.94 ? 117 LEU A O   1 
ATOM 840  C CB  . LEU A 1 117 ? 2.274   -2.121  -6.004  1.00 22.88 ? 117 LEU A CB  1 
ATOM 841  C CG  . LEU A 1 117 ? 2.395   -3.578  -5.534  1.00 26.65 ? 117 LEU A CG  1 
ATOM 842  C CD1 . LEU A 1 117 ? 1.077   -4.072  -5.016  1.00 27.89 ? 117 LEU A CD1 1 
ATOM 843  C CD2 . LEU A 1 117 ? 2.739   -4.481  -6.691  1.00 26.23 ? 117 LEU A CD2 1 
ATOM 844  N N   . ALA A 1 118 ? 3.434   0.830   -6.952  1.00 23.04 ? 118 ALA A N   1 
ATOM 845  C CA  . ALA A 1 118 ? 3.230   2.055   -7.718  1.00 20.93 ? 118 ALA A CA  1 
ATOM 846  C C   . ALA A 1 118 ? 4.317   2.094   -8.774  1.00 20.20 ? 118 ALA A C   1 
ATOM 847  O O   . ALA A 1 118 ? 4.075   2.696   -9.810  1.00 19.56 ? 118 ALA A O   1 
ATOM 848  C CB  . ALA A 1 118 ? 3.375   3.340   -6.843  1.00 17.27 ? 118 ALA A CB  1 
ATOM 849  N N   . GLY A 1 119 ? 5.484   1.472   -8.604  1.00 19.23 ? 119 GLY A N   1 
ATOM 850  C CA  . GLY A 1 119 ? 6.552   1.563   -9.581  1.00 19.89 ? 119 GLY A CA  1 
ATOM 851  C C   . GLY A 1 119 ? 7.690   2.453   -9.118  1.00 24.23 ? 119 GLY A C   1 
ATOM 852  O O   . GLY A 1 119 ? 8.492   2.887   -9.954  1.00 29.66 ? 119 GLY A O   1 
ATOM 853  N N   . ILE A 1 120 ? 7.861   2.737   -7.821  1.00 22.31 ? 120 ILE A N   1 
ATOM 854  C CA  . ILE A 1 120 ? 8.933   3.612   -7.373  1.00 20.98 ? 120 ILE A CA  1 
ATOM 855  C C   . ILE A 1 120 ? 10.059  2.687   -7.007  1.00 21.56 ? 120 ILE A C   1 
ATOM 856  O O   . ILE A 1 120 ? 9.770   1.631   -6.466  1.00 21.00 ? 120 ILE A O   1 
ATOM 857  C CB  . ILE A 1 120 ? 8.461   4.430   -6.144  1.00 21.75 ? 120 ILE A CB  1 
ATOM 858  C CG1 . ILE A 1 120 ? 7.390   5.374   -6.644  1.00 19.30 ? 120 ILE A CG1 1 
ATOM 859  C CG2 . ILE A 1 120 ? 9.601   5.133   -5.433  1.00 11.13 ? 120 ILE A CG2 1 
ATOM 860  C CD1 . ILE A 1 120 ? 6.393   5.734   -5.544  1.00 23.34 ? 120 ILE A CD1 1 
ATOM 861  N N   . SER A 1 121 ? 11.318  3.008   -7.283  1.00 21.30 ? 121 SER A N   1 
ATOM 862  C CA  . SER A 1 121 ? 12.396  2.138   -6.888  1.00 21.13 ? 121 SER A CA  1 
ATOM 863  C C   . SER A 1 121 ? 13.435  2.830   -6.030  1.00 21.15 ? 121 SER A C   1 
ATOM 864  O O   . SER A 1 121 ? 14.229  2.149   -5.376  1.00 22.52 ? 121 SER A O   1 
ATOM 865  C CB  . SER A 1 121 ? 13.056  1.538   -8.148  1.00 23.40 ? 121 SER A CB  1 
ATOM 866  O OG  . SER A 1 121 ? 12.128  0.904   -9.035  1.00 30.12 ? 121 SER A OG  1 
ATOM 867  N N   . ASP A 1 122 ? 13.534  4.153   -5.971  1.00 19.54 ? 122 ASP A N   1 
ATOM 868  C CA  . ASP A 1 122 ? 14.505  4.777   -5.103  1.00 19.07 ? 122 ASP A CA  1 
ATOM 869  C C   . ASP A 1 122 ? 13.716  5.811   -4.365  1.00 22.46 ? 122 ASP A C   1 
ATOM 870  O O   . ASP A 1 122 ? 13.084  6.632   -5.026  1.00 25.21 ? 122 ASP A O   1 
ATOM 871  C CB  . ASP A 1 122 ? 15.579  5.417   -5.934  1.00 18.79 ? 122 ASP A CB  1 
ATOM 872  C CG  . ASP A 1 122 ? 16.360  4.375   -6.731  1.00 25.08 ? 122 ASP A CG  1 
ATOM 873  O OD1 . ASP A 1 122 ? 17.048  3.553   -6.134  1.00 26.86 ? 122 ASP A OD1 1 
ATOM 874  O OD2 . ASP A 1 122 ? 16.285  4.365   -7.956  1.00 27.37 ? 122 ASP A OD2 1 
ATOM 875  N N   . ILE A 1 123 ? 13.613  5.790   -3.037  1.00 27.55 ? 123 ILE A N   1 
ATOM 876  C CA  . ILE A 1 123 ? 12.891  6.800   -2.252  1.00 29.50 ? 123 ILE A CA  1 
ATOM 877  C C   . ILE A 1 123 ? 13.310  6.644   -0.798  1.00 32.01 ? 123 ILE A C   1 
ATOM 878  O O   . ILE A 1 123 ? 13.656  5.550   -0.342  1.00 33.59 ? 123 ILE A O   1 
ATOM 879  C CB  . ILE A 1 123 ? 11.357  6.612   -2.391  1.00 25.48 ? 123 ILE A CB  1 
ATOM 880  C CG1 . ILE A 1 123 ? 10.591  7.779   -1.831  1.00 26.75 ? 123 ILE A CG1 1 
ATOM 881  C CG2 . ILE A 1 123 ? 10.941  5.369   -1.648  1.00 26.49 ? 123 ILE A CG2 1 
ATOM 882  C CD1 . ILE A 1 123 ? 9.120   7.674   -2.300  1.00 24.22 ? 123 ILE A CD1 1 
ATOM 883  N N   . LEU A 1 124 ? 13.332  7.744   -0.075  1.00 36.29 ? 124 LEU A N   1 
ATOM 884  C CA  . LEU A 1 124 ? 13.591  7.723   1.356   1.00 38.91 ? 124 LEU A CA  1 
ATOM 885  C C   . LEU A 1 124 ? 12.303  8.061   2.101   1.00 39.51 ? 124 LEU A C   1 
ATOM 886  O O   . LEU A 1 124 ? 11.612  9.054   1.764   1.00 37.31 ? 124 LEU A O   1 
ATOM 887  C CB  . LEU A 1 124 ? 14.656  8.734   1.652   1.00 41.80 ? 124 LEU A CB  1 
ATOM 888  C CG  . LEU A 1 124 ? 15.990  8.117   1.388   1.00 46.68 ? 124 LEU A CG  1 
ATOM 889  C CD1 . LEU A 1 124 ? 16.937  9.149   0.781   1.00 46.29 ? 124 LEU A CD1 1 
ATOM 890  C CD2 . LEU A 1 124 ? 16.412  7.428   2.684   1.00 47.05 ? 124 LEU A CD2 1 
ATOM 891  N N   . SER A 1 125 ? 11.955  7.246   3.098   1.00 36.34 ? 125 SER A N   1 
ATOM 892  C CA  . SER A 1 125 ? 10.725  7.511   3.809   1.00 35.07 ? 125 SER A CA  1 
ATOM 893  C C   . SER A 1 125 ? 10.998  7.568   5.287   1.00 34.75 ? 125 SER A C   1 
ATOM 894  O O   . SER A 1 125 ? 11.889  6.836   5.712   1.00 38.16 ? 125 SER A O   1 
ATOM 895  C CB  . SER A 1 125 ? 9.785   6.419   3.475   1.00 36.37 ? 125 SER A CB  1 
ATOM 896  O OG  . SER A 1 125 ? 10.305  5.197   3.964   1.00 35.83 ? 125 SER A OG  1 
ATOM 897  N N   . LYS A 1 126 ? 10.343  8.361   6.121   1.00 32.99 ? 126 LYS A N   1 
ATOM 898  C CA  . LYS A 1 126 ? 10.636  8.342   7.531   1.00 32.02 ? 126 LYS A CA  1 
ATOM 899  C C   . LYS A 1 126 ? 9.287   8.229   8.206   1.00 28.28 ? 126 LYS A C   1 
ATOM 900  O O   . LYS A 1 126 ? 8.461   9.094   7.993   1.00 25.25 ? 126 LYS A O   1 
ATOM 901  C CB  . LYS A 1 126 ? 11.323  9.621   7.919   1.00 35.30 ? 126 LYS A CB  1 
ATOM 902  C CG  . LYS A 1 126 ? 12.031  9.533   9.244   1.00 43.15 ? 126 LYS A CG  1 
ATOM 903  C CD  . LYS A 1 126 ? 11.968  10.930  9.875   1.00 53.82 ? 126 LYS A CD  1 
ATOM 904  C CE  . LYS A 1 126 ? 12.706  11.051  11.233  1.00 61.34 ? 126 LYS A CE  1 
ATOM 905  N NZ  . LYS A 1 126 ? 12.309  10.073  12.245  1.00 64.86 ? 126 LYS A NZ  1 
ATOM 906  N N   . SER A 1 127 ? 9.026   7.145   8.930   1.00 30.67 ? 127 SER A N   1 
ATOM 907  C CA  . SER A 1 127 ? 7.798   6.927   9.676   1.00 31.25 ? 127 SER A CA  1 
ATOM 908  C C   . SER A 1 127 ? 7.837   7.747   10.957  1.00 31.94 ? 127 SER A C   1 
ATOM 909  O O   . SER A 1 127 ? 8.778   7.744   11.756  1.00 33.10 ? 127 SER A O   1 
ATOM 910  C CB  . SER A 1 127 ? 7.640   5.461   10.045  1.00 31.50 ? 127 SER A CB  1 
ATOM 911  O OG  . SER A 1 127 ? 6.272   5.164   10.310  1.00 32.48 ? 127 SER A OG  1 
ATOM 912  N N   . ILE A 1 128 ? 6.768   8.485   11.125  1.00 32.15 ? 128 ILE A N   1 
ATOM 913  C CA  . ILE A 1 128 ? 6.612   9.414   12.223  1.00 36.81 ? 128 ILE A CA  1 
ATOM 914  C C   . ILE A 1 128 ? 5.382   9.039   13.087  1.00 37.83 ? 128 ILE A C   1 
ATOM 915  O O   . ILE A 1 128 ? 4.977   9.808   13.960  1.00 44.23 ? 128 ILE A O   1 
ATOM 916  C CB  . ILE A 1 128 ? 6.601   10.794  11.428  1.00 38.04 ? 128 ILE A CB  1 
ATOM 917  C CG1 . ILE A 1 128 ? 8.043   11.089  11.120  1.00 40.85 ? 128 ILE A CG1 1 
ATOM 918  C CG2 . ILE A 1 128 ? 6.044   11.987  12.136  1.00 37.62 ? 128 ILE A CG2 1 
ATOM 919  C CD1 . ILE A 1 128 ? 9.022   10.886  12.301  1.00 42.81 ? 128 ILE A CD1 1 
ATOM 920  N N   . GLY A 1 129 ? 4.759   7.867   12.927  1.00 35.47 ? 129 GLY A N   1 
ATOM 921  C CA  . GLY A 1 129 ? 3.545   7.511   13.637  1.00 34.13 ? 129 GLY A CA  1 
ATOM 922  C C   . GLY A 1 129 ? 3.404   5.997   13.845  1.00 34.07 ? 129 GLY A C   1 
ATOM 923  O O   . GLY A 1 129 ? 4.387   5.257   14.018  1.00 34.97 ? 129 GLY A O   1 
ATOM 924  N N   . SER A 1 130 ? 2.169   5.506   13.895  1.00 31.14 ? 130 SER A N   1 
ATOM 925  C CA  . SER A 1 130 ? 1.944   4.079   13.990  1.00 31.26 ? 130 SER A CA  1 
ATOM 926  C C   . SER A 1 130 ? 2.635   3.295   12.871  1.00 31.90 ? 130 SER A C   1 
ATOM 927  O O   . SER A 1 130 ? 2.487   3.629   11.688  1.00 33.67 ? 130 SER A O   1 
ATOM 928  C CB  . SER A 1 130 ? 0.455   3.806   13.933  1.00 27.57 ? 130 SER A CB  1 
ATOM 929  O OG  . SER A 1 130 ? 0.161   2.491   14.394  1.00 25.03 ? 130 SER A OG  1 
ATOM 930  N N   . ASN A 1 131 ? 3.386   2.267   13.241  1.00 28.65 ? 131 ASN A N   1 
ATOM 931  C CA  . ASN A 1 131 ? 3.950   1.384   12.258  1.00 28.11 ? 131 ASN A CA  1 
ATOM 932  C C   . ASN A 1 131 ? 3.083   0.154   11.985  1.00 28.65 ? 131 ASN A C   1 
ATOM 933  O O   . ASN A 1 131 ? 3.574   -0.798  11.368  1.00 30.76 ? 131 ASN A O   1 
ATOM 934  C CB  . ASN A 1 131 ? 5.319   0.962   12.713  1.00 28.76 ? 131 ASN A CB  1 
ATOM 935  C CG  . ASN A 1 131 ? 6.323   2.101   12.772  1.00 35.76 ? 131 ASN A CG  1 
ATOM 936  O OD1 . ASN A 1 131 ? 6.284   3.141   12.115  1.00 35.31 ? 131 ASN A OD1 1 
ATOM 937  N ND2 . ASN A 1 131 ? 7.294   1.950   13.637  1.00 40.04 ? 131 ASN A ND2 1 
ATOM 938  N N   . THR A 1 132 ? 1.808   0.033   12.394  1.00 25.57 ? 132 THR A N   1 
ATOM 939  C CA  . THR A 1 132 ? 1.085   -1.166  12.043  1.00 23.55 ? 132 THR A CA  1 
ATOM 940  C C   . THR A 1 132 ? 0.762   -1.069  10.558  1.00 23.59 ? 132 THR A C   1 
ATOM 941  O O   . THR A 1 132 ? 0.705   0.051   10.033  1.00 23.68 ? 132 THR A O   1 
ATOM 942  C CB  . THR A 1 132 ? -0.239  -1.320  12.822  1.00 24.35 ? 132 THR A CB  1 
ATOM 943  O OG1 . THR A 1 132 ? -1.040  -0.190  12.567  1.00 25.61 ? 132 THR A OG1 1 
ATOM 944  C CG2 . THR A 1 132 ? -0.007  -1.504  14.289  1.00 25.81 ? 132 THR A CG2 1 
ATOM 945  N N   . PRO A 1 133 ? 0.468   -2.174  9.836   1.00 24.67 ? 133 PRO A N   1 
ATOM 946  C CA  . PRO A 1 133 ? 0.254   -2.191  8.406   1.00 21.65 ? 133 PRO A CA  1 
ATOM 947  C C   . PRO A 1 133 ? -0.838  -1.265  7.929   1.00 21.45 ? 133 PRO A C   1 
ATOM 948  O O   . PRO A 1 133 ? -0.552  -0.476  7.025   1.00 23.99 ? 133 PRO A O   1 
ATOM 949  C CB  . PRO A 1 133 ? 0.003   -3.678  8.127   1.00 23.81 ? 133 PRO A CB  1 
ATOM 950  C CG  . PRO A 1 133 ? 0.827   -4.443  9.135   1.00 14.98 ? 133 PRO A CG  1 
ATOM 951  C CD  . PRO A 1 133 ? 0.436   -3.568  10.318  1.00 21.33 ? 133 PRO A CD  1 
ATOM 952  N N   . ILE A 1 134 ? -2.045  -1.289  8.527   1.00 19.03 ? 134 ILE A N   1 
ATOM 953  C CA  . ILE A 1 134 ? -3.180  -0.467  8.067   1.00 20.18 ? 134 ILE A CA  1 
ATOM 954  C C   . ILE A 1 134 ? -2.719  0.988   8.156   1.00 23.87 ? 134 ILE A C   1 
ATOM 955  O O   . ILE A 1 134 ? -2.909  1.734   7.204   1.00 24.97 ? 134 ILE A O   1 
ATOM 956  C CB  . ILE A 1 134 ? -4.490  -0.431  8.913   1.00 20.21 ? 134 ILE A CB  1 
ATOM 957  C CG1 . ILE A 1 134 ? -4.398  -1.421  10.069  1.00 29.94 ? 134 ILE A CG1 1 
ATOM 958  C CG2 . ILE A 1 134 ? -5.685  -0.506  7.939   1.00 14.39 ? 134 ILE A CG2 1 
ATOM 959  C CD1 . ILE A 1 134 ? -4.160  -3.019  9.865   1.00 37.83 ? 134 ILE A CD1 1 
ATOM 960  N N   . ASN A 1 135 ? -2.044  1.426   9.238   1.00 25.14 ? 135 ASN A N   1 
ATOM 961  C CA  . ASN A 1 135 ? -1.659  2.822   9.357   1.00 25.37 ? 135 ASN A CA  1 
ATOM 962  C C   . ASN A 1 135 ? -0.594  3.206   8.354   1.00 27.56 ? 135 ASN A C   1 
ATOM 963  O O   . ASN A 1 135 ? -0.766  4.238   7.686   1.00 28.55 ? 135 ASN A O   1 
ATOM 964  C CB  . ASN A 1 135 ? -1.195  3.083   10.771  1.00 21.13 ? 135 ASN A CB  1 
ATOM 965  C CG  . ASN A 1 135 ? -2.424  3.016   11.690  1.00 30.20 ? 135 ASN A CG  1 
ATOM 966  O OD1 . ASN A 1 135 ? -3.483  3.563   11.400  1.00 29.98 ? 135 ASN A OD1 1 
ATOM 967  N ND2 . ASN A 1 135 ? -2.456  2.338   12.833  1.00 35.69 ? 135 ASN A ND2 1 
ATOM 968  N N   . MET A 1 136 ? 0.475   2.391   8.166   1.00 26.59 ? 136 MET A N   1 
ATOM 969  C CA  . MET A 1 136 ? 1.530   2.688   7.209   1.00 24.53 ? 136 MET A CA  1 
ATOM 970  C C   . MET A 1 136 ? 0.976   2.785   5.822   1.00 23.88 ? 136 MET A C   1 
ATOM 971  O O   . MET A 1 136 ? 1.296   3.736   5.115   1.00 25.18 ? 136 MET A O   1 
ATOM 972  C CB  . MET A 1 136 ? 2.596   1.630   7.155   1.00 24.23 ? 136 MET A CB  1 
ATOM 973  C CG  . MET A 1 136 ? 3.468   1.804   8.364   1.00 32.46 ? 136 MET A CG  1 
ATOM 974  S SD  . MET A 1 136 ? 5.058   0.924   8.439   1.00 39.96 ? 136 MET A SD  1 
ATOM 975  C CE  . MET A 1 136 ? 5.951   2.172   7.548   1.00 29.63 ? 136 MET A CE  1 
ATOM 976  N N   . VAL A 1 137 ? 0.108   1.863   5.431   1.00 22.50 ? 137 VAL A N   1 
ATOM 977  C CA  . VAL A 1 137 ? -0.441  1.828   4.093   1.00 21.91 ? 137 VAL A CA  1 
ATOM 978  C C   . VAL A 1 137 ? -1.321  3.037   3.734   1.00 23.71 ? 137 VAL A C   1 
ATOM 979  O O   . VAL A 1 137 ? -1.203  3.667   2.664   1.00 23.21 ? 137 VAL A O   1 
ATOM 980  C CB  . VAL A 1 137 ? -1.180  0.457   4.005   1.00 19.94 ? 137 VAL A CB  1 
ATOM 981  C CG1 . VAL A 1 137 ? -2.072  0.370   2.802   1.00 16.12 ? 137 VAL A CG1 1 
ATOM 982  C CG2 . VAL A 1 137 ? -0.180  -0.629  3.799   1.00 14.09 ? 137 VAL A CG2 1 
ATOM 983  N N   . ARG A 1 138 ? -2.243  3.356   4.634   1.00 22.40 ? 138 ARG A N   1 
ATOM 984  C CA  . ARG A 1 138 ? -3.137  4.465   4.438   1.00 21.66 ? 138 ARG A CA  1 
ATOM 985  C C   . ARG A 1 138 ? -2.396  5.821   4.518   1.00 21.89 ? 138 ARG A C   1 
ATOM 986  O O   . ARG A 1 138 ? -2.741  6.771   3.793   1.00 22.07 ? 138 ARG A O   1 
ATOM 987  C CB  . ARG A 1 138 ? -4.235  4.370   5.484   1.00 22.33 ? 138 ARG A CB  1 
ATOM 988  C CG  . ARG A 1 138 ? -5.196  3.222   5.317   1.00 22.84 ? 138 ARG A CG  1 
ATOM 989  C CD  . ARG A 1 138 ? -6.548  3.770   5.764   1.00 25.02 ? 138 ARG A CD  1 
ATOM 990  N NE  . ARG A 1 138 ? -7.185  3.256   6.988   1.00 29.18 ? 138 ARG A NE  1 
ATOM 991  C CZ  . ARG A 1 138 ? -6.803  3.535   8.268   1.00 32.30 ? 138 ARG A CZ  1 
ATOM 992  N NH1 . ARG A 1 138 ? -5.755  4.308   8.674   1.00 33.61 ? 138 ARG A NH1 1 
ATOM 993  N NH2 . ARG A 1 138 ? -7.621  3.132   9.225   1.00 34.16 ? 138 ARG A NH2 1 
ATOM 994  N N   . ALA A 1 139 ? -1.363  5.969   5.340   1.00 18.33 ? 139 ALA A N   1 
ATOM 995  C CA  . ALA A 1 139 ? -0.616  7.196   5.341   1.00 19.56 ? 139 ALA A CA  1 
ATOM 996  C C   . ALA A 1 139 ? 0.276   7.308   4.118   1.00 22.31 ? 139 ALA A C   1 
ATOM 997  O O   . ALA A 1 139 ? 0.360   8.412   3.582   1.00 25.50 ? 139 ALA A O   1 
ATOM 998  C CB  . ALA A 1 139 ? 0.268   7.274   6.552   1.00 21.38 ? 139 ALA A CB  1 
ATOM 999  N N   . THR A 1 140 ? 0.963   6.246   3.644   1.00 23.20 ? 140 THR A N   1 
ATOM 1000 C CA  . THR A 1 140 ? 1.829   6.268   2.463   1.00 21.92 ? 140 THR A CA  1 
ATOM 1001 C C   . THR A 1 140 ? 0.947   6.669   1.306   1.00 21.23 ? 140 THR A C   1 
ATOM 1002 O O   . THR A 1 140 ? 1.286   7.572   0.548   1.00 22.14 ? 140 THR A O   1 
ATOM 1003 C CB  . THR A 1 140 ? 2.458   4.864   2.182   1.00 22.90 ? 140 THR A CB  1 
ATOM 1004 O OG1 . THR A 1 140 ? 3.309   4.563   3.281   1.00 20.31 ? 140 THR A OG1 1 
ATOM 1005 C CG2 . THR A 1 140 ? 3.266   4.797   0.872   1.00 19.35 ? 140 THR A CG2 1 
ATOM 1006 N N   . PHE A 1 141 ? -0.212  6.037   1.186   1.00 21.50 ? 141 PHE A N   1 
ATOM 1007 C CA  . PHE A 1 141 ? -1.200  6.413   0.202   1.00 25.15 ? 141 PHE A CA  1 
ATOM 1008 C C   . PHE A 1 141 ? -1.499  7.913   0.146   1.00 28.50 ? 141 PHE A C   1 
ATOM 1009 O O   . PHE A 1 141 ? -1.419  8.566   -0.897  1.00 31.99 ? 141 PHE A O   1 
ATOM 1010 C CB  . PHE A 1 141 ? -2.468  5.674   0.508   1.00 27.09 ? 141 PHE A CB  1 
ATOM 1011 C CG  . PHE A 1 141 ? -2.844  4.929   -0.722  1.00 32.67 ? 141 PHE A CG  1 
ATOM 1012 C CD1 . PHE A 1 141 ? -2.191  3.729   -0.992  1.00 36.24 ? 141 PHE A CD1 1 
ATOM 1013 C CD2 . PHE A 1 141 ? -3.750  5.504   -1.588  1.00 34.05 ? 141 PHE A CD2 1 
ATOM 1014 C CE1 . PHE A 1 141 ? -2.435  3.087   -2.177  1.00 34.29 ? 141 PHE A CE1 1 
ATOM 1015 C CE2 . PHE A 1 141 ? -3.991  4.850   -2.773  1.00 37.28 ? 141 PHE A CE2 1 
ATOM 1016 C CZ  . PHE A 1 141 ? -3.330  3.661   -3.055  1.00 38.43 ? 141 PHE A CZ  1 
ATOM 1017 N N   . ASP A 1 142 ? -1.833  8.469   1.305   1.00 29.50 ? 142 ASP A N   1 
ATOM 1018 C CA  . ASP A 1 142 ? -2.142  9.864   1.484   1.00 26.73 ? 142 ASP A CA  1 
ATOM 1019 C C   . ASP A 1 142 ? -1.049  10.748  0.948   1.00 25.40 ? 142 ASP A C   1 
ATOM 1020 O O   . ASP A 1 142 ? -1.349  11.766  0.336   1.00 27.13 ? 142 ASP A O   1 
ATOM 1021 C CB  . ASP A 1 142 ? -2.325  10.156  2.945   1.00 27.95 ? 142 ASP A CB  1 
ATOM 1022 C CG  . ASP A 1 142 ? -2.871  11.550  3.098   1.00 32.15 ? 142 ASP A CG  1 
ATOM 1023 O OD1 . ASP A 1 142 ? -4.038  11.704  2.751   1.00 34.25 ? 142 ASP A OD1 1 
ATOM 1024 O OD2 . ASP A 1 142 ? -2.135  12.458  3.507   1.00 31.72 ? 142 ASP A OD2 1 
ATOM 1025 N N   . GLY A 1 143 ? 0.206   10.382  1.210   1.00 27.52 ? 143 GLY A N   1 
ATOM 1026 C CA  . GLY A 1 143 ? 1.384   11.066  0.696   1.00 24.45 ? 143 GLY A CA  1 
ATOM 1027 C C   . GLY A 1 143 ? 1.461   11.024  -0.825  1.00 24.63 ? 143 GLY A C   1 
ATOM 1028 O O   . GLY A 1 143 ? 1.711   12.046  -1.489  1.00 23.68 ? 143 GLY A O   1 
ATOM 1029 N N   . LEU A 1 144 ? 1.217   9.834   -1.373  1.00 23.38 ? 144 LEU A N   1 
ATOM 1030 C CA  . LEU A 1 144 ? 1.266   9.632   -2.802  1.00 24.32 ? 144 LEU A CA  1 
ATOM 1031 C C   . LEU A 1 144 ? 0.220   10.506  -3.492  1.00 28.34 ? 144 LEU A C   1 
ATOM 1032 O O   . LEU A 1 144 ? 0.506   11.192  -4.483  1.00 31.96 ? 144 LEU A O   1 
ATOM 1033 C CB  . LEU A 1 144 ? 1.030   8.150   -3.138  1.00 21.24 ? 144 LEU A CB  1 
ATOM 1034 C CG  . LEU A 1 144 ? 2.161   7.183   -2.834  1.00 21.29 ? 144 LEU A CG  1 
ATOM 1035 C CD1 . LEU A 1 144 ? 1.880   5.789   -3.379  1.00 19.72 ? 144 LEU A CD1 1 
ATOM 1036 C CD2 . LEU A 1 144 ? 3.404   7.657   -3.515  1.00 22.38 ? 144 LEU A CD2 1 
ATOM 1037 N N   . LYS A 1 145 ? -0.991  10.569  -2.945  1.00 30.42 ? 145 LYS A N   1 
ATOM 1038 C CA  . LYS A 1 145 ? -2.055  11.407  -3.471  1.00 30.80 ? 145 LYS A CA  1 
ATOM 1039 C C   . LYS A 1 145 ? -1.779  12.900  -3.470  1.00 32.82 ? 145 LYS A C   1 
ATOM 1040 O O   . LYS A 1 145 ? -2.443  13.649  -4.201  1.00 30.88 ? 145 LYS A O   1 
ATOM 1041 C CB  . LYS A 1 145 ? -3.310  11.160  -2.693  1.00 31.58 ? 145 LYS A CB  1 
ATOM 1042 C CG  . LYS A 1 145 ? -4.006  10.012  -3.324  1.00 34.41 ? 145 LYS A CG  1 
ATOM 1043 C CD  . LYS A 1 145 ? -5.003  9.554   -2.322  1.00 41.40 ? 145 LYS A CD  1 
ATOM 1044 C CE  . LYS A 1 145 ? -6.265  10.386  -2.303  1.00 47.31 ? 145 LYS A CE  1 
ATOM 1045 N NZ  . LYS A 1 145 ? -7.254  9.706   -1.455  1.00 51.33 ? 145 LYS A NZ  1 
ATOM 1046 N N   . GLN A 1 146 ? -0.840  13.349  -2.631  1.00 31.36 ? 146 GLN A N   1 
ATOM 1047 C CA  . GLN A 1 146 ? -0.507  14.735  -2.649  1.00 31.76 ? 146 GLN A CA  1 
ATOM 1048 C C   . GLN A 1 146 ? 0.515   15.060  -3.701  1.00 32.77 ? 146 GLN A C   1 
ATOM 1049 O O   . GLN A 1 146 ? 0.672   16.238  -3.981  1.00 36.30 ? 146 GLN A O   1 
ATOM 1050 C CB  . GLN A 1 146 ? 0.044   15.167  -1.354  1.00 32.34 ? 146 GLN A CB  1 
ATOM 1051 C CG  . GLN A 1 146 ? -0.973  15.349  -0.262  1.00 35.54 ? 146 GLN A CG  1 
ATOM 1052 C CD  . GLN A 1 146 ? -0.177  15.564  1.004   1.00 38.76 ? 146 GLN A CD  1 
ATOM 1053 O OE1 . GLN A 1 146 ? 0.594   16.521  1.115   1.00 43.50 ? 146 GLN A OE1 1 
ATOM 1054 N NE2 . GLN A 1 146 ? -0.246  14.653  1.969   1.00 39.26 ? 146 GLN A NE2 1 
ATOM 1055 N N   . LEU A 1 147 ? 1.284   14.166  -4.309  1.00 36.16 ? 147 LEU A N   1 
ATOM 1056 C CA  . LEU A 1 147 ? 2.281   14.555  -5.313  1.00 37.25 ? 147 LEU A CA  1 
ATOM 1057 C C   . LEU A 1 147 ? 1.660   15.274  -6.525  1.00 39.59 ? 147 LEU A C   1 
ATOM 1058 O O   . LEU A 1 147 ? 0.546   14.986  -6.962  1.00 41.57 ? 147 LEU A O   1 
ATOM 1059 C CB  . LEU A 1 147 ? 3.013   13.298  -5.767  1.00 34.64 ? 147 LEU A CB  1 
ATOM 1060 C CG  . LEU A 1 147 ? 4.392   12.792  -5.302  1.00 35.53 ? 147 LEU A CG  1 
ATOM 1061 C CD1 . LEU A 1 147 ? 5.051   13.617  -4.216  1.00 31.03 ? 147 LEU A CD1 1 
ATOM 1062 C CD2 . LEU A 1 147 ? 4.148   11.356  -4.872  1.00 35.37 ? 147 LEU A CD2 1 
ATOM 1063 N N   . LYS A 1 148 ? 2.391   16.203  -7.122  1.00 42.69 ? 148 LYS A N   1 
ATOM 1064 C CA  . LYS A 1 148 ? 1.918   16.991  -8.263  1.00 45.78 ? 148 LYS A CA  1 
ATOM 1065 C C   . LYS A 1 148 ? 2.917   16.738  -9.396  1.00 45.29 ? 148 LYS A C   1 
ATOM 1066 O O   . LYS A 1 148 ? 4.112   16.631  -9.067  1.00 46.44 ? 148 LYS A O   1 
ATOM 1067 C CB  . LYS A 1 148 ? 1.907   18.507  -7.962  1.00 47.39 ? 148 LYS A CB  1 
ATOM 1068 C CG  . LYS A 1 148 ? 0.933   19.131  -6.964  1.00 52.94 ? 148 LYS A CG  1 
ATOM 1069 C CD  . LYS A 1 148 ? -0.519  19.248  -7.479  1.00 58.26 ? 148 LYS A CD  1 
ATOM 1070 C CE  . LYS A 1 148 ? -1.377  17.954  -7.449  1.00 65.17 ? 148 LYS A CE  1 
ATOM 1071 N NZ  . LYS A 1 148 ? -1.696  17.476  -6.101  1.00 64.87 ? 148 LYS A NZ  1 
# 
